data_6GWM
#
_entry.id   6GWM
#
_entity_poly.entity_id   1
_entity_poly.type   'polypeptide(L)'
_entity_poly.pdbx_seq_one_letter_code
;MHHHHHHGSGSGLVPRGSGIAQQWIQSKREAIVSQMTEACLNQSLDALLSRDLIMKEDYELISTKPTRTAKVRQLLDTSD
IQGEEFARVIVQKLKDNKQMGLQPYPEVLLVSRTPSSNVLQNKTL
;
_entity_poly.pdbx_strand_id   A
#
# COMPACT_ATOMS: atom_id res chain seq x y z
N MET A 1 32.82 -11.77 34.38
CA MET A 1 32.47 -10.60 33.59
C MET A 1 31.40 -10.93 32.56
N HIS A 2 30.69 -9.91 32.09
CA HIS A 2 29.63 -10.10 31.10
C HIS A 2 29.66 -8.98 30.06
N HIS A 3 28.86 -9.14 29.01
CA HIS A 3 28.79 -8.14 27.94
C HIS A 3 27.55 -8.35 27.09
N HIS A 4 27.27 -7.39 26.21
CA HIS A 4 26.12 -7.47 25.32
C HIS A 4 26.43 -6.89 23.96
N HIS A 5 25.52 -7.07 23.00
CA HIS A 5 25.70 -6.55 21.65
C HIS A 5 24.36 -6.32 20.98
N HIS A 6 24.40 -5.79 19.76
CA HIS A 6 23.19 -5.52 19.00
C HIS A 6 23.42 -5.73 17.50
N HIS A 7 22.34 -5.74 16.73
CA HIS A 7 22.43 -5.92 15.29
C HIS A 7 21.19 -5.37 14.59
N GLY A 8 21.37 -4.93 13.35
CA GLY A 8 20.26 -4.38 12.59
C GLY A 8 19.82 -5.29 11.46
N SER A 9 18.55 -5.68 11.48
CA SER A 9 18.01 -6.56 10.44
C SER A 9 17.23 -5.75 9.40
N GLY A 10 17.94 -4.90 8.66
CA GLY A 10 17.30 -4.09 7.64
C GLY A 10 17.67 -4.53 6.24
N SER A 11 16.69 -4.53 5.34
CA SER A 11 16.93 -4.93 3.95
C SER A 11 15.93 -4.25 3.02
N GLY A 12 16.19 -4.36 1.73
CA GLY A 12 15.31 -3.74 0.74
C GLY A 12 15.96 -3.63 -0.62
N LEU A 13 15.97 -4.73 -1.37
CA LEU A 13 16.57 -4.75 -2.70
C LEU A 13 15.64 -5.41 -3.71
N VAL A 14 15.04 -4.60 -4.57
CA VAL A 14 14.13 -5.10 -5.59
C VAL A 14 14.87 -5.45 -6.87
N PRO A 15 14.57 -6.63 -7.43
CA PRO A 15 15.20 -7.11 -8.66
C PRO A 15 14.75 -6.32 -9.88
N ARG A 16 13.44 -6.13 -10.01
CA ARG A 16 12.89 -5.39 -11.14
C ARG A 16 11.60 -4.66 -10.73
N GLY A 17 11.14 -3.76 -11.58
CA GLY A 17 9.94 -3.00 -11.30
C GLY A 17 8.75 -3.90 -11.01
N SER A 18 8.44 -4.07 -9.72
CA SER A 18 7.32 -4.91 -9.30
C SER A 18 5.99 -4.25 -9.65
N GLY A 19 5.94 -2.93 -9.52
CA GLY A 19 4.71 -2.20 -9.83
C GLY A 19 4.88 -0.70 -9.71
N ILE A 20 4.18 0.04 -10.55
CA ILE A 20 4.26 1.49 -10.53
C ILE A 20 4.14 2.03 -9.11
N ALA A 21 2.98 1.80 -8.49
CA ALA A 21 2.74 2.26 -7.13
C ALA A 21 3.87 1.83 -6.19
N GLN A 22 4.30 0.58 -6.33
CA GLN A 22 5.37 0.04 -5.51
C GLN A 22 6.62 0.92 -5.61
N GLN A 23 7.00 1.26 -6.83
CA GLN A 23 8.18 2.08 -7.06
C GLN A 23 7.95 3.51 -6.56
N TRP A 24 6.76 4.04 -6.82
CA TRP A 24 6.42 5.39 -6.40
C TRP A 24 6.65 5.56 -4.90
N ILE A 25 6.15 4.61 -4.12
CA ILE A 25 6.30 4.66 -2.67
C ILE A 25 7.74 4.93 -2.27
N GLN A 26 8.68 4.30 -2.97
CA GLN A 26 10.10 4.48 -2.69
C GLN A 26 10.54 5.91 -3.02
N SER A 27 9.95 6.48 -4.07
CA SER A 27 10.29 7.82 -4.50
C SER A 27 9.79 8.85 -3.48
N LYS A 28 8.52 8.73 -3.09
CA LYS A 28 7.93 9.65 -2.12
C LYS A 28 7.77 8.97 -0.76
N ARG A 29 8.74 8.14 -0.41
CA ARG A 29 8.71 7.43 0.86
C ARG A 29 8.80 8.41 2.04
N GLU A 30 9.74 9.34 1.95
CA GLU A 30 9.93 10.33 3.00
C GLU A 30 8.73 11.26 3.10
N ALA A 31 8.07 11.49 1.96
CA ALA A 31 6.91 12.36 1.92
C ALA A 31 5.67 11.64 2.48
N ILE A 32 5.45 10.42 2.00
CA ILE A 32 4.30 9.62 2.44
C ILE A 32 4.36 9.37 3.94
N VAL A 33 5.57 9.16 4.46
CA VAL A 33 5.76 8.91 5.88
C VAL A 33 5.59 10.19 6.69
N SER A 34 6.08 11.30 6.15
CA SER A 34 5.99 12.58 6.83
C SER A 34 4.57 13.15 6.73
N GLN A 35 3.83 12.69 5.72
CA GLN A 35 2.47 13.15 5.52
C GLN A 35 1.46 12.21 6.20
N MET A 36 1.40 10.98 5.72
CA MET A 36 0.50 9.98 6.28
C MET A 36 0.64 9.90 7.79
N THR A 37 -0.28 10.52 8.51
CA THR A 37 -0.25 10.52 9.97
C THR A 37 -0.71 9.18 10.52
N GLU A 38 -0.77 9.08 11.86
CA GLU A 38 -1.20 7.84 12.51
C GLU A 38 -2.62 7.47 12.09
N ALA A 39 -3.45 8.49 11.86
CA ALA A 39 -4.83 8.26 11.44
C ALA A 39 -4.89 7.55 10.10
N CYS A 40 -4.35 8.20 9.08
CA CYS A 40 -4.35 7.63 7.73
C CYS A 40 -3.70 6.24 7.72
N LEU A 41 -2.69 6.07 8.58
CA LEU A 41 -1.99 4.79 8.67
C LEU A 41 -2.96 3.66 8.99
N ASN A 42 -3.64 3.78 10.13
CA ASN A 42 -4.60 2.76 10.56
C ASN A 42 -5.60 2.46 9.45
N GLN A 43 -6.07 3.50 8.78
CA GLN A 43 -7.03 3.35 7.70
C GLN A 43 -6.48 2.46 6.59
N SER A 44 -5.30 2.83 6.09
CA SER A 44 -4.66 2.07 5.02
C SER A 44 -4.49 0.61 5.42
N LEU A 45 -4.09 0.39 6.67
CA LEU A 45 -3.89 -0.97 7.19
C LEU A 45 -5.17 -1.79 7.07
N ASP A 46 -6.23 -1.31 7.72
CA ASP A 46 -7.52 -2.00 7.69
C ASP A 46 -7.94 -2.29 6.25
N ALA A 47 -7.56 -1.41 5.33
CA ALA A 47 -7.90 -1.57 3.93
C ALA A 47 -7.39 -2.90 3.39
N LEU A 48 -6.09 -3.14 3.56
CA LEU A 48 -5.47 -4.37 3.08
C LEU A 48 -6.00 -5.58 3.85
N LEU A 49 -6.35 -5.36 5.12
CA LEU A 49 -6.87 -6.43 5.96
C LEU A 49 -8.07 -7.11 5.31
N SER A 50 -9.06 -6.31 4.93
CA SER A 50 -10.26 -6.83 4.29
C SER A 50 -9.91 -7.63 3.03
N ARG A 51 -8.85 -7.20 2.35
CA ARG A 51 -8.41 -7.86 1.14
C ARG A 51 -7.51 -9.06 1.46
N ASP A 52 -7.10 -9.15 2.72
CA ASP A 52 -6.23 -10.25 3.17
C ASP A 52 -4.89 -10.18 2.46
N LEU A 53 -4.33 -8.98 2.37
CA LEU A 53 -3.03 -8.79 1.72
C LEU A 53 -1.91 -8.73 2.75
N ILE A 54 -2.19 -8.10 3.88
CA ILE A 54 -1.21 -7.97 4.96
C ILE A 54 -1.37 -9.09 5.99
N MET A 55 -0.27 -9.75 6.30
CA MET A 55 -0.28 -10.84 7.27
C MET A 55 -0.39 -10.30 8.69
N LYS A 56 -1.25 -10.91 9.49
CA LYS A 56 -1.46 -10.49 10.87
C LYS A 56 -0.12 -10.35 11.61
N GLU A 57 0.81 -11.25 11.29
CA GLU A 57 2.13 -11.23 11.91
C GLU A 57 2.83 -9.90 11.66
N ASP A 58 2.69 -9.38 10.43
CA ASP A 58 3.31 -8.12 10.06
C ASP A 58 2.58 -6.95 10.70
N TYR A 59 1.26 -7.07 10.82
CA TYR A 59 0.45 -6.01 11.42
C TYR A 59 0.88 -5.74 12.86
N GLU A 60 1.13 -6.81 13.61
CA GLU A 60 1.54 -6.70 15.00
C GLU A 60 2.89 -5.99 15.11
N LEU A 61 3.85 -6.43 14.31
CA LEU A 61 5.18 -5.85 14.31
C LEU A 61 5.11 -4.33 14.08
N ILE A 62 4.40 -3.94 13.03
CA ILE A 62 4.26 -2.52 12.71
C ILE A 62 3.42 -1.80 13.77
N SER A 63 2.42 -2.49 14.30
CA SER A 63 1.56 -1.92 15.32
C SER A 63 2.34 -1.64 16.61
N THR A 64 3.34 -2.47 16.87
CA THR A 64 4.16 -2.31 18.06
C THR A 64 5.43 -1.52 17.77
N LYS A 65 5.32 -0.56 16.85
CA LYS A 65 6.46 0.27 16.46
C LYS A 65 6.74 1.32 17.53
N PRO A 66 7.97 1.85 17.52
CA PRO A 66 8.39 2.87 18.48
C PRO A 66 7.70 4.21 18.25
N THR A 67 7.58 4.60 16.99
CA THR A 67 6.95 5.86 16.62
C THR A 67 6.05 5.70 15.40
N ARG A 68 5.16 6.65 15.19
CA ARG A 68 4.24 6.61 14.06
C ARG A 68 5.01 6.70 12.74
N THR A 69 6.01 7.58 12.70
CA THR A 69 6.81 7.76 11.50
C THR A 69 7.41 6.44 11.03
N ALA A 70 7.75 5.58 11.99
CA ALA A 70 8.33 4.28 11.67
C ALA A 70 7.27 3.32 11.14
N LYS A 71 6.07 3.40 11.70
CA LYS A 71 4.96 2.55 11.27
C LYS A 71 4.78 2.61 9.76
N VAL A 72 4.78 3.82 9.22
CA VAL A 72 4.62 4.02 7.78
C VAL A 72 5.79 3.42 7.01
N ARG A 73 7.00 3.76 7.42
CA ARG A 73 8.20 3.25 6.75
C ARG A 73 8.15 1.73 6.65
N GLN A 74 7.98 1.07 7.78
CA GLN A 74 7.92 -0.39 7.81
C GLN A 74 6.85 -0.92 6.86
N LEU A 75 5.76 -0.15 6.73
CA LEU A 75 4.67 -0.53 5.84
C LEU A 75 5.13 -0.63 4.39
N LEU A 76 6.01 0.28 4.00
CA LEU A 76 6.54 0.30 2.64
C LEU A 76 7.54 -0.83 2.43
N ASP A 77 8.37 -1.07 3.44
CA ASP A 77 9.37 -2.14 3.36
C ASP A 77 8.70 -3.51 3.27
N THR A 78 7.60 -3.68 3.99
CA THR A 78 6.87 -4.94 3.99
C THR A 78 6.08 -5.11 2.70
N SER A 79 5.62 -4.00 2.14
CA SER A 79 4.84 -4.03 0.91
C SER A 79 5.57 -4.82 -0.17
N ASP A 80 6.87 -4.58 -0.30
CA ASP A 80 7.67 -5.27 -1.31
C ASP A 80 7.58 -6.78 -1.12
N ILE A 81 7.29 -7.21 0.10
CA ILE A 81 7.17 -8.63 0.41
C ILE A 81 5.78 -9.15 0.05
N GLN A 82 4.77 -8.30 0.21
CA GLN A 82 3.40 -8.67 -0.11
C GLN A 82 3.17 -8.73 -1.61
N GLY A 83 3.06 -7.56 -2.23
CA GLY A 83 2.84 -7.49 -3.66
C GLY A 83 2.56 -6.08 -4.15
N GLU A 84 2.36 -5.94 -5.45
CA GLU A 84 2.08 -4.63 -6.04
C GLU A 84 0.77 -4.06 -5.50
N GLU A 85 -0.21 -4.94 -5.30
CA GLU A 85 -1.51 -4.52 -4.78
C GLU A 85 -1.36 -3.76 -3.47
N PHE A 86 -0.50 -4.27 -2.59
CA PHE A 86 -0.26 -3.65 -1.30
C PHE A 86 0.08 -2.17 -1.46
N ALA A 87 1.09 -1.89 -2.28
CA ALA A 87 1.51 -0.51 -2.52
C ALA A 87 0.39 0.30 -3.16
N ARG A 88 -0.27 -0.28 -4.16
CA ARG A 88 -1.35 0.40 -4.86
C ARG A 88 -2.38 0.92 -3.87
N VAL A 89 -2.59 0.18 -2.79
CA VAL A 89 -3.56 0.56 -1.76
C VAL A 89 -3.13 1.86 -1.07
N ILE A 90 -1.82 2.01 -0.87
CA ILE A 90 -1.28 3.20 -0.22
C ILE A 90 -1.52 4.45 -1.07
N VAL A 91 -1.00 4.43 -2.29
CA VAL A 91 -1.15 5.55 -3.21
C VAL A 91 -2.60 5.99 -3.30
N GLN A 92 -3.51 5.02 -3.25
CA GLN A 92 -4.94 5.30 -3.33
C GLN A 92 -5.46 5.85 -2.00
N LYS A 93 -4.96 5.30 -0.90
CA LYS A 93 -5.37 5.73 0.42
C LYS A 93 -5.06 7.21 0.64
N LEU A 94 -3.80 7.58 0.45
CA LEU A 94 -3.36 8.96 0.62
C LEU A 94 -4.25 9.91 -0.18
N LYS A 95 -4.43 9.60 -1.45
CA LYS A 95 -5.27 10.43 -2.33
C LYS A 95 -6.73 10.40 -1.88
N ASP A 96 -7.14 9.27 -1.31
CA ASP A 96 -8.50 9.11 -0.83
C ASP A 96 -8.92 10.29 0.05
N ASN A 97 -7.96 10.81 0.81
CA ASN A 97 -8.22 11.94 1.70
C ASN A 97 -7.79 13.26 1.05
N LYS A 98 -6.50 13.55 1.13
CA LYS A 98 -5.96 14.77 0.56
C LYS A 98 -4.48 14.92 0.89
N GLN A 99 -3.64 14.87 -0.13
CA GLN A 99 -2.19 15.00 0.05
C GLN A 99 -1.55 15.73 -1.13
N MET A 100 -1.65 17.05 -1.11
CA MET A 100 -1.08 17.87 -2.18
C MET A 100 0.44 17.95 -2.06
N GLY A 101 0.93 17.97 -0.82
CA GLY A 101 2.36 18.04 -0.59
C GLY A 101 3.08 16.80 -1.08
N LEU A 102 2.34 15.74 -1.33
CA LEU A 102 2.92 14.49 -1.81
C LEU A 102 3.12 14.52 -3.33
N GLN A 103 2.23 15.24 -4.02
CA GLN A 103 2.31 15.36 -5.47
C GLN A 103 3.72 15.72 -5.91
N PRO A 104 4.02 15.50 -7.20
CA PRO A 104 3.05 14.94 -8.14
C PRO A 104 2.75 13.47 -7.86
N TYR A 105 1.62 12.99 -8.38
CA TYR A 105 1.23 11.61 -8.18
C TYR A 105 1.45 10.78 -9.45
N PRO A 106 1.45 9.45 -9.30
CA PRO A 106 1.65 8.53 -10.42
C PRO A 106 0.47 8.51 -11.38
N GLU A 107 0.65 7.87 -12.53
CA GLU A 107 -0.39 7.79 -13.53
C GLU A 107 -1.28 6.57 -13.29
N VAL A 108 -1.48 6.22 -12.03
CA VAL A 108 -2.31 5.08 -11.65
C VAL A 108 -3.20 5.41 -10.47
N LEU A 109 -4.50 5.43 -10.70
CA LEU A 109 -5.47 5.72 -9.64
C LEU A 109 -6.43 4.56 -9.44
N LEU A 110 -6.75 3.86 -10.54
CA LEU A 110 -7.67 2.74 -10.49
C LEU A 110 -7.24 1.75 -9.39
N VAL A 111 -8.12 0.79 -9.10
CA VAL A 111 -7.85 -0.21 -8.08
C VAL A 111 -7.80 -1.60 -8.69
N SER A 112 -8.59 -1.83 -9.74
CA SER A 112 -8.64 -3.11 -10.41
C SER A 112 -8.92 -4.24 -9.41
N ARG A 113 -9.74 -3.94 -8.41
CA ARG A 113 -10.08 -4.92 -7.39
C ARG A 113 -11.42 -5.58 -7.70
N THR A 114 -12.49 -4.79 -7.70
CA THR A 114 -13.81 -5.29 -7.98
C THR A 114 -14.86 -4.17 -7.90
N PRO A 115 -15.91 -4.29 -8.73
CA PRO A 115 -16.99 -3.30 -8.76
C PRO A 115 -17.85 -3.33 -7.51
N SER A 116 -17.38 -2.68 -6.45
CA SER A 116 -18.11 -2.65 -5.18
C SER A 116 -17.49 -1.64 -4.23
N SER A 117 -18.24 -1.28 -3.19
CA SER A 117 -17.77 -0.31 -2.21
C SER A 117 -16.49 -0.81 -1.53
N ASN A 118 -15.80 0.10 -0.85
CA ASN A 118 -14.56 -0.24 -0.16
C ASN A 118 -14.86 -0.91 1.18
N VAL A 119 -15.51 -0.18 2.08
CA VAL A 119 -15.86 -0.71 3.39
C VAL A 119 -17.09 -0.02 3.96
N LEU A 120 -17.62 -0.55 5.05
CA LEU A 120 -18.80 0.01 5.68
C LEU A 120 -18.50 0.41 7.13
N GLN A 121 -17.74 -0.43 7.82
CA GLN A 121 -17.37 -0.17 9.21
C GLN A 121 -15.92 -0.55 9.47
N ASN A 122 -15.22 0.29 10.22
CA ASN A 122 -13.83 0.05 10.55
C ASN A 122 -13.67 -1.27 11.31
N LYS A 123 -12.42 -1.66 11.55
CA LYS A 123 -12.13 -2.90 12.27
C LYS A 123 -12.76 -2.88 13.66
N THR A 124 -13.00 -4.07 14.21
CA THR A 124 -13.59 -4.19 15.53
C THR A 124 -12.60 -4.75 16.54
N LEU A 125 -12.45 -4.07 17.66
CA LEU A 125 -11.52 -4.49 18.71
C LEU A 125 -12.25 -4.67 20.05
N MET A 1 -20.59 -7.52 -2.01
CA MET A 1 -21.34 -7.11 -0.83
C MET A 1 -20.87 -7.85 0.41
N HIS A 2 -20.87 -9.18 0.33
CA HIS A 2 -20.43 -10.01 1.45
C HIS A 2 -19.70 -11.26 0.95
N HIS A 3 -18.52 -11.49 1.49
CA HIS A 3 -17.71 -12.65 1.11
C HIS A 3 -17.27 -13.44 2.34
N HIS A 4 -16.83 -14.68 2.10
CA HIS A 4 -16.38 -15.54 3.19
C HIS A 4 -14.87 -15.73 3.15
N HIS A 5 -14.26 -15.94 4.31
CA HIS A 5 -12.82 -16.13 4.41
C HIS A 5 -12.47 -17.61 4.44
N HIS A 6 -11.18 -17.91 4.31
CA HIS A 6 -10.72 -19.30 4.31
C HIS A 6 -9.26 -19.37 4.77
N HIS A 7 -9.07 -19.89 5.98
CA HIS A 7 -7.72 -20.02 6.54
C HIS A 7 -6.94 -21.11 5.81
N GLY A 8 -5.62 -20.93 5.72
CA GLY A 8 -4.78 -21.90 5.05
C GLY A 8 -4.31 -21.42 3.69
N SER A 9 -3.25 -20.63 3.67
CA SER A 9 -2.70 -20.11 2.43
C SER A 9 -1.17 -20.22 2.41
N GLY A 10 -0.58 -19.91 1.26
CA GLY A 10 0.86 -19.98 1.13
C GLY A 10 1.46 -18.72 0.55
N SER A 11 2.57 -18.28 1.12
CA SER A 11 3.25 -17.06 0.65
C SER A 11 3.80 -17.25 -0.76
N GLY A 12 4.73 -18.19 -0.90
CA GLY A 12 5.32 -18.47 -2.19
C GLY A 12 6.68 -17.81 -2.36
N LEU A 13 6.96 -17.33 -3.56
CA LEU A 13 8.24 -16.69 -3.84
C LEU A 13 8.17 -15.19 -3.54
N VAL A 14 9.29 -14.63 -3.10
CA VAL A 14 9.36 -13.21 -2.78
C VAL A 14 10.37 -12.49 -3.65
N PRO A 15 10.07 -12.40 -4.95
CA PRO A 15 10.95 -11.75 -5.93
C PRO A 15 11.00 -10.23 -5.72
N ARG A 16 11.64 -9.54 -6.67
CA ARG A 16 11.77 -8.09 -6.60
C ARG A 16 10.40 -7.43 -6.41
N GLY A 17 9.39 -7.99 -7.07
CA GLY A 17 8.05 -7.44 -6.97
C GLY A 17 7.99 -5.98 -7.35
N SER A 18 8.02 -5.71 -8.66
CA SER A 18 7.96 -4.34 -9.14
C SER A 18 6.52 -3.89 -9.37
N GLY A 19 6.31 -2.57 -9.36
CA GLY A 19 4.98 -2.04 -9.55
C GLY A 19 4.96 -0.52 -9.53
N ILE A 20 4.08 0.07 -10.34
CA ILE A 20 3.95 1.51 -10.41
C ILE A 20 3.92 2.13 -9.01
N ALA A 21 2.81 1.89 -8.30
CA ALA A 21 2.65 2.41 -6.95
C ALA A 21 3.85 2.08 -6.07
N GLN A 22 4.36 0.86 -6.22
CA GLN A 22 5.51 0.41 -5.44
C GLN A 22 6.68 1.36 -5.61
N GLN A 23 6.96 1.72 -6.86
CA GLN A 23 8.07 2.62 -7.17
C GLN A 23 7.82 4.00 -6.60
N TRP A 24 6.59 4.49 -6.76
CA TRP A 24 6.21 5.81 -6.27
C TRP A 24 6.39 5.89 -4.76
N ILE A 25 5.85 4.91 -4.05
CA ILE A 25 5.95 4.87 -2.59
C ILE A 25 7.40 5.07 -2.14
N GLN A 26 8.29 4.22 -2.63
CA GLN A 26 9.70 4.30 -2.28
C GLN A 26 10.31 5.60 -2.77
N SER A 27 9.74 6.16 -3.84
CA SER A 27 10.24 7.40 -4.42
C SER A 27 9.93 8.58 -3.49
N LYS A 28 8.65 8.73 -3.14
CA LYS A 28 8.22 9.81 -2.27
C LYS A 28 7.91 9.28 -0.86
N ARG A 29 8.68 8.31 -0.42
CA ARG A 29 8.49 7.71 0.90
C ARG A 29 8.75 8.74 2.00
N GLU A 30 9.67 9.67 1.73
CA GLU A 30 10.01 10.71 2.69
C GLU A 30 8.80 11.62 2.95
N ALA A 31 8.02 11.87 1.91
CA ALA A 31 6.85 12.72 2.02
C ALA A 31 5.64 11.93 2.49
N ILE A 32 5.51 10.70 2.01
CA ILE A 32 4.40 9.84 2.39
C ILE A 32 4.44 9.51 3.88
N VAL A 33 5.64 9.28 4.40
CA VAL A 33 5.82 8.98 5.81
C VAL A 33 5.63 10.21 6.68
N SER A 34 6.14 11.34 6.19
CA SER A 34 6.04 12.59 6.93
C SER A 34 4.62 13.16 6.85
N GLN A 35 3.87 12.73 5.84
CA GLN A 35 2.51 13.19 5.64
C GLN A 35 1.51 12.24 6.31
N MET A 36 1.60 10.96 5.95
CA MET A 36 0.71 9.95 6.51
C MET A 36 0.69 10.03 8.04
N THR A 37 -0.37 10.62 8.58
CA THR A 37 -0.51 10.75 10.03
C THR A 37 -0.89 9.42 10.67
N GLU A 38 -1.11 9.44 11.98
CA GLU A 38 -1.48 8.24 12.71
C GLU A 38 -2.85 7.72 12.25
N ALA A 39 -3.74 8.65 11.94
CA ALA A 39 -5.08 8.29 11.48
C ALA A 39 -5.05 7.69 10.08
N CYS A 40 -4.15 8.21 9.25
CA CYS A 40 -4.01 7.72 7.88
C CYS A 40 -3.40 6.32 7.85
N LEU A 41 -2.48 6.07 8.79
CA LEU A 41 -1.82 4.77 8.87
C LEU A 41 -2.82 3.66 9.15
N ASN A 42 -3.56 3.80 10.25
CA ASN A 42 -4.56 2.81 10.63
C ASN A 42 -5.59 2.62 9.52
N GLN A 43 -5.91 3.71 8.83
CA GLN A 43 -6.88 3.66 7.74
C GLN A 43 -6.48 2.61 6.71
N SER A 44 -5.36 2.84 6.04
CA SER A 44 -4.87 1.91 5.02
C SER A 44 -4.74 0.50 5.58
N LEU A 45 -4.16 0.40 6.78
CA LEU A 45 -3.98 -0.90 7.43
C LEU A 45 -5.29 -1.66 7.50
N ASP A 46 -6.39 -0.94 7.71
CA ASP A 46 -7.71 -1.55 7.80
C ASP A 46 -8.12 -2.12 6.45
N ALA A 47 -7.87 -1.38 5.38
CA ALA A 47 -8.21 -1.81 4.03
C ALA A 47 -7.41 -3.04 3.63
N LEU A 48 -6.16 -3.10 4.08
CA LEU A 48 -5.29 -4.23 3.77
C LEU A 48 -5.91 -5.54 4.21
N LEU A 49 -6.23 -5.63 5.50
CA LEU A 49 -6.83 -6.83 6.06
C LEU A 49 -8.10 -7.21 5.30
N SER A 50 -8.84 -6.20 4.85
CA SER A 50 -10.07 -6.43 4.11
C SER A 50 -9.82 -7.29 2.89
N ARG A 51 -8.76 -6.99 2.15
CA ARG A 51 -8.40 -7.73 0.95
C ARG A 51 -7.32 -8.77 1.26
N ASP A 52 -7.12 -9.04 2.54
CA ASP A 52 -6.12 -10.02 2.98
C ASP A 52 -4.80 -9.79 2.24
N LEU A 53 -4.34 -8.54 2.24
CA LEU A 53 -3.09 -8.20 1.58
C LEU A 53 -1.92 -8.21 2.58
N ILE A 54 -2.20 -7.82 3.81
CA ILE A 54 -1.18 -7.81 4.85
C ILE A 54 -1.36 -8.96 5.82
N MET A 55 -0.27 -9.67 6.11
CA MET A 55 -0.31 -10.79 7.04
C MET A 55 -0.43 -10.31 8.47
N LYS A 56 -1.25 -11.02 9.26
CA LYS A 56 -1.45 -10.67 10.66
C LYS A 56 -0.11 -10.51 11.39
N GLU A 57 0.81 -11.43 11.10
CA GLU A 57 2.13 -11.39 11.73
C GLU A 57 2.83 -10.07 11.44
N ASP A 58 2.62 -9.54 10.23
CA ASP A 58 3.24 -8.28 9.84
C ASP A 58 2.54 -7.09 10.51
N TYR A 59 1.23 -7.21 10.69
CA TYR A 59 0.45 -6.15 11.32
C TYR A 59 0.90 -5.93 12.76
N GLU A 60 1.09 -7.03 13.49
CA GLU A 60 1.52 -6.94 14.88
C GLU A 60 2.89 -6.27 14.99
N LEU A 61 3.82 -6.72 14.16
CA LEU A 61 5.17 -6.17 14.17
C LEU A 61 5.14 -4.65 13.99
N ILE A 62 4.44 -4.19 12.96
CA ILE A 62 4.33 -2.76 12.68
C ILE A 62 3.57 -2.05 13.80
N SER A 63 2.58 -2.73 14.36
CA SER A 63 1.76 -2.16 15.42
C SER A 63 2.60 -1.94 16.68
N THR A 64 3.59 -2.81 16.88
CA THR A 64 4.46 -2.70 18.05
C THR A 64 5.74 -1.94 17.71
N LYS A 65 5.62 -0.94 16.83
CA LYS A 65 6.76 -0.13 16.43
C LYS A 65 7.15 0.86 17.52
N PRO A 66 8.39 1.35 17.46
CA PRO A 66 8.90 2.32 18.44
C PRO A 66 8.25 3.69 18.31
N THR A 67 8.15 4.18 17.08
CA THR A 67 7.56 5.47 16.82
C THR A 67 6.50 5.38 15.71
N ARG A 68 5.60 6.36 15.68
CA ARG A 68 4.54 6.38 14.69
C ARG A 68 5.13 6.48 13.28
N THR A 69 6.12 7.35 13.13
CA THR A 69 6.77 7.55 11.83
C THR A 69 7.34 6.25 11.30
N ALA A 70 7.84 5.41 12.20
CA ALA A 70 8.42 4.13 11.82
C ALA A 70 7.36 3.19 11.25
N LYS A 71 6.16 3.23 11.84
CA LYS A 71 5.06 2.38 11.40
C LYS A 71 4.84 2.53 9.90
N VAL A 72 4.82 3.77 9.43
CA VAL A 72 4.61 4.04 8.01
C VAL A 72 5.74 3.43 7.17
N ARG A 73 6.97 3.77 7.51
CA ARG A 73 8.13 3.26 6.78
C ARG A 73 8.07 1.74 6.66
N GLN A 74 7.93 1.07 7.80
CA GLN A 74 7.86 -0.39 7.83
C GLN A 74 6.75 -0.90 6.93
N LEU A 75 5.66 -0.14 6.85
CA LEU A 75 4.53 -0.52 6.02
C LEU A 75 4.93 -0.60 4.54
N LEU A 76 5.75 0.34 4.11
CA LEU A 76 6.22 0.37 2.73
C LEU A 76 7.28 -0.69 2.49
N ASP A 77 8.11 -0.94 3.50
CA ASP A 77 9.16 -1.94 3.40
C ASP A 77 8.58 -3.34 3.29
N THR A 78 7.49 -3.58 4.04
CA THR A 78 6.84 -4.88 4.02
C THR A 78 6.13 -5.13 2.70
N SER A 79 5.60 -4.07 2.11
CA SER A 79 4.89 -4.18 0.84
C SER A 79 5.73 -4.92 -0.20
N ASP A 80 7.02 -4.62 -0.22
CA ASP A 80 7.94 -5.25 -1.17
C ASP A 80 7.81 -6.77 -1.10
N ILE A 81 7.50 -7.29 0.08
CA ILE A 81 7.34 -8.73 0.27
C ILE A 81 5.93 -9.18 -0.09
N GLN A 82 4.96 -8.28 0.10
CA GLN A 82 3.57 -8.59 -0.21
C GLN A 82 3.33 -8.58 -1.72
N GLY A 83 3.27 -7.39 -2.30
CA GLY A 83 3.05 -7.27 -3.72
C GLY A 83 2.66 -5.85 -4.13
N GLU A 84 2.30 -5.69 -5.40
CA GLU A 84 1.92 -4.38 -5.92
C GLU A 84 0.62 -3.90 -5.25
N GLU A 85 -0.27 -4.84 -4.95
CA GLU A 85 -1.54 -4.51 -4.32
C GLU A 85 -1.32 -3.71 -3.04
N PHE A 86 -0.46 -4.22 -2.17
CA PHE A 86 -0.15 -3.56 -0.91
C PHE A 86 0.23 -2.10 -1.13
N ALA A 87 1.12 -1.87 -2.09
CA ALA A 87 1.57 -0.52 -2.42
C ALA A 87 0.42 0.31 -2.97
N ARG A 88 -0.31 -0.25 -3.93
CA ARG A 88 -1.42 0.44 -4.55
C ARG A 88 -2.46 0.86 -3.50
N VAL A 89 -2.60 0.05 -2.46
CA VAL A 89 -3.54 0.34 -1.39
C VAL A 89 -3.17 1.61 -0.65
N ILE A 90 -1.87 1.79 -0.40
CA ILE A 90 -1.37 2.97 0.30
C ILE A 90 -1.62 4.23 -0.51
N VAL A 91 -1.01 4.30 -1.69
CA VAL A 91 -1.15 5.45 -2.58
C VAL A 91 -2.62 5.81 -2.76
N GLN A 92 -3.43 4.80 -3.09
CA GLN A 92 -4.86 5.00 -3.30
C GLN A 92 -5.50 5.67 -2.09
N LYS A 93 -5.17 5.17 -0.90
CA LYS A 93 -5.72 5.71 0.33
C LYS A 93 -5.43 7.20 0.45
N LEU A 94 -4.16 7.57 0.27
CA LEU A 94 -3.74 8.96 0.36
C LEU A 94 -4.56 9.83 -0.60
N LYS A 95 -4.48 9.51 -1.89
CA LYS A 95 -5.21 10.25 -2.91
C LYS A 95 -6.71 10.25 -2.61
N ASP A 96 -7.18 9.19 -1.98
CA ASP A 96 -8.60 9.08 -1.63
C ASP A 96 -9.09 10.34 -0.93
N ASN A 97 -8.21 10.94 -0.14
CA ASN A 97 -8.56 12.16 0.60
C ASN A 97 -8.05 13.40 -0.13
N LYS A 98 -6.78 13.72 0.08
CA LYS A 98 -6.17 14.89 -0.55
C LYS A 98 -4.73 15.07 -0.08
N GLN A 99 -3.78 14.98 -1.01
CA GLN A 99 -2.37 15.15 -0.69
C GLN A 99 -1.64 15.86 -1.82
N MET A 100 -1.71 17.18 -1.82
CA MET A 100 -1.06 17.98 -2.85
C MET A 100 0.45 18.05 -2.60
N GLY A 101 0.83 18.05 -1.33
CA GLY A 101 2.24 18.12 -0.97
C GLY A 101 2.98 16.84 -1.30
N LEU A 102 2.23 15.76 -1.50
CA LEU A 102 2.83 14.47 -1.83
C LEU A 102 3.11 14.36 -3.33
N GLN A 103 2.31 15.06 -4.13
CA GLN A 103 2.49 15.05 -5.57
C GLN A 103 3.93 15.32 -5.96
N PRO A 104 4.28 14.98 -7.20
CA PRO A 104 3.35 14.39 -8.17
C PRO A 104 2.95 12.96 -7.79
N TYR A 105 1.82 12.51 -8.31
CA TYR A 105 1.34 11.16 -8.03
C TYR A 105 1.55 10.25 -9.23
N PRO A 106 1.45 8.93 -8.99
CA PRO A 106 1.62 7.92 -10.03
C PRO A 106 0.48 7.92 -11.03
N GLU A 107 0.44 6.90 -11.89
CA GLU A 107 -0.60 6.78 -12.89
C GLU A 107 -0.82 5.32 -13.29
N VAL A 108 -1.69 5.10 -14.26
CA VAL A 108 -1.99 3.75 -14.73
C VAL A 108 -2.72 2.95 -13.67
N LEU A 109 -3.39 3.65 -12.76
CA LEU A 109 -4.14 3.00 -11.69
C LEU A 109 -5.58 2.76 -12.10
N LEU A 110 -6.12 3.67 -12.91
CA LEU A 110 -7.49 3.56 -13.38
C LEU A 110 -7.74 2.21 -14.04
N VAL A 111 -8.42 1.32 -13.33
CA VAL A 111 -8.72 -0.02 -13.84
C VAL A 111 -10.21 -0.16 -14.13
N SER A 112 -11.04 0.36 -13.23
CA SER A 112 -12.48 0.29 -13.39
C SER A 112 -13.14 1.61 -13.02
N ARG A 113 -14.25 1.92 -13.70
CA ARG A 113 -14.97 3.16 -13.45
C ARG A 113 -15.54 3.18 -12.03
N THR A 114 -15.37 4.30 -11.34
CA THR A 114 -15.86 4.45 -9.98
C THR A 114 -16.11 5.91 -9.64
N PRO A 115 -16.94 6.14 -8.61
CA PRO A 115 -17.29 7.50 -8.17
C PRO A 115 -16.10 8.20 -7.50
N SER A 116 -16.29 9.48 -7.20
CA SER A 116 -15.23 10.27 -6.56
C SER A 116 -15.79 11.09 -5.41
N SER A 117 -14.92 11.83 -4.73
CA SER A 117 -15.33 12.67 -3.61
C SER A 117 -14.93 14.13 -3.85
N ASN A 118 -15.70 15.04 -3.25
CA ASN A 118 -15.43 16.47 -3.39
C ASN A 118 -15.09 17.09 -2.04
N VAL A 119 -15.74 16.61 -0.99
CA VAL A 119 -15.51 17.12 0.35
C VAL A 119 -14.02 17.11 0.70
N LEU A 120 -13.65 17.89 1.71
CA LEU A 120 -12.25 17.97 2.14
C LEU A 120 -12.11 17.56 3.60
N GLN A 121 -10.87 17.43 4.05
CA GLN A 121 -10.59 17.06 5.44
C GLN A 121 -10.62 18.27 6.35
N ASN A 122 -11.17 18.10 7.55
CA ASN A 122 -11.26 19.18 8.52
C ASN A 122 -9.87 19.63 8.95
N LYS A 123 -9.74 20.91 9.28
CA LYS A 123 -8.47 21.47 9.73
C LYS A 123 -7.88 20.63 10.86
N THR A 124 -6.56 20.70 11.01
CA THR A 124 -5.87 19.96 12.06
C THR A 124 -5.92 20.70 13.38
N LEU A 125 -6.31 20.00 14.44
CA LEU A 125 -6.40 20.58 15.77
C LEU A 125 -5.11 20.35 16.56
N MET A 1 -28.29 -6.19 -9.77
CA MET A 1 -26.84 -6.14 -9.89
C MET A 1 -26.21 -7.47 -9.46
N HIS A 2 -25.78 -8.25 -10.44
CA HIS A 2 -25.16 -9.54 -10.17
C HIS A 2 -23.96 -9.77 -11.09
N HIS A 3 -22.76 -9.59 -10.53
CA HIS A 3 -21.53 -9.78 -11.30
C HIS A 3 -21.46 -11.20 -11.86
N HIS A 4 -20.76 -11.35 -12.99
CA HIS A 4 -20.61 -12.65 -13.63
C HIS A 4 -19.55 -13.49 -12.92
N HIS A 5 -19.67 -14.80 -13.04
CA HIS A 5 -18.72 -15.71 -12.41
C HIS A 5 -17.42 -15.79 -13.22
N HIS A 6 -16.37 -15.18 -12.68
CA HIS A 6 -15.07 -15.19 -13.35
C HIS A 6 -13.98 -15.71 -12.42
N HIS A 7 -13.50 -16.92 -12.70
CA HIS A 7 -12.46 -17.53 -11.88
C HIS A 7 -11.18 -16.69 -11.93
N GLY A 8 -10.25 -17.00 -11.03
CA GLY A 8 -9.00 -16.26 -10.98
C GLY A 8 -8.96 -15.25 -9.86
N SER A 9 -8.75 -15.73 -8.63
CA SER A 9 -8.71 -14.85 -7.47
C SER A 9 -7.40 -14.06 -7.43
N GLY A 10 -6.28 -14.79 -7.45
CA GLY A 10 -4.98 -14.14 -7.43
C GLY A 10 -3.86 -15.10 -7.07
N SER A 11 -3.79 -16.22 -7.78
CA SER A 11 -2.77 -17.22 -7.53
C SER A 11 -1.40 -16.72 -7.96
N GLY A 12 -1.32 -16.25 -9.20
CA GLY A 12 -0.06 -15.74 -9.71
C GLY A 12 -0.01 -14.22 -9.75
N LEU A 13 -0.46 -13.64 -10.85
CA LEU A 13 -0.47 -12.19 -11.00
C LEU A 13 0.93 -11.62 -10.81
N VAL A 14 1.94 -12.36 -11.28
CA VAL A 14 3.32 -11.92 -11.17
C VAL A 14 3.73 -11.74 -9.71
N PRO A 15 3.94 -12.87 -9.01
CA PRO A 15 4.34 -12.86 -7.60
C PRO A 15 5.77 -12.35 -7.40
N ARG A 16 6.00 -11.71 -6.26
CA ARG A 16 7.32 -11.17 -5.95
C ARG A 16 7.83 -10.30 -7.08
N GLY A 17 6.97 -9.42 -7.59
CA GLY A 17 7.36 -8.54 -8.68
C GLY A 17 7.21 -7.07 -8.31
N SER A 18 7.62 -6.20 -9.23
CA SER A 18 7.54 -4.76 -9.01
C SER A 18 6.14 -4.24 -9.32
N GLY A 19 5.99 -2.92 -9.34
CA GLY A 19 4.71 -2.32 -9.64
C GLY A 19 4.76 -0.80 -9.62
N ILE A 20 3.93 -0.17 -10.46
CA ILE A 20 3.89 1.28 -10.54
C ILE A 20 3.82 1.91 -9.16
N ALA A 21 2.70 1.71 -8.47
CA ALA A 21 2.52 2.25 -7.14
C ALA A 21 3.69 1.90 -6.22
N GLN A 22 4.14 0.66 -6.31
CA GLN A 22 5.26 0.19 -5.49
C GLN A 22 6.49 1.08 -5.70
N GLN A 23 6.90 1.23 -6.95
CA GLN A 23 8.05 2.04 -7.28
C GLN A 23 7.84 3.49 -6.85
N TRP A 24 6.60 3.96 -6.95
CA TRP A 24 6.26 5.33 -6.59
C TRP A 24 6.43 5.53 -5.08
N ILE A 25 5.91 4.60 -4.29
CA ILE A 25 6.01 4.69 -2.85
C ILE A 25 7.43 4.99 -2.41
N GLN A 26 8.37 4.12 -2.78
CA GLN A 26 9.77 4.29 -2.42
C GLN A 26 10.29 5.64 -2.92
N SER A 27 9.69 6.14 -3.98
CA SER A 27 10.09 7.41 -4.57
C SER A 27 9.77 8.57 -3.62
N LYS A 28 8.50 8.69 -3.24
CA LYS A 28 8.07 9.75 -2.33
C LYS A 28 7.79 9.19 -0.95
N ARG A 29 8.58 8.21 -0.52
CA ARG A 29 8.41 7.59 0.78
C ARG A 29 8.70 8.60 1.89
N GLU A 30 9.66 9.49 1.65
CA GLU A 30 10.02 10.50 2.65
C GLU A 30 8.85 11.44 2.91
N ALA A 31 8.08 11.73 1.86
CA ALA A 31 6.94 12.63 1.99
C ALA A 31 5.70 11.86 2.44
N ILE A 32 5.46 10.71 1.83
CA ILE A 32 4.31 9.89 2.18
C ILE A 32 4.34 9.50 3.65
N VAL A 33 5.51 9.14 4.14
CA VAL A 33 5.68 8.74 5.53
C VAL A 33 5.63 9.95 6.45
N SER A 34 6.10 11.09 5.96
CA SER A 34 6.11 12.32 6.75
C SER A 34 4.71 12.92 6.84
N GLN A 35 3.89 12.62 5.84
CA GLN A 35 2.52 13.14 5.80
C GLN A 35 1.54 12.13 6.41
N MET A 36 1.72 10.86 6.06
CA MET A 36 0.86 9.79 6.58
C MET A 36 0.84 9.80 8.09
N THR A 37 -0.18 10.42 8.68
CA THR A 37 -0.31 10.49 10.12
C THR A 37 -0.83 9.17 10.69
N GLU A 38 -1.04 9.15 12.01
CA GLU A 38 -1.53 7.95 12.68
C GLU A 38 -2.92 7.58 12.17
N ALA A 39 -3.70 8.58 11.79
CA ALA A 39 -5.05 8.35 11.29
C ALA A 39 -5.02 7.76 9.89
N CYS A 40 -4.11 8.27 9.06
CA CYS A 40 -3.97 7.79 7.68
C CYS A 40 -3.38 6.38 7.65
N LEU A 41 -2.50 6.10 8.62
CA LEU A 41 -1.86 4.79 8.70
C LEU A 41 -2.88 3.70 9.00
N ASN A 42 -3.74 3.94 9.99
CA ASN A 42 -4.77 2.98 10.37
C ASN A 42 -5.67 2.66 9.18
N GLN A 43 -5.94 3.66 8.36
CA GLN A 43 -6.79 3.48 7.18
C GLN A 43 -6.28 2.35 6.31
N SER A 44 -5.10 2.54 5.73
CA SER A 44 -4.51 1.53 4.86
C SER A 44 -4.40 0.18 5.58
N LEU A 45 -3.88 0.21 6.80
CA LEU A 45 -3.73 -1.00 7.60
C LEU A 45 -5.04 -1.78 7.67
N ASP A 46 -6.15 -1.05 7.70
CA ASP A 46 -7.47 -1.67 7.77
C ASP A 46 -7.86 -2.26 6.41
N ALA A 47 -7.78 -1.45 5.37
CA ALA A 47 -8.12 -1.90 4.03
C ALA A 47 -7.29 -3.11 3.63
N LEU A 48 -6.01 -3.09 3.97
CA LEU A 48 -5.12 -4.19 3.64
C LEU A 48 -5.68 -5.53 4.12
N LEU A 49 -6.08 -5.57 5.38
CA LEU A 49 -6.65 -6.77 5.97
C LEU A 49 -7.86 -7.24 5.17
N SER A 50 -8.65 -6.29 4.69
CA SER A 50 -9.84 -6.60 3.91
C SER A 50 -9.48 -7.39 2.66
N ARG A 51 -8.43 -6.95 1.97
CA ARG A 51 -7.98 -7.61 0.76
C ARG A 51 -6.95 -8.69 1.06
N ASP A 52 -6.81 -9.02 2.35
CA ASP A 52 -5.87 -10.03 2.78
C ASP A 52 -4.50 -9.82 2.13
N LEU A 53 -4.04 -8.57 2.14
CA LEU A 53 -2.75 -8.23 1.55
C LEU A 53 -1.64 -8.24 2.61
N ILE A 54 -1.97 -7.74 3.79
CA ILE A 54 -1.01 -7.70 4.89
C ILE A 54 -1.18 -8.88 5.83
N MET A 55 -0.08 -9.54 6.15
CA MET A 55 -0.12 -10.70 7.04
C MET A 55 -0.28 -10.26 8.50
N LYS A 56 -1.11 -10.99 9.24
CA LYS A 56 -1.35 -10.66 10.64
C LYS A 56 -0.04 -10.51 11.40
N GLU A 57 0.89 -11.43 11.16
CA GLU A 57 2.19 -11.39 11.82
C GLU A 57 2.90 -10.07 11.55
N ASP A 58 2.71 -9.54 10.35
CA ASP A 58 3.33 -8.27 9.97
C ASP A 58 2.62 -7.10 10.63
N TYR A 59 1.31 -7.21 10.79
CA TYR A 59 0.51 -6.15 11.41
C TYR A 59 0.94 -5.94 12.85
N GLU A 60 1.12 -7.04 13.58
CA GLU A 60 1.54 -6.96 14.99
C GLU A 60 2.89 -6.28 15.12
N LEU A 61 3.84 -6.67 14.27
CA LEU A 61 5.18 -6.10 14.29
C LEU A 61 5.13 -4.58 14.16
N ILE A 62 4.45 -4.11 13.12
CA ILE A 62 4.32 -2.68 12.88
C ILE A 62 3.48 -2.01 13.96
N SER A 63 2.49 -2.75 14.47
CA SER A 63 1.61 -2.23 15.51
C SER A 63 2.38 -1.97 16.80
N THR A 64 3.42 -2.77 17.03
CA THR A 64 4.24 -2.62 18.23
C THR A 64 5.47 -1.75 17.95
N LYS A 65 5.31 -0.79 17.05
CA LYS A 65 6.39 0.12 16.70
C LYS A 65 6.60 1.16 17.79
N PRO A 66 7.79 1.78 17.80
CA PRO A 66 8.14 2.81 18.79
C PRO A 66 7.37 4.11 18.57
N THR A 67 7.31 4.55 17.31
CA THR A 67 6.60 5.77 16.97
C THR A 67 5.73 5.58 15.73
N ARG A 68 4.84 6.53 15.48
CA ARG A 68 3.94 6.46 14.34
C ARG A 68 4.72 6.53 13.03
N THR A 69 5.75 7.38 13.02
CA THR A 69 6.57 7.55 11.83
C THR A 69 7.16 6.22 11.37
N ALA A 70 7.66 5.43 12.32
CA ALA A 70 8.24 4.14 12.01
C ALA A 70 7.20 3.19 11.43
N LYS A 71 5.99 3.24 11.98
CA LYS A 71 4.90 2.38 11.52
C LYS A 71 4.73 2.49 10.01
N VAL A 72 4.73 3.72 9.51
CA VAL A 72 4.57 3.96 8.08
C VAL A 72 5.76 3.41 7.30
N ARG A 73 6.96 3.75 7.73
CA ARG A 73 8.18 3.28 7.07
C ARG A 73 8.12 1.78 6.84
N GLN A 74 8.04 1.02 7.92
CA GLN A 74 7.97 -0.44 7.82
C GLN A 74 6.83 -0.88 6.92
N LEU A 75 5.73 -0.12 6.95
CA LEU A 75 4.57 -0.44 6.13
C LEU A 75 4.94 -0.53 4.66
N LEU A 76 5.73 0.44 4.19
CA LEU A 76 6.16 0.47 2.80
C LEU A 76 7.24 -0.58 2.54
N ASP A 77 8.08 -0.81 3.55
CA ASP A 77 9.16 -1.79 3.43
C ASP A 77 8.59 -3.20 3.26
N THR A 78 7.51 -3.48 3.97
CA THR A 78 6.88 -4.79 3.91
C THR A 78 6.09 -4.96 2.61
N SER A 79 5.59 -3.85 2.08
CA SER A 79 4.82 -3.88 0.85
C SER A 79 5.58 -4.62 -0.26
N ASP A 80 6.86 -4.32 -0.38
CA ASP A 80 7.70 -4.94 -1.39
C ASP A 80 7.67 -6.46 -1.25
N ILE A 81 7.40 -6.93 -0.03
CA ILE A 81 7.35 -8.36 0.24
C ILE A 81 5.97 -8.94 -0.11
N GLN A 82 4.94 -8.13 0.08
CA GLN A 82 3.58 -8.55 -0.23
C GLN A 82 3.33 -8.58 -1.73
N GLY A 83 3.16 -7.40 -2.31
CA GLY A 83 2.91 -7.30 -3.74
C GLY A 83 2.52 -5.90 -4.17
N GLU A 84 2.16 -5.75 -5.44
CA GLU A 84 1.76 -4.46 -5.97
C GLU A 84 0.47 -3.96 -5.31
N GLU A 85 -0.41 -4.90 -4.98
CA GLU A 85 -1.68 -4.56 -4.34
C GLU A 85 -1.44 -3.73 -3.07
N PHE A 86 -0.56 -4.22 -2.21
CA PHE A 86 -0.25 -3.53 -0.96
C PHE A 86 0.10 -2.07 -1.22
N ALA A 87 1.03 -1.84 -2.15
CA ALA A 87 1.47 -0.50 -2.49
C ALA A 87 0.32 0.30 -3.10
N ARG A 88 -0.36 -0.29 -4.08
CA ARG A 88 -1.48 0.37 -4.75
C ARG A 88 -2.48 0.89 -3.73
N VAL A 89 -2.63 0.17 -2.62
CA VAL A 89 -3.56 0.55 -1.57
C VAL A 89 -3.15 1.87 -0.93
N ILE A 90 -1.87 1.99 -0.60
CA ILE A 90 -1.34 3.20 0.02
C ILE A 90 -1.56 4.41 -0.87
N VAL A 91 -1.08 4.32 -2.11
CA VAL A 91 -1.24 5.41 -3.07
C VAL A 91 -2.69 5.89 -3.13
N GLN A 92 -3.62 4.96 -2.95
CA GLN A 92 -5.04 5.29 -2.99
C GLN A 92 -5.47 5.98 -1.71
N LYS A 93 -5.06 5.44 -0.57
CA LYS A 93 -5.40 6.01 0.72
C LYS A 93 -5.09 7.50 0.76
N LEU A 94 -3.83 7.84 0.50
CA LEU A 94 -3.39 9.23 0.51
C LEU A 94 -4.32 10.09 -0.35
N LYS A 95 -4.65 9.58 -1.54
CA LYS A 95 -5.53 10.30 -2.45
C LYS A 95 -6.92 10.49 -1.84
N ASP A 96 -7.35 9.51 -1.05
CA ASP A 96 -8.66 9.57 -0.41
C ASP A 96 -8.82 10.87 0.37
N ASN A 97 -7.78 11.26 1.10
CA ASN A 97 -7.81 12.48 1.89
C ASN A 97 -7.21 13.65 1.11
N LYS A 98 -5.89 13.67 1.02
CA LYS A 98 -5.20 14.73 0.29
C LYS A 98 -3.71 14.42 0.16
N GLN A 99 -3.13 14.81 -0.97
CA GLN A 99 -1.72 14.56 -1.24
C GLN A 99 -1.11 15.71 -2.04
N MET A 100 -1.60 16.93 -1.80
CA MET A 100 -1.10 18.10 -2.50
C MET A 100 0.41 18.22 -2.36
N GLY A 101 0.91 17.94 -1.15
CA GLY A 101 2.33 18.02 -0.90
C GLY A 101 3.08 16.78 -1.35
N LEU A 102 2.34 15.69 -1.55
CA LEU A 102 2.94 14.44 -1.99
C LEU A 102 3.08 14.40 -3.51
N GLN A 103 2.17 15.08 -4.20
CA GLN A 103 2.20 15.13 -5.65
C GLN A 103 3.61 15.41 -6.17
N PRO A 104 3.85 15.08 -7.45
CA PRO A 104 2.83 14.50 -8.32
C PRO A 104 2.49 13.06 -7.92
N TYR A 105 1.62 12.43 -8.70
CA TYR A 105 1.19 11.06 -8.42
C TYR A 105 1.29 10.20 -9.68
N PRO A 106 1.27 8.88 -9.49
CA PRO A 106 1.35 7.92 -10.60
C PRO A 106 0.08 7.91 -11.45
N GLU A 107 0.14 7.19 -12.57
CA GLU A 107 -1.00 7.11 -13.47
C GLU A 107 -1.92 5.95 -13.09
N VAL A 108 -1.93 5.61 -11.80
CA VAL A 108 -2.76 4.52 -11.30
C VAL A 108 -3.15 4.76 -9.85
N LEU A 109 -4.33 4.26 -9.48
CA LEU A 109 -4.83 4.41 -8.12
C LEU A 109 -6.20 3.77 -7.96
N LEU A 110 -6.22 2.50 -7.61
CA LEU A 110 -7.47 1.76 -7.42
C LEU A 110 -7.32 0.70 -6.35
N VAL A 111 -8.36 0.55 -5.52
CA VAL A 111 -8.35 -0.44 -4.45
C VAL A 111 -9.74 -1.00 -4.21
N SER A 112 -9.81 -2.30 -3.93
CA SER A 112 -11.08 -2.96 -3.69
C SER A 112 -11.35 -3.11 -2.19
N ARG A 113 -12.60 -2.97 -1.79
CA ARG A 113 -12.99 -3.08 -0.40
C ARG A 113 -13.09 -4.54 0.03
N THR A 114 -13.62 -5.37 -0.87
CA THR A 114 -13.78 -6.79 -0.59
C THR A 114 -14.75 -7.02 0.56
N PRO A 115 -16.05 -6.79 0.29
CA PRO A 115 -17.10 -6.96 1.30
C PRO A 115 -17.34 -8.43 1.65
N SER A 116 -17.16 -9.30 0.66
CA SER A 116 -17.36 -10.73 0.87
C SER A 116 -16.51 -11.23 2.02
N SER A 117 -15.28 -10.73 2.10
CA SER A 117 -14.36 -11.13 3.16
C SER A 117 -14.66 -10.38 4.46
N ASN A 118 -14.92 -11.13 5.52
CA ASN A 118 -15.23 -10.54 6.82
C ASN A 118 -14.07 -9.68 7.31
N VAL A 119 -14.33 -8.87 8.33
CA VAL A 119 -13.31 -8.00 8.90
C VAL A 119 -12.78 -8.54 10.22
N LEU A 120 -11.51 -8.32 10.48
CA LEU A 120 -10.88 -8.79 11.71
C LEU A 120 -10.61 -7.63 12.66
N GLN A 121 -10.32 -7.94 13.91
CA GLN A 121 -10.04 -6.93 14.92
C GLN A 121 -8.58 -6.96 15.34
N ASN A 122 -7.94 -5.79 15.37
CA ASN A 122 -6.54 -5.69 15.74
C ASN A 122 -6.33 -6.15 17.18
N LYS A 123 -5.06 -6.23 17.59
CA LYS A 123 -4.72 -6.66 18.94
C LYS A 123 -3.81 -5.64 19.62
N THR A 124 -4.22 -5.18 20.79
CA THR A 124 -3.44 -4.21 21.55
C THR A 124 -2.42 -4.90 22.45
N LEU A 125 -1.33 -4.19 22.75
CA LEU A 125 -0.28 -4.74 23.60
C LEU A 125 -0.86 -5.25 24.91
N MET A 1 -37.30 14.54 -20.26
CA MET A 1 -36.46 13.50 -20.84
C MET A 1 -35.05 13.55 -20.27
N HIS A 2 -34.25 12.52 -20.57
CA HIS A 2 -32.88 12.45 -20.08
C HIS A 2 -32.01 11.65 -21.04
N HIS A 3 -30.71 11.95 -21.05
CA HIS A 3 -29.77 11.25 -21.92
C HIS A 3 -28.47 10.95 -21.18
N HIS A 4 -28.30 9.69 -20.77
CA HIS A 4 -27.11 9.27 -20.05
C HIS A 4 -26.67 7.88 -20.49
N HIS A 5 -25.39 7.73 -20.79
CA HIS A 5 -24.84 6.45 -21.23
C HIS A 5 -23.41 6.27 -20.72
N HIS A 6 -23.09 5.06 -20.29
CA HIS A 6 -21.75 4.76 -19.79
C HIS A 6 -21.18 3.53 -20.48
N HIS A 7 -19.93 3.19 -20.16
CA HIS A 7 -19.27 2.04 -20.75
C HIS A 7 -18.10 1.58 -19.88
N GLY A 8 -17.70 0.32 -20.04
CA GLY A 8 -16.60 -0.21 -19.27
C GLY A 8 -15.69 -1.10 -20.10
N SER A 9 -14.45 -0.65 -20.29
CA SER A 9 -13.48 -1.41 -21.07
C SER A 9 -12.74 -2.41 -20.20
N GLY A 10 -12.22 -1.94 -19.07
CA GLY A 10 -11.49 -2.80 -18.16
C GLY A 10 -10.05 -3.00 -18.57
N SER A 11 -9.30 -3.75 -17.76
CA SER A 11 -7.89 -4.00 -18.05
C SER A 11 -7.47 -5.37 -17.51
N GLY A 12 -6.50 -5.97 -18.18
CA GLY A 12 -6.01 -7.28 -17.76
C GLY A 12 -4.50 -7.35 -17.68
N LEU A 13 -3.97 -7.43 -16.47
CA LEU A 13 -2.53 -7.50 -16.26
C LEU A 13 -2.20 -8.41 -15.08
N VAL A 14 -0.89 -8.61 -14.85
CA VAL A 14 -0.44 -9.46 -13.76
C VAL A 14 0.43 -8.67 -12.78
N PRO A 15 -0.24 -7.86 -11.92
CA PRO A 15 0.46 -7.05 -10.92
C PRO A 15 1.07 -7.89 -9.81
N ARG A 16 2.39 -8.06 -9.87
CA ARG A 16 3.10 -8.84 -8.87
C ARG A 16 4.50 -8.28 -8.62
N GLY A 17 4.87 -8.13 -7.36
CA GLY A 17 6.17 -7.59 -7.02
C GLY A 17 6.19 -6.08 -6.97
N SER A 18 7.36 -5.50 -7.21
CA SER A 18 7.52 -4.05 -7.20
C SER A 18 7.19 -3.45 -8.56
N GLY A 19 6.11 -2.66 -8.62
CA GLY A 19 5.72 -2.04 -9.86
C GLY A 19 5.65 -0.53 -9.77
N ILE A 20 4.69 0.06 -10.47
CA ILE A 20 4.52 1.51 -10.45
C ILE A 20 4.32 2.03 -9.04
N ALA A 21 3.20 1.63 -8.43
CA ALA A 21 2.88 2.05 -7.07
C ALA A 21 4.07 1.83 -6.13
N GLN A 22 4.53 0.57 -6.06
CA GLN A 22 5.66 0.23 -5.20
C GLN A 22 6.84 1.15 -5.46
N GLN A 23 7.14 1.38 -6.73
CA GLN A 23 8.26 2.24 -7.11
C GLN A 23 8.01 3.68 -6.68
N TRP A 24 6.76 4.11 -6.78
CA TRP A 24 6.38 5.47 -6.40
C TRP A 24 6.56 5.68 -4.89
N ILE A 25 6.02 4.75 -4.10
CA ILE A 25 6.13 4.83 -2.66
C ILE A 25 7.56 5.10 -2.21
N GLN A 26 8.46 4.18 -2.58
CA GLN A 26 9.87 4.32 -2.22
C GLN A 26 10.42 5.66 -2.70
N SER A 27 9.85 6.19 -3.78
CA SER A 27 10.29 7.45 -4.34
C SER A 27 9.84 8.62 -3.46
N LYS A 28 8.59 8.58 -3.03
CA LYS A 28 8.03 9.63 -2.18
C LYS A 28 7.81 9.12 -0.76
N ARG A 29 8.71 8.28 -0.29
CA ARG A 29 8.61 7.71 1.06
C ARG A 29 8.77 8.80 2.11
N GLU A 30 9.67 9.75 1.85
CA GLU A 30 9.92 10.84 2.78
C GLU A 30 8.69 11.72 2.93
N ALA A 31 7.92 11.85 1.85
CA ALA A 31 6.71 12.66 1.86
C ALA A 31 5.52 11.86 2.39
N ILE A 32 5.41 10.62 1.94
CA ILE A 32 4.31 9.75 2.37
C ILE A 32 4.36 9.51 3.87
N VAL A 33 5.56 9.30 4.39
CA VAL A 33 5.75 9.06 5.82
C VAL A 33 5.56 10.34 6.63
N SER A 34 5.99 11.45 6.05
CA SER A 34 5.87 12.75 6.72
C SER A 34 4.43 13.25 6.67
N GLN A 35 3.68 12.78 5.68
CA GLN A 35 2.28 13.19 5.52
C GLN A 35 1.35 12.20 6.21
N MET A 36 1.38 10.96 5.75
CA MET A 36 0.54 9.92 6.33
C MET A 36 0.69 9.86 7.84
N THR A 37 -0.27 10.44 8.56
CA THR A 37 -0.24 10.46 10.01
C THR A 37 -0.64 9.11 10.59
N GLU A 38 -0.80 9.05 11.90
CA GLU A 38 -1.18 7.82 12.58
C GLU A 38 -2.58 7.38 12.17
N ALA A 39 -3.45 8.36 11.93
CA ALA A 39 -4.82 8.06 11.53
C ALA A 39 -4.87 7.42 10.14
N CYS A 40 -4.17 8.03 9.19
CA CYS A 40 -4.13 7.51 7.82
C CYS A 40 -3.34 6.21 7.76
N LEU A 41 -2.26 6.13 8.52
CA LEU A 41 -1.42 4.94 8.55
C LEU A 41 -2.23 3.71 8.96
N ASN A 42 -2.93 3.84 10.08
CA ASN A 42 -3.76 2.74 10.59
C ASN A 42 -4.90 2.43 9.64
N GLN A 43 -5.45 3.48 9.02
CA GLN A 43 -6.56 3.32 8.09
C GLN A 43 -6.15 2.45 6.90
N SER A 44 -5.02 2.78 6.30
CA SER A 44 -4.52 2.03 5.15
C SER A 44 -4.40 0.55 5.48
N LEU A 45 -3.84 0.26 6.65
CA LEU A 45 -3.67 -1.12 7.08
C LEU A 45 -5.01 -1.83 7.22
N ASP A 46 -6.02 -1.10 7.64
CA ASP A 46 -7.36 -1.65 7.81
C ASP A 46 -7.87 -2.24 6.50
N ALA A 47 -7.84 -1.44 5.43
CA ALA A 47 -8.29 -1.88 4.13
C ALA A 47 -7.54 -3.14 3.68
N LEU A 48 -6.25 -3.18 3.97
CA LEU A 48 -5.42 -4.32 3.61
C LEU A 48 -5.97 -5.61 4.23
N LEU A 49 -6.38 -5.52 5.48
CA LEU A 49 -6.92 -6.68 6.19
C LEU A 49 -8.14 -7.23 5.47
N SER A 50 -9.13 -6.38 5.21
CA SER A 50 -10.34 -6.78 4.53
C SER A 50 -10.02 -7.41 3.18
N ARG A 51 -8.97 -6.92 2.53
CA ARG A 51 -8.56 -7.44 1.23
C ARG A 51 -7.67 -8.67 1.40
N ASP A 52 -7.25 -8.93 2.62
CA ASP A 52 -6.40 -10.08 2.91
C ASP A 52 -5.04 -9.93 2.24
N LEU A 53 -4.50 -8.72 2.28
CA LEU A 53 -3.19 -8.44 1.68
C LEU A 53 -2.09 -8.47 2.72
N ILE A 54 -2.41 -8.00 3.92
CA ILE A 54 -1.44 -7.98 5.02
C ILE A 54 -1.70 -9.12 6.01
N MET A 55 -0.64 -9.85 6.35
CA MET A 55 -0.75 -10.95 7.29
C MET A 55 -0.85 -10.44 8.72
N LYS A 56 -1.70 -11.08 9.52
CA LYS A 56 -1.89 -10.69 10.92
C LYS A 56 -0.54 -10.59 11.63
N GLU A 57 0.31 -11.60 11.43
CA GLU A 57 1.63 -11.62 12.06
C GLU A 57 2.42 -10.38 11.68
N ASP A 58 2.24 -9.91 10.45
CA ASP A 58 2.94 -8.73 9.97
C ASP A 58 2.36 -7.45 10.58
N TYR A 59 1.05 -7.46 10.78
CA TYR A 59 0.37 -6.30 11.36
C TYR A 59 0.89 -6.01 12.76
N GLU A 60 1.05 -7.06 13.56
CA GLU A 60 1.53 -6.92 14.92
C GLU A 60 2.93 -6.29 14.95
N LEU A 61 3.78 -6.72 14.01
CA LEU A 61 5.14 -6.19 13.93
C LEU A 61 5.13 -4.68 13.81
N ILE A 62 4.47 -4.17 12.78
CA ILE A 62 4.39 -2.73 12.56
C ILE A 62 3.58 -2.05 13.65
N SER A 63 2.58 -2.76 14.17
CA SER A 63 1.73 -2.23 15.23
C SER A 63 2.53 -1.99 16.51
N THR A 64 3.56 -2.81 16.71
CA THR A 64 4.40 -2.69 17.90
C THR A 64 5.64 -1.85 17.60
N LYS A 65 5.49 -0.86 16.73
CA LYS A 65 6.59 0.01 16.37
C LYS A 65 6.87 1.03 17.47
N PRO A 66 8.08 1.59 17.47
CA PRO A 66 8.49 2.59 18.46
C PRO A 66 7.76 3.91 18.30
N THR A 67 7.70 4.41 17.07
CA THR A 67 7.02 5.67 16.79
C THR A 67 6.08 5.53 15.60
N ARG A 68 5.01 6.31 15.61
CA ARG A 68 4.03 6.28 14.52
C ARG A 68 4.71 6.44 13.17
N THR A 69 5.58 7.44 13.08
CA THR A 69 6.29 7.72 11.84
C THR A 69 6.98 6.46 11.30
N ALA A 70 7.51 5.66 12.21
CA ALA A 70 8.19 4.42 11.84
C ALA A 70 7.21 3.43 11.21
N LYS A 71 6.01 3.35 11.78
CA LYS A 71 4.98 2.44 11.28
C LYS A 71 4.80 2.60 9.78
N VAL A 72 4.68 3.84 9.33
CA VAL A 72 4.52 4.13 7.91
C VAL A 72 5.67 3.58 7.09
N ARG A 73 6.89 3.99 7.45
CA ARG A 73 8.09 3.54 6.74
C ARG A 73 8.10 2.02 6.61
N GLN A 74 8.00 1.33 7.75
CA GLN A 74 8.01 -0.11 7.76
C GLN A 74 6.92 -0.67 6.84
N LEU A 75 5.81 0.04 6.75
CA LEU A 75 4.70 -0.38 5.91
C LEU A 75 5.11 -0.42 4.44
N LEU A 76 5.93 0.54 4.05
CA LEU A 76 6.40 0.63 2.66
C LEU A 76 7.43 -0.46 2.38
N ASP A 77 8.29 -0.72 3.35
CA ASP A 77 9.33 -1.74 3.20
C ASP A 77 8.70 -3.13 3.06
N THR A 78 7.66 -3.39 3.82
CA THR A 78 6.97 -4.68 3.78
C THR A 78 6.11 -4.80 2.52
N SER A 79 5.55 -3.67 2.09
CA SER A 79 4.70 -3.65 0.91
C SER A 79 5.41 -4.28 -0.28
N ASP A 80 6.69 -3.98 -0.43
CA ASP A 80 7.49 -4.52 -1.52
C ASP A 80 7.61 -6.03 -1.42
N ILE A 81 7.48 -6.55 -0.19
CA ILE A 81 7.58 -7.99 0.05
C ILE A 81 6.25 -8.68 -0.23
N GLN A 82 5.15 -7.97 0.02
CA GLN A 82 3.82 -8.52 -0.20
C GLN A 82 3.49 -8.56 -1.68
N GLY A 83 3.21 -7.40 -2.26
CA GLY A 83 2.88 -7.33 -3.67
C GLY A 83 2.53 -5.92 -4.12
N GLU A 84 2.25 -5.77 -5.41
CA GLU A 84 1.90 -4.47 -5.96
C GLU A 84 0.61 -3.93 -5.34
N GLU A 85 -0.32 -4.84 -5.04
CA GLU A 85 -1.59 -4.47 -4.45
C GLU A 85 -1.38 -3.74 -3.13
N PHE A 86 -0.54 -4.31 -2.27
CA PHE A 86 -0.25 -3.71 -0.97
C PHE A 86 0.15 -2.25 -1.12
N ALA A 87 1.18 -2.01 -1.93
CA ALA A 87 1.67 -0.65 -2.16
C ALA A 87 0.61 0.19 -2.87
N ARG A 88 -0.15 -0.43 -3.77
CA ARG A 88 -1.18 0.26 -4.52
C ARG A 88 -2.26 0.80 -3.57
N VAL A 89 -2.48 0.09 -2.48
CA VAL A 89 -3.48 0.50 -1.49
C VAL A 89 -3.11 1.83 -0.84
N ILE A 90 -1.82 2.01 -0.59
CA ILE A 90 -1.33 3.25 0.02
C ILE A 90 -1.54 4.44 -0.90
N VAL A 91 -0.97 4.37 -2.09
CA VAL A 91 -1.10 5.44 -3.08
C VAL A 91 -2.56 5.86 -3.24
N GLN A 92 -3.46 4.89 -3.17
CA GLN A 92 -4.89 5.15 -3.31
C GLN A 92 -5.46 5.79 -2.05
N LYS A 93 -5.07 5.24 -0.90
CA LYS A 93 -5.54 5.76 0.39
C LYS A 93 -5.18 7.24 0.54
N LEU A 94 -3.91 7.56 0.32
CA LEU A 94 -3.43 8.92 0.44
C LEU A 94 -4.31 9.88 -0.37
N LYS A 95 -4.42 9.61 -1.66
CA LYS A 95 -5.22 10.43 -2.55
C LYS A 95 -6.69 10.41 -2.13
N ASP A 96 -7.12 9.30 -1.57
CA ASP A 96 -8.50 9.15 -1.12
C ASP A 96 -8.92 10.34 -0.26
N ASN A 97 -7.98 10.88 0.50
CA ASN A 97 -8.26 12.02 1.36
C ASN A 97 -7.80 13.33 0.71
N LYS A 98 -6.50 13.61 0.79
CA LYS A 98 -5.95 14.81 0.21
C LYS A 98 -4.46 14.93 0.52
N GLN A 99 -3.63 14.89 -0.51
CA GLN A 99 -2.18 15.00 -0.34
C GLN A 99 -1.55 15.74 -1.51
N MET A 100 -1.61 17.07 -1.46
CA MET A 100 -1.04 17.90 -2.51
C MET A 100 0.48 17.93 -2.42
N GLY A 101 0.99 17.87 -1.19
CA GLY A 101 2.43 17.89 -0.98
C GLY A 101 3.10 16.63 -1.45
N LEU A 102 2.31 15.58 -1.68
CA LEU A 102 2.84 14.31 -2.14
C LEU A 102 3.04 14.30 -3.64
N GLN A 103 2.17 15.02 -4.36
CA GLN A 103 2.25 15.09 -5.81
C GLN A 103 3.65 15.50 -6.26
N PRO A 104 3.96 15.25 -7.54
CA PRO A 104 3.02 14.62 -8.47
C PRO A 104 2.76 13.16 -8.15
N TYR A 105 1.65 12.62 -8.67
CA TYR A 105 1.30 11.24 -8.43
C TYR A 105 1.56 10.39 -9.67
N PRO A 106 1.57 9.06 -9.49
CA PRO A 106 1.81 8.11 -10.58
C PRO A 106 0.65 8.06 -11.57
N GLU A 107 0.86 7.38 -12.69
CA GLU A 107 -0.17 7.26 -13.72
C GLU A 107 -1.06 6.04 -13.45
N VAL A 108 -1.26 5.73 -12.18
CA VAL A 108 -2.09 4.59 -11.80
C VAL A 108 -2.75 4.83 -10.45
N LEU A 109 -4.07 4.61 -10.41
CA LEU A 109 -4.83 4.81 -9.18
C LEU A 109 -6.15 4.04 -9.23
N LEU A 110 -6.11 2.77 -8.87
CA LEU A 110 -7.30 1.93 -8.87
C LEU A 110 -7.23 0.85 -7.80
N VAL A 111 -8.32 0.14 -7.59
CA VAL A 111 -8.38 -0.92 -6.60
C VAL A 111 -8.12 -2.29 -7.23
N SER A 112 -7.52 -3.19 -6.46
CA SER A 112 -7.22 -4.52 -6.95
C SER A 112 -8.46 -5.18 -7.55
N ARG A 113 -9.59 -5.05 -6.85
CA ARG A 113 -10.84 -5.63 -7.31
C ARG A 113 -11.71 -4.58 -7.98
N THR A 114 -12.89 -5.00 -8.44
CA THR A 114 -13.82 -4.09 -9.10
C THR A 114 -15.08 -4.82 -9.54
N PRO A 115 -14.91 -5.84 -10.39
CA PRO A 115 -16.01 -6.65 -10.90
C PRO A 115 -16.65 -7.51 -9.83
N SER A 116 -17.73 -8.19 -10.19
CA SER A 116 -18.44 -9.07 -9.26
C SER A 116 -17.50 -10.12 -8.67
N SER A 117 -17.33 -10.09 -7.36
CA SER A 117 -16.46 -11.06 -6.68
C SER A 117 -17.10 -11.56 -5.40
N ASN A 118 -16.46 -12.54 -4.77
CA ASN A 118 -16.96 -13.11 -3.53
C ASN A 118 -16.02 -12.82 -2.37
N VAL A 119 -16.60 -12.49 -1.21
CA VAL A 119 -15.81 -12.18 -0.03
C VAL A 119 -14.89 -13.34 0.33
N LEU A 120 -13.64 -13.02 0.69
CA LEU A 120 -12.66 -14.03 1.06
C LEU A 120 -11.72 -13.50 2.13
N GLN A 121 -11.65 -14.20 3.26
CA GLN A 121 -10.79 -13.81 4.36
C GLN A 121 -10.37 -15.01 5.19
N ASN A 122 -9.10 -15.39 5.10
CA ASN A 122 -8.58 -16.52 5.84
C ASN A 122 -8.24 -16.13 7.28
N LYS A 123 -8.75 -16.90 8.24
CA LYS A 123 -8.50 -16.63 9.65
C LYS A 123 -7.21 -17.30 10.10
N THR A 124 -6.36 -16.53 10.78
CA THR A 124 -5.09 -17.04 11.27
C THR A 124 -5.29 -17.83 12.57
N LEU A 125 -5.88 -17.18 13.56
CA LEU A 125 -6.12 -17.83 14.85
C LEU A 125 -7.57 -18.29 14.96
N MET A 1 -29.90 -14.30 3.07
CA MET A 1 -30.67 -14.99 2.03
C MET A 1 -30.12 -14.67 0.65
N HIS A 2 -29.77 -13.41 0.42
CA HIS A 2 -29.23 -12.98 -0.87
C HIS A 2 -27.71 -12.80 -0.78
N HIS A 3 -27.01 -13.90 -0.51
CA HIS A 3 -25.55 -13.86 -0.41
C HIS A 3 -24.92 -14.80 -1.43
N HIS A 4 -23.83 -14.34 -2.04
CA HIS A 4 -23.12 -15.13 -3.04
C HIS A 4 -21.66 -14.69 -3.15
N HIS A 5 -20.83 -15.57 -3.70
CA HIS A 5 -19.40 -15.28 -3.85
C HIS A 5 -18.93 -15.62 -5.27
N HIS A 6 -17.96 -14.87 -5.76
CA HIS A 6 -17.42 -15.10 -7.09
C HIS A 6 -15.95 -15.53 -7.02
N HIS A 7 -15.41 -15.93 -8.16
CA HIS A 7 -14.01 -16.37 -8.23
C HIS A 7 -13.30 -15.74 -9.43
N GLY A 8 -12.02 -16.03 -9.57
CA GLY A 8 -11.25 -15.48 -10.67
C GLY A 8 -10.04 -16.34 -11.01
N SER A 9 -9.15 -15.80 -11.85
CA SER A 9 -7.95 -16.52 -12.25
C SER A 9 -7.11 -16.89 -11.05
N GLY A 10 -6.25 -17.90 -11.23
CA GLY A 10 -5.39 -18.34 -10.15
C GLY A 10 -3.96 -18.53 -10.59
N SER A 11 -3.77 -19.21 -11.72
CA SER A 11 -2.44 -19.45 -12.24
C SER A 11 -1.93 -18.26 -13.05
N GLY A 12 -0.93 -17.57 -12.51
CA GLY A 12 -0.38 -16.42 -13.18
C GLY A 12 -0.71 -15.11 -12.48
N LEU A 13 0.05 -14.08 -12.78
CA LEU A 13 -0.16 -12.76 -12.17
C LEU A 13 0.02 -12.83 -10.65
N VAL A 14 1.06 -13.52 -10.22
CA VAL A 14 1.35 -13.66 -8.80
C VAL A 14 1.35 -12.30 -8.10
N PRO A 15 1.10 -12.31 -6.78
CA PRO A 15 1.07 -11.08 -5.97
C PRO A 15 2.45 -10.46 -5.81
N ARG A 16 3.46 -11.31 -5.70
CA ARG A 16 4.83 -10.84 -5.53
C ARG A 16 5.40 -10.34 -6.85
N GLY A 17 5.96 -9.13 -6.83
CA GLY A 17 6.53 -8.55 -8.04
C GLY A 17 6.53 -7.04 -8.01
N SER A 18 7.41 -6.44 -8.81
CA SER A 18 7.51 -4.99 -8.87
C SER A 18 6.22 -4.37 -9.40
N GLY A 19 6.11 -3.05 -9.29
CA GLY A 19 4.93 -2.36 -9.77
C GLY A 19 5.04 -0.85 -9.66
N ILE A 20 4.34 -0.14 -10.53
CA ILE A 20 4.37 1.32 -10.52
C ILE A 20 4.18 1.87 -9.12
N ALA A 21 3.02 1.58 -8.52
CA ALA A 21 2.72 2.04 -7.18
C ALA A 21 3.86 1.73 -6.22
N GLN A 22 4.30 0.47 -6.22
CA GLN A 22 5.39 0.05 -5.35
C GLN A 22 6.63 0.91 -5.55
N GLN A 23 7.04 1.06 -6.81
CA GLN A 23 8.21 1.86 -7.14
C GLN A 23 8.01 3.32 -6.72
N TRP A 24 6.79 3.81 -6.91
CA TRP A 24 6.47 5.19 -6.56
C TRP A 24 6.55 5.40 -5.05
N ILE A 25 6.04 4.44 -4.29
CA ILE A 25 6.07 4.54 -2.83
C ILE A 25 7.49 4.75 -2.32
N GLN A 26 8.37 3.81 -2.64
CA GLN A 26 9.76 3.90 -2.22
C GLN A 26 10.38 5.22 -2.66
N SER A 27 9.88 5.79 -3.74
CA SER A 27 10.37 7.06 -4.26
C SER A 27 9.88 8.22 -3.42
N LYS A 28 8.62 8.17 -3.02
CA LYS A 28 8.03 9.22 -2.21
C LYS A 28 7.76 8.73 -0.79
N ARG A 29 8.64 7.86 -0.29
CA ARG A 29 8.50 7.31 1.06
C ARG A 29 8.64 8.40 2.10
N GLU A 30 9.53 9.36 1.84
CA GLU A 30 9.76 10.46 2.77
C GLU A 30 8.52 11.34 2.90
N ALA A 31 7.76 11.43 1.81
CA ALA A 31 6.54 12.24 1.79
C ALA A 31 5.35 11.45 2.33
N ILE A 32 5.24 10.19 1.90
CA ILE A 32 4.16 9.33 2.33
C ILE A 32 4.13 9.20 3.85
N VAL A 33 5.32 9.09 4.45
CA VAL A 33 5.43 8.96 5.90
C VAL A 33 5.18 10.29 6.59
N SER A 34 5.70 11.36 6.01
CA SER A 34 5.54 12.69 6.58
C SER A 34 4.10 13.18 6.42
N GLN A 35 3.39 12.60 5.45
CA GLN A 35 2.01 12.97 5.19
C GLN A 35 1.05 12.04 5.94
N MET A 36 1.15 10.75 5.66
CA MET A 36 0.29 9.76 6.31
C MET A 36 0.29 9.95 7.82
N THR A 37 -0.77 10.55 8.34
CA THR A 37 -0.89 10.79 9.77
C THR A 37 -1.27 9.52 10.52
N GLU A 38 -1.57 9.66 11.80
CA GLU A 38 -1.95 8.51 12.62
C GLU A 38 -3.27 7.92 12.16
N ALA A 39 -4.16 8.78 11.67
CA ALA A 39 -5.46 8.34 11.19
C ALA A 39 -5.35 7.64 9.84
N CYS A 40 -4.54 8.20 8.96
CA CYS A 40 -4.34 7.63 7.63
C CYS A 40 -3.65 6.27 7.73
N LEU A 41 -2.75 6.14 8.69
CA LEU A 41 -2.02 4.89 8.89
C LEU A 41 -2.98 3.74 9.19
N ASN A 42 -3.71 3.85 10.28
CA ASN A 42 -4.66 2.82 10.68
C ASN A 42 -5.69 2.58 9.57
N GLN A 43 -6.10 3.66 8.91
CA GLN A 43 -7.08 3.55 7.83
C GLN A 43 -6.61 2.56 6.77
N SER A 44 -5.41 2.80 6.24
CA SER A 44 -4.85 1.93 5.20
C SER A 44 -4.73 0.50 5.70
N LEU A 45 -4.13 0.34 6.88
CA LEU A 45 -3.96 -0.99 7.46
C LEU A 45 -5.29 -1.73 7.54
N ASP A 46 -6.37 -0.99 7.79
CA ASP A 46 -7.69 -1.58 7.89
C ASP A 46 -8.14 -2.15 6.55
N ALA A 47 -7.89 -1.41 5.47
CA ALA A 47 -8.26 -1.83 4.13
C ALA A 47 -7.47 -3.08 3.73
N LEU A 48 -6.18 -3.10 4.05
CA LEU A 48 -5.33 -4.23 3.73
C LEU A 48 -5.93 -5.54 4.23
N LEU A 49 -6.23 -5.58 5.53
CA LEU A 49 -6.81 -6.77 6.14
C LEU A 49 -8.08 -7.19 5.40
N SER A 50 -8.91 -6.21 5.05
CA SER A 50 -10.15 -6.49 4.36
C SER A 50 -9.91 -7.35 3.11
N ARG A 51 -8.94 -6.95 2.30
CA ARG A 51 -8.60 -7.67 1.09
C ARG A 51 -7.48 -8.68 1.36
N ASP A 52 -7.25 -8.98 2.64
CA ASP A 52 -6.21 -9.92 3.03
C ASP A 52 -4.92 -9.65 2.27
N LEU A 53 -4.46 -8.40 2.30
CA LEU A 53 -3.24 -8.01 1.61
C LEU A 53 -2.05 -8.05 2.56
N ILE A 54 -2.28 -7.64 3.81
CA ILE A 54 -1.22 -7.64 4.82
C ILE A 54 -1.35 -8.84 5.75
N MET A 55 -0.22 -9.51 5.99
CA MET A 55 -0.22 -10.68 6.88
C MET A 55 -0.31 -10.25 8.34
N LYS A 56 -1.10 -10.99 9.12
CA LYS A 56 -1.28 -10.69 10.53
C LYS A 56 0.07 -10.53 11.23
N GLU A 57 0.98 -11.44 10.96
CA GLU A 57 2.31 -11.39 11.56
C GLU A 57 3.00 -10.07 11.26
N ASP A 58 2.74 -9.54 10.07
CA ASP A 58 3.33 -8.27 9.65
C ASP A 58 2.68 -7.10 10.37
N TYR A 59 1.37 -7.22 10.62
CA TYR A 59 0.62 -6.17 11.29
C TYR A 59 1.15 -5.95 12.70
N GLU A 60 1.37 -7.05 13.42
CA GLU A 60 1.86 -6.97 14.79
C GLU A 60 3.24 -6.32 14.83
N LEU A 61 4.10 -6.69 13.88
CA LEU A 61 5.45 -6.15 13.81
C LEU A 61 5.42 -4.63 13.77
N ILE A 62 4.75 -4.08 12.77
CA ILE A 62 4.63 -2.64 12.61
C ILE A 62 3.85 -2.01 13.76
N SER A 63 2.88 -2.77 14.28
CA SER A 63 2.05 -2.29 15.38
C SER A 63 2.89 -2.07 16.63
N THR A 64 3.97 -2.84 16.77
CA THR A 64 4.85 -2.73 17.92
C THR A 64 6.02 -1.80 17.62
N LYS A 65 5.80 -0.82 16.74
CA LYS A 65 6.84 0.13 16.38
C LYS A 65 7.06 1.16 17.49
N PRO A 66 8.23 1.80 17.47
CA PRO A 66 8.59 2.82 18.46
C PRO A 66 7.76 4.09 18.31
N THR A 67 7.67 4.60 17.08
CA THR A 67 6.90 5.80 16.80
C THR A 67 5.98 5.61 15.60
N ARG A 68 4.94 6.43 15.54
CA ARG A 68 3.98 6.35 14.45
C ARG A 68 4.67 6.55 13.10
N THR A 69 5.49 7.58 13.02
CA THR A 69 6.21 7.89 11.79
C THR A 69 6.96 6.66 11.27
N ALA A 70 7.41 5.82 12.18
CA ALA A 70 8.14 4.61 11.81
C ALA A 70 7.19 3.56 11.24
N LYS A 71 6.00 3.47 11.81
CA LYS A 71 5.00 2.51 11.36
C LYS A 71 4.79 2.61 9.85
N VAL A 72 4.66 3.84 9.36
CA VAL A 72 4.46 4.08 7.94
C VAL A 72 5.64 3.58 7.12
N ARG A 73 6.83 4.04 7.46
CA ARG A 73 8.05 3.64 6.77
C ARG A 73 8.13 2.12 6.67
N GLN A 74 8.09 1.45 7.81
CA GLN A 74 8.17 0.00 7.85
C GLN A 74 7.11 -0.63 6.96
N LEU A 75 5.96 0.03 6.88
CA LEU A 75 4.85 -0.47 6.06
C LEU A 75 5.23 -0.48 4.59
N LEU A 76 5.93 0.57 4.15
CA LEU A 76 6.35 0.67 2.75
C LEU A 76 7.41 -0.39 2.43
N ASP A 77 8.31 -0.63 3.37
CA ASP A 77 9.37 -1.62 3.19
C ASP A 77 8.79 -3.02 3.06
N THR A 78 7.72 -3.28 3.82
CA THR A 78 7.08 -4.59 3.80
C THR A 78 6.24 -4.77 2.54
N SER A 79 5.71 -3.66 2.03
CA SER A 79 4.88 -3.69 0.82
C SER A 79 5.61 -4.42 -0.31
N ASP A 80 6.89 -4.10 -0.49
CA ASP A 80 7.69 -4.73 -1.54
C ASP A 80 7.70 -6.24 -1.38
N ILE A 81 7.47 -6.71 -0.15
CA ILE A 81 7.45 -8.14 0.13
C ILE A 81 6.09 -8.74 -0.18
N GLN A 82 5.05 -7.96 0.03
CA GLN A 82 3.68 -8.41 -0.23
C GLN A 82 3.40 -8.45 -1.72
N GLY A 83 3.19 -7.29 -2.32
CA GLY A 83 2.90 -7.21 -3.73
C GLY A 83 2.50 -5.82 -4.17
N GLU A 84 2.13 -5.69 -5.45
CA GLU A 84 1.72 -4.39 -5.99
C GLU A 84 0.45 -3.90 -5.31
N GLU A 85 -0.44 -4.82 -4.99
CA GLU A 85 -1.70 -4.47 -4.33
C GLU A 85 -1.45 -3.68 -3.05
N PHE A 86 -0.60 -4.23 -2.18
CA PHE A 86 -0.28 -3.58 -0.92
C PHE A 86 0.12 -2.12 -1.15
N ALA A 87 1.02 -1.91 -2.11
CA ALA A 87 1.49 -0.56 -2.43
C ALA A 87 0.37 0.29 -2.99
N ARG A 88 -0.30 -0.23 -4.01
CA ARG A 88 -1.41 0.49 -4.65
C ARG A 88 -2.41 0.98 -3.60
N VAL A 89 -2.55 0.21 -2.53
CA VAL A 89 -3.48 0.56 -1.46
C VAL A 89 -3.07 1.88 -0.78
N ILE A 90 -1.77 2.04 -0.56
CA ILE A 90 -1.25 3.24 0.07
C ILE A 90 -1.46 4.47 -0.82
N VAL A 91 -0.88 4.42 -2.02
CA VAL A 91 -1.00 5.52 -2.97
C VAL A 91 -2.46 5.94 -3.13
N GLN A 92 -3.36 4.96 -3.09
CA GLN A 92 -4.78 5.23 -3.24
C GLN A 92 -5.36 5.83 -1.96
N LYS A 93 -5.12 5.17 -0.83
CA LYS A 93 -5.61 5.62 0.45
C LYS A 93 -5.25 7.10 0.68
N LEU A 94 -3.98 7.43 0.45
CA LEU A 94 -3.50 8.80 0.63
C LEU A 94 -4.32 9.77 -0.22
N LYS A 95 -4.21 9.62 -1.53
CA LYS A 95 -4.95 10.49 -2.46
C LYS A 95 -6.43 10.52 -2.12
N ASP A 96 -6.93 9.41 -1.57
CA ASP A 96 -8.34 9.31 -1.20
C ASP A 96 -8.78 10.51 -0.37
N ASN A 97 -7.88 10.98 0.50
CA ASN A 97 -8.17 12.12 1.35
C ASN A 97 -7.67 13.41 0.72
N LYS A 98 -6.38 13.69 0.89
CA LYS A 98 -5.77 14.90 0.34
C LYS A 98 -4.32 15.02 0.79
N GLN A 99 -3.40 15.02 -0.17
CA GLN A 99 -1.98 15.15 0.12
C GLN A 99 -1.26 15.93 -0.96
N MET A 100 -1.26 17.25 -0.83
CA MET A 100 -0.60 18.12 -1.80
C MET A 100 0.92 18.02 -1.68
N GLY A 101 1.39 17.40 -0.61
CA GLY A 101 2.81 17.25 -0.39
C GLY A 101 3.35 15.94 -0.95
N LEU A 102 2.45 15.07 -1.38
CA LEU A 102 2.83 13.77 -1.94
C LEU A 102 3.17 13.89 -3.42
N GLN A 103 2.40 14.71 -4.13
CA GLN A 103 2.62 14.91 -5.56
C GLN A 103 4.09 15.18 -5.85
N PRO A 104 4.51 14.96 -7.10
CA PRO A 104 3.61 14.47 -8.15
C PRO A 104 3.17 13.03 -7.94
N TYR A 105 2.06 12.65 -8.55
CA TYR A 105 1.53 11.29 -8.41
C TYR A 105 1.77 10.50 -9.70
N PRO A 106 1.67 9.16 -9.59
CA PRO A 106 1.87 8.25 -10.72
C PRO A 106 0.73 8.35 -11.74
N GLU A 107 0.95 7.77 -12.91
CA GLU A 107 -0.06 7.80 -13.97
C GLU A 107 -1.00 6.59 -13.85
N VAL A 108 -1.33 6.23 -12.61
CA VAL A 108 -2.21 5.09 -12.36
C VAL A 108 -2.88 5.22 -11.00
N LEU A 109 -4.21 5.20 -11.00
CA LEU A 109 -4.98 5.31 -9.76
C LEU A 109 -5.81 4.05 -9.53
N LEU A 110 -6.53 3.61 -10.56
CA LEU A 110 -7.36 2.42 -10.46
C LEU A 110 -8.27 2.49 -9.23
N VAL A 111 -9.15 3.49 -9.21
CA VAL A 111 -10.07 3.66 -8.09
C VAL A 111 -11.43 3.05 -8.41
N SER A 112 -11.92 2.21 -7.51
CA SER A 112 -13.21 1.55 -7.69
C SER A 112 -13.97 1.46 -6.37
N ARG A 113 -15.26 1.75 -6.43
CA ARG A 113 -16.10 1.72 -5.23
C ARG A 113 -16.77 0.35 -5.09
N THR A 114 -16.58 -0.27 -3.93
CA THR A 114 -17.17 -1.59 -3.66
C THR A 114 -17.85 -1.61 -2.30
N PRO A 115 -18.77 -2.58 -2.11
CA PRO A 115 -19.52 -2.74 -0.86
C PRO A 115 -18.63 -3.22 0.27
N SER A 116 -18.16 -2.29 1.10
CA SER A 116 -17.31 -2.62 2.23
C SER A 116 -18.00 -3.61 3.16
N SER A 117 -17.57 -4.88 3.08
CA SER A 117 -18.14 -5.92 3.91
C SER A 117 -17.33 -6.11 5.20
N ASN A 118 -17.96 -5.79 6.33
CA ASN A 118 -17.31 -5.92 7.63
C ASN A 118 -17.47 -7.34 8.18
N VAL A 119 -16.37 -8.09 8.17
CA VAL A 119 -16.38 -9.47 8.67
C VAL A 119 -15.76 -9.54 10.06
N LEU A 120 -16.50 -10.11 11.00
CA LEU A 120 -16.01 -10.25 12.38
C LEU A 120 -14.71 -11.03 12.41
N GLN A 121 -13.85 -10.68 13.37
CA GLN A 121 -12.55 -11.35 13.51
C GLN A 121 -12.39 -11.91 14.92
N ASN A 122 -11.62 -12.99 15.03
CA ASN A 122 -11.37 -13.62 16.32
C ASN A 122 -10.07 -13.13 16.94
N LYS A 123 -10.20 -12.27 17.95
CA LYS A 123 -9.03 -11.72 18.64
C LYS A 123 -8.58 -12.64 19.76
N THR A 124 -7.39 -13.21 19.60
CA THR A 124 -6.83 -14.12 20.61
C THR A 124 -5.34 -14.30 20.41
N LEU A 125 -4.66 -14.74 21.47
CA LEU A 125 -3.22 -14.97 21.41
C LEU A 125 -2.90 -16.42 21.08
N MET A 1 -36.98 -15.52 -5.28
CA MET A 1 -36.38 -14.29 -5.76
C MET A 1 -34.91 -14.21 -5.38
N HIS A 2 -34.62 -14.49 -4.11
CA HIS A 2 -33.25 -14.45 -3.61
C HIS A 2 -32.85 -15.80 -3.00
N HIS A 3 -31.71 -16.33 -3.43
CA HIS A 3 -31.22 -17.60 -2.94
C HIS A 3 -29.75 -17.51 -2.54
N HIS A 4 -29.22 -18.61 -2.00
CA HIS A 4 -27.83 -18.64 -1.58
C HIS A 4 -26.89 -18.31 -2.74
N HIS A 5 -25.67 -17.94 -2.42
CA HIS A 5 -24.68 -17.59 -3.43
C HIS A 5 -23.68 -18.73 -3.63
N HIS A 6 -23.29 -18.95 -4.88
CA HIS A 6 -22.33 -20.02 -5.20
C HIS A 6 -20.90 -19.53 -5.02
N HIS A 7 -19.97 -20.47 -4.92
CA HIS A 7 -18.55 -20.14 -4.75
C HIS A 7 -17.75 -20.50 -6.00
N GLY A 8 -16.48 -20.12 -6.01
CA GLY A 8 -15.63 -20.40 -7.15
C GLY A 8 -14.17 -20.47 -6.78
N SER A 9 -13.35 -21.00 -7.69
CA SER A 9 -11.92 -21.12 -7.45
C SER A 9 -11.12 -20.62 -8.65
N GLY A 10 -9.81 -20.48 -8.46
CA GLY A 10 -8.96 -20.02 -9.54
C GLY A 10 -7.62 -19.52 -9.03
N SER A 11 -6.81 -20.44 -8.50
CA SER A 11 -5.50 -20.09 -7.97
C SER A 11 -4.43 -20.21 -9.07
N GLY A 12 -3.46 -19.31 -9.02
CA GLY A 12 -2.39 -19.32 -10.01
C GLY A 12 -1.01 -19.23 -9.38
N LEU A 13 -0.43 -18.04 -9.41
CA LEU A 13 0.89 -17.82 -8.83
C LEU A 13 0.98 -16.44 -8.18
N VAL A 14 1.95 -16.28 -7.28
CA VAL A 14 2.14 -15.01 -6.59
C VAL A 14 2.23 -13.85 -7.58
N PRO A 15 1.91 -12.64 -7.10
CA PRO A 15 1.95 -11.43 -7.92
C PRO A 15 3.37 -11.02 -8.30
N ARG A 16 3.49 -10.22 -9.35
CA ARG A 16 4.80 -9.75 -9.81
C ARG A 16 5.57 -9.10 -8.66
N GLY A 17 6.89 -9.04 -8.82
CA GLY A 17 7.73 -8.43 -7.79
C GLY A 17 7.97 -6.95 -8.03
N SER A 18 6.92 -6.24 -8.43
CA SER A 18 7.03 -4.82 -8.70
C SER A 18 5.66 -4.23 -9.02
N GLY A 19 5.58 -2.89 -9.04
CA GLY A 19 4.34 -2.22 -9.34
C GLY A 19 4.46 -0.72 -9.32
N ILE A 20 3.72 -0.05 -10.19
CA ILE A 20 3.76 1.41 -10.28
C ILE A 20 3.72 2.03 -8.89
N ALA A 21 2.63 1.79 -8.16
CA ALA A 21 2.48 2.33 -6.81
C ALA A 21 3.69 2.00 -5.94
N GLN A 22 4.14 0.76 -6.01
CA GLN A 22 5.29 0.32 -5.22
C GLN A 22 6.50 1.21 -5.49
N GLN A 23 6.87 1.34 -6.76
CA GLN A 23 8.00 2.17 -7.15
C GLN A 23 7.78 3.63 -6.76
N TRP A 24 6.53 4.07 -6.86
CA TRP A 24 6.18 5.45 -6.51
C TRP A 24 6.37 5.70 -5.03
N ILE A 25 5.91 4.77 -4.20
CA ILE A 25 6.03 4.89 -2.75
C ILE A 25 7.46 5.21 -2.35
N GLN A 26 8.39 4.33 -2.70
CA GLN A 26 9.80 4.52 -2.39
C GLN A 26 10.30 5.87 -2.90
N SER A 27 9.65 6.37 -3.94
CA SER A 27 10.03 7.66 -4.52
C SER A 27 9.73 8.80 -3.57
N LYS A 28 8.47 8.89 -3.14
CA LYS A 28 8.05 9.94 -2.22
C LYS A 28 7.80 9.37 -0.83
N ARG A 29 8.64 8.42 -0.42
CA ARG A 29 8.52 7.80 0.89
C ARG A 29 8.75 8.82 2.00
N GLU A 30 9.61 9.79 1.74
CA GLU A 30 9.92 10.83 2.72
C GLU A 30 8.69 11.68 3.03
N ALA A 31 7.88 11.93 2.01
CA ALA A 31 6.66 12.72 2.17
C ALA A 31 5.50 11.85 2.62
N ILE A 32 5.35 10.69 1.99
CA ILE A 32 4.27 9.77 2.33
C ILE A 32 4.30 9.41 3.81
N VAL A 33 5.50 9.34 4.37
CA VAL A 33 5.66 9.01 5.78
C VAL A 33 5.48 10.25 6.66
N SER A 34 5.99 11.38 6.19
CA SER A 34 5.89 12.63 6.94
C SER A 34 4.47 13.20 6.84
N GLN A 35 3.67 12.62 5.95
CA GLN A 35 2.29 13.07 5.75
C GLN A 35 1.30 12.09 6.37
N MET A 36 1.41 10.83 5.97
CA MET A 36 0.52 9.79 6.48
C MET A 36 0.49 9.80 8.01
N THR A 37 -0.56 10.38 8.57
CA THR A 37 -0.72 10.47 10.02
C THR A 37 -1.14 9.12 10.61
N GLU A 38 -1.44 9.11 11.90
CA GLU A 38 -1.88 7.90 12.57
C GLU A 38 -3.20 7.41 12.02
N ALA A 39 -4.06 8.34 11.65
CA ALA A 39 -5.37 8.00 11.10
C ALA A 39 -5.25 7.42 9.69
N CYS A 40 -4.42 8.04 8.87
CA CYS A 40 -4.22 7.58 7.50
C CYS A 40 -3.52 6.22 7.49
N LEU A 41 -2.63 6.00 8.44
CA LEU A 41 -1.90 4.74 8.55
C LEU A 41 -2.84 3.58 8.84
N ASN A 42 -3.56 3.67 9.96
CA ASN A 42 -4.50 2.63 10.35
C ASN A 42 -5.52 2.38 9.24
N GLN A 43 -5.92 3.44 8.55
CA GLN A 43 -6.88 3.33 7.47
C GLN A 43 -6.43 2.31 6.44
N SER A 44 -5.30 2.59 5.79
CA SER A 44 -4.77 1.70 4.77
C SER A 44 -4.59 0.28 5.33
N LEU A 45 -4.14 0.19 6.57
CA LEU A 45 -3.93 -1.10 7.22
C LEU A 45 -5.23 -1.88 7.30
N ASP A 46 -6.25 -1.27 7.88
CA ASP A 46 -7.56 -1.92 8.02
C ASP A 46 -8.05 -2.44 6.67
N ALA A 47 -7.79 -1.66 5.61
CA ALA A 47 -8.22 -2.04 4.27
C ALA A 47 -7.45 -3.27 3.79
N LEU A 48 -6.15 -3.27 4.02
CA LEU A 48 -5.30 -4.40 3.60
C LEU A 48 -5.88 -5.72 4.09
N LEU A 49 -6.29 -5.74 5.36
CA LEU A 49 -6.86 -6.95 5.95
C LEU A 49 -8.06 -7.42 5.16
N SER A 50 -8.86 -6.48 4.66
CA SER A 50 -10.05 -6.81 3.89
C SER A 50 -9.69 -7.68 2.68
N ARG A 51 -8.68 -7.24 1.93
CA ARG A 51 -8.25 -7.97 0.75
C ARG A 51 -7.12 -8.94 1.09
N ASP A 52 -6.96 -9.21 2.39
CA ASP A 52 -5.91 -10.11 2.84
C ASP A 52 -4.58 -9.80 2.18
N LEU A 53 -4.19 -8.53 2.22
CA LEU A 53 -2.94 -8.10 1.61
C LEU A 53 -1.81 -8.07 2.64
N ILE A 54 -2.16 -7.73 3.88
CA ILE A 54 -1.18 -7.68 4.95
C ILE A 54 -1.36 -8.85 5.92
N MET A 55 -0.24 -9.52 6.25
CA MET A 55 -0.28 -10.65 7.16
C MET A 55 -0.47 -10.18 8.61
N LYS A 56 -1.26 -10.93 9.37
CA LYS A 56 -1.51 -10.59 10.76
C LYS A 56 -0.22 -10.35 11.51
N GLU A 57 0.73 -11.29 11.38
CA GLU A 57 2.01 -11.16 12.05
C GLU A 57 2.69 -9.84 11.70
N ASP A 58 2.49 -9.38 10.48
CA ASP A 58 3.07 -8.13 10.03
C ASP A 58 2.35 -6.94 10.64
N TYR A 59 1.04 -7.07 10.80
CA TYR A 59 0.23 -6.00 11.38
C TYR A 59 0.67 -5.69 12.80
N GLU A 60 0.93 -6.73 13.58
CA GLU A 60 1.36 -6.57 14.97
C GLU A 60 2.78 -5.98 15.02
N LEU A 61 3.60 -6.34 14.05
CA LEU A 61 4.98 -5.86 13.99
C LEU A 61 5.01 -4.34 13.90
N ILE A 62 4.27 -3.79 12.93
CA ILE A 62 4.21 -2.35 12.73
C ILE A 62 3.48 -1.66 13.88
N SER A 63 2.44 -2.31 14.38
CA SER A 63 1.65 -1.76 15.48
C SER A 63 2.51 -1.60 16.73
N THR A 64 3.52 -2.44 16.86
CA THR A 64 4.43 -2.38 18.01
C THR A 64 5.66 -1.55 17.70
N LYS A 65 5.51 -0.58 16.80
CA LYS A 65 6.62 0.28 16.41
C LYS A 65 6.88 1.33 17.48
N PRO A 66 8.09 1.91 17.46
CA PRO A 66 8.50 2.94 18.42
C PRO A 66 7.77 4.25 18.20
N THR A 67 7.63 4.65 16.93
CA THR A 67 6.95 5.89 16.59
C THR A 67 6.06 5.71 15.37
N ARG A 68 5.17 6.66 15.13
CA ARG A 68 4.26 6.61 13.99
C ARG A 68 5.03 6.69 12.68
N THR A 69 6.02 7.58 12.63
CA THR A 69 6.83 7.75 11.43
C THR A 69 7.42 6.42 10.96
N ALA A 70 7.83 5.60 11.92
CA ALA A 70 8.40 4.29 11.61
C ALA A 70 7.35 3.33 11.08
N LYS A 71 6.15 3.40 11.66
CA LYS A 71 5.05 2.53 11.24
C LYS A 71 4.85 2.61 9.73
N VAL A 72 4.84 3.83 9.19
CA VAL A 72 4.66 4.04 7.76
C VAL A 72 5.80 3.40 6.97
N ARG A 73 7.03 3.79 7.29
CA ARG A 73 8.19 3.26 6.60
C ARG A 73 8.15 1.73 6.54
N GLN A 74 8.00 1.11 7.69
CA GLN A 74 7.93 -0.35 7.77
C GLN A 74 6.85 -0.90 6.85
N LEU A 75 5.77 -0.14 6.69
CA LEU A 75 4.66 -0.55 5.84
C LEU A 75 5.10 -0.61 4.38
N LEU A 76 5.85 0.40 3.95
CA LEU A 76 6.34 0.46 2.57
C LEU A 76 7.38 -0.63 2.32
N ASP A 77 8.21 -0.91 3.31
CA ASP A 77 9.24 -1.92 3.19
C ASP A 77 8.62 -3.30 3.03
N THR A 78 7.58 -3.59 3.80
CA THR A 78 6.90 -4.87 3.74
C THR A 78 6.12 -5.01 2.45
N SER A 79 5.50 -3.92 2.02
CA SER A 79 4.72 -3.92 0.79
C SER A 79 5.51 -4.52 -0.37
N ASP A 80 6.75 -4.07 -0.53
CA ASP A 80 7.61 -4.55 -1.60
C ASP A 80 7.75 -6.08 -1.53
N ILE A 81 7.70 -6.62 -0.32
CA ILE A 81 7.82 -8.05 -0.13
C ILE A 81 6.47 -8.74 -0.30
N GLN A 82 5.39 -8.02 0.02
CA GLN A 82 4.04 -8.56 -0.10
C GLN A 82 3.62 -8.64 -1.56
N GLY A 83 3.28 -7.49 -2.14
CA GLY A 83 2.86 -7.45 -3.53
C GLY A 83 2.52 -6.05 -3.99
N GLU A 84 2.20 -5.91 -5.27
CA GLU A 84 1.86 -4.62 -5.84
C GLU A 84 0.56 -4.08 -5.23
N GLU A 85 -0.41 -4.97 -5.03
CA GLU A 85 -1.69 -4.59 -4.45
C GLU A 85 -1.49 -3.88 -3.10
N PHE A 86 -0.57 -4.41 -2.31
CA PHE A 86 -0.28 -3.83 -0.99
C PHE A 86 0.04 -2.34 -1.11
N ALA A 87 1.04 -2.03 -1.94
CA ALA A 87 1.45 -0.64 -2.14
C ALA A 87 0.34 0.16 -2.81
N ARG A 88 -0.30 -0.44 -3.81
CA ARG A 88 -1.38 0.22 -4.54
C ARG A 88 -2.42 0.79 -3.57
N VAL A 89 -2.68 0.04 -2.49
CA VAL A 89 -3.66 0.46 -1.50
C VAL A 89 -3.23 1.76 -0.82
N ILE A 90 -1.93 1.93 -0.64
CA ILE A 90 -1.40 3.13 -0.02
C ILE A 90 -1.65 4.36 -0.87
N VAL A 91 -1.40 4.24 -2.18
CA VAL A 91 -1.60 5.34 -3.11
C VAL A 91 -3.06 5.77 -3.13
N GLN A 92 -3.96 4.82 -2.87
CA GLN A 92 -5.39 5.10 -2.87
C GLN A 92 -5.77 5.96 -1.66
N LYS A 93 -5.46 5.46 -0.46
CA LYS A 93 -5.77 6.17 0.77
C LYS A 93 -5.29 7.62 0.69
N LEU A 94 -4.01 7.81 0.39
CA LEU A 94 -3.44 9.14 0.29
C LEU A 94 -4.32 10.04 -0.58
N LYS A 95 -4.60 9.58 -1.79
CA LYS A 95 -5.43 10.35 -2.73
C LYS A 95 -6.83 10.53 -2.17
N ASP A 96 -7.32 9.53 -1.44
CA ASP A 96 -8.65 9.58 -0.86
C ASP A 96 -8.72 10.67 0.21
N ASN A 97 -7.63 10.87 0.93
CA ASN A 97 -7.58 11.87 1.98
C ASN A 97 -7.01 13.19 1.46
N LYS A 98 -5.69 13.23 1.29
CA LYS A 98 -5.02 14.43 0.80
C LYS A 98 -3.55 14.13 0.50
N GLN A 99 -3.04 14.75 -0.57
CA GLN A 99 -1.65 14.56 -0.96
C GLN A 99 -1.06 15.85 -1.51
N MET A 100 -0.86 16.83 -0.65
CA MET A 100 -0.30 18.11 -1.06
C MET A 100 1.21 18.00 -1.29
N GLY A 101 1.92 17.57 -0.26
CA GLY A 101 3.36 17.43 -0.37
C GLY A 101 3.78 16.04 -0.81
N LEU A 102 2.85 15.31 -1.41
CA LEU A 102 3.12 13.95 -1.89
C LEU A 102 3.33 13.94 -3.39
N GLN A 103 2.58 14.79 -4.10
CA GLN A 103 2.68 14.87 -5.55
C GLN A 103 4.13 15.05 -5.99
N PRO A 104 4.41 14.72 -7.26
CA PRO A 104 3.39 14.24 -8.20
C PRO A 104 2.92 12.83 -7.85
N TYR A 105 2.05 12.29 -8.70
CA TYR A 105 1.52 10.95 -8.48
C TYR A 105 1.64 10.10 -9.75
N PRO A 106 1.48 8.78 -9.59
CA PRO A 106 1.57 7.83 -10.70
C PRO A 106 0.40 7.97 -11.67
N GLU A 107 0.52 7.33 -12.83
CA GLU A 107 -0.52 7.38 -13.85
C GLU A 107 -1.54 6.26 -13.64
N VAL A 108 -1.81 5.94 -12.38
CA VAL A 108 -2.76 4.90 -12.04
C VAL A 108 -3.10 4.92 -10.55
N LEU A 109 -4.29 4.45 -10.21
CA LEU A 109 -4.74 4.42 -8.82
C LEU A 109 -6.13 3.80 -8.71
N LEU A 110 -6.18 2.48 -8.54
CA LEU A 110 -7.44 1.78 -8.41
C LEU A 110 -7.33 0.61 -7.43
N VAL A 111 -8.45 0.19 -6.87
CA VAL A 111 -8.47 -0.91 -5.92
C VAL A 111 -9.26 -2.10 -6.48
N SER A 112 -8.67 -3.29 -6.35
CA SER A 112 -9.32 -4.50 -6.84
C SER A 112 -10.69 -4.69 -6.19
N ARG A 113 -11.66 -5.15 -7.00
CA ARG A 113 -13.01 -5.37 -6.51
C ARG A 113 -13.37 -6.86 -6.55
N THR A 114 -13.67 -7.41 -5.38
CA THR A 114 -14.03 -8.83 -5.29
C THR A 114 -15.48 -9.00 -4.85
N PRO A 115 -16.41 -8.72 -5.77
CA PRO A 115 -17.84 -8.84 -5.51
C PRO A 115 -18.29 -10.28 -5.36
N SER A 116 -18.14 -10.82 -4.14
CA SER A 116 -18.53 -12.20 -3.87
C SER A 116 -18.81 -12.40 -2.39
N SER A 117 -19.42 -13.53 -2.05
CA SER A 117 -19.76 -13.84 -0.66
C SER A 117 -18.55 -14.44 0.06
N ASN A 118 -18.20 -13.85 1.20
CA ASN A 118 -17.06 -14.33 1.98
C ASN A 118 -17.53 -15.29 3.08
N VAL A 119 -16.90 -16.45 3.14
CA VAL A 119 -17.25 -17.46 4.15
C VAL A 119 -16.00 -18.15 4.69
N LEU A 120 -15.97 -18.38 6.00
CA LEU A 120 -14.84 -19.04 6.63
C LEU A 120 -15.27 -20.38 7.25
N GLN A 121 -14.78 -21.46 6.67
CA GLN A 121 -15.10 -22.80 7.16
C GLN A 121 -14.14 -23.84 6.60
N ASN A 122 -14.09 -25.00 7.24
CA ASN A 122 -13.21 -26.08 6.80
C ASN A 122 -13.56 -27.39 7.51
N LYS A 123 -13.17 -28.51 6.90
CA LYS A 123 -13.45 -29.82 7.45
C LYS A 123 -12.52 -30.12 8.63
N THR A 124 -11.23 -30.18 8.34
CA THR A 124 -10.22 -30.45 9.37
C THR A 124 -10.32 -29.44 10.51
N LEU A 125 -10.74 -29.89 11.68
CA LEU A 125 -10.87 -29.02 12.84
C LEU A 125 -9.50 -28.65 13.40
N MET A 1 -7.31 -31.71 18.95
CA MET A 1 -6.13 -31.18 18.28
C MET A 1 -6.36 -29.76 17.80
N HIS A 2 -5.80 -28.79 18.54
CA HIS A 2 -5.94 -27.39 18.19
C HIS A 2 -4.63 -26.81 17.71
N HIS A 3 -4.58 -26.44 16.43
CA HIS A 3 -3.38 -25.87 15.84
C HIS A 3 -3.72 -24.75 14.86
N HIS A 4 -3.33 -23.53 15.21
CA HIS A 4 -3.60 -22.36 14.37
C HIS A 4 -2.47 -21.34 14.48
N HIS A 5 -1.63 -21.28 13.45
CA HIS A 5 -0.51 -20.34 13.43
C HIS A 5 -0.09 -20.02 12.01
N HIS A 6 0.58 -18.90 11.82
CA HIS A 6 1.05 -18.48 10.50
C HIS A 6 2.52 -18.84 10.30
N HIS A 7 2.99 -18.72 9.07
CA HIS A 7 4.37 -19.03 8.74
C HIS A 7 5.17 -17.75 8.49
N GLY A 8 6.47 -17.82 8.74
CA GLY A 8 7.33 -16.66 8.55
C GLY A 8 8.24 -16.81 7.34
N SER A 9 8.46 -15.72 6.62
CA SER A 9 9.31 -15.73 5.44
C SER A 9 10.05 -14.40 5.29
N GLY A 10 11.00 -14.37 4.36
CA GLY A 10 11.76 -13.16 4.13
C GLY A 10 13.21 -13.29 4.56
N SER A 11 13.87 -14.36 4.12
CA SER A 11 15.25 -14.60 4.47
C SER A 11 16.20 -14.00 3.43
N GLY A 12 15.91 -14.27 2.16
CA GLY A 12 16.73 -13.75 1.09
C GLY A 12 16.10 -12.58 0.38
N LEU A 13 16.52 -12.33 -0.85
CA LEU A 13 15.98 -11.21 -1.63
C LEU A 13 14.76 -11.66 -2.44
N VAL A 14 13.61 -11.07 -2.12
CA VAL A 14 12.37 -11.40 -2.82
C VAL A 14 11.73 -10.16 -3.42
N PRO A 15 12.37 -9.60 -4.46
CA PRO A 15 11.87 -8.40 -5.14
C PRO A 15 10.60 -8.67 -5.95
N ARG A 16 9.47 -8.68 -5.26
CA ARG A 16 8.18 -8.93 -5.91
C ARG A 16 7.48 -7.61 -6.25
N GLY A 17 7.37 -6.73 -5.25
CA GLY A 17 6.72 -5.46 -5.47
C GLY A 17 7.61 -4.47 -6.20
N SER A 18 7.41 -4.36 -7.50
CA SER A 18 8.21 -3.46 -8.32
C SER A 18 7.37 -2.85 -9.44
N GLY A 19 6.27 -2.21 -9.07
CA GLY A 19 5.40 -1.61 -10.05
C GLY A 19 5.30 -0.10 -9.89
N ILE A 20 4.20 0.47 -10.35
CA ILE A 20 3.98 1.91 -10.25
C ILE A 20 3.89 2.36 -8.80
N ALA A 21 2.84 1.89 -8.11
CA ALA A 21 2.64 2.24 -6.71
C ALA A 21 3.92 2.02 -5.90
N GLN A 22 4.44 0.81 -5.93
CA GLN A 22 5.65 0.48 -5.20
C GLN A 22 6.77 1.47 -5.51
N GLN A 23 7.05 1.64 -6.80
CA GLN A 23 8.08 2.57 -7.24
C GLN A 23 7.85 3.97 -6.67
N TRP A 24 6.66 4.50 -6.90
CA TRP A 24 6.32 5.83 -6.42
C TRP A 24 6.52 5.93 -4.91
N ILE A 25 5.96 4.96 -4.18
CA ILE A 25 6.10 4.94 -2.72
C ILE A 25 7.55 5.14 -2.30
N GLN A 26 8.45 4.39 -2.92
CA GLN A 26 9.87 4.47 -2.61
C GLN A 26 10.42 5.85 -2.98
N SER A 27 9.86 6.44 -4.03
CA SER A 27 10.30 7.76 -4.50
C SER A 27 9.89 8.85 -3.51
N LYS A 28 8.62 8.85 -3.12
CA LYS A 28 8.11 9.83 -2.18
C LYS A 28 7.89 9.21 -0.81
N ARG A 29 8.76 8.28 -0.44
CA ARG A 29 8.66 7.62 0.85
C ARG A 29 8.91 8.60 1.99
N GLU A 30 9.84 9.53 1.78
CA GLU A 30 10.18 10.52 2.79
C GLU A 30 8.98 11.44 3.07
N ALA A 31 8.20 11.71 2.03
CA ALA A 31 7.03 12.57 2.16
C ALA A 31 5.82 11.77 2.64
N ILE A 32 5.64 10.58 2.09
CA ILE A 32 4.52 9.72 2.46
C ILE A 32 4.55 9.39 3.95
N VAL A 33 5.77 9.29 4.50
CA VAL A 33 5.93 8.98 5.92
C VAL A 33 5.77 10.22 6.78
N SER A 34 6.26 11.36 6.27
CA SER A 34 6.17 12.62 6.99
C SER A 34 4.76 13.19 6.92
N GLN A 35 4.01 12.76 5.91
CA GLN A 35 2.64 13.23 5.72
C GLN A 35 1.64 12.27 6.36
N MET A 36 1.58 11.05 5.84
CA MET A 36 0.68 10.04 6.37
C MET A 36 0.79 9.94 7.89
N THR A 37 -0.18 10.51 8.59
CA THR A 37 -0.19 10.49 10.04
C THR A 37 -0.62 9.13 10.57
N GLU A 38 -0.80 9.03 11.88
CA GLU A 38 -1.21 7.78 12.51
C GLU A 38 -2.59 7.35 12.01
N ALA A 39 -3.45 8.32 11.76
CA ALA A 39 -4.80 8.04 11.28
C ALA A 39 -4.76 7.47 9.85
N CYS A 40 -4.17 8.23 8.94
CA CYS A 40 -4.07 7.81 7.55
C CYS A 40 -3.41 6.43 7.44
N LEU A 41 -2.48 6.15 8.35
CA LEU A 41 -1.77 4.88 8.36
C LEU A 41 -2.73 3.73 8.68
N ASN A 42 -3.56 3.92 9.70
CA ASN A 42 -4.52 2.90 10.11
C ASN A 42 -5.57 2.68 9.01
N GLN A 43 -5.86 3.74 8.26
CA GLN A 43 -6.84 3.66 7.19
C GLN A 43 -6.50 2.53 6.22
N SER A 44 -5.32 2.60 5.64
CA SER A 44 -4.87 1.59 4.68
C SER A 44 -4.76 0.23 5.36
N LEU A 45 -4.08 0.19 6.50
CA LEU A 45 -3.89 -1.05 7.25
C LEU A 45 -5.23 -1.74 7.48
N ASP A 46 -6.27 -0.95 7.68
CA ASP A 46 -7.61 -1.49 7.92
C ASP A 46 -8.16 -2.15 6.65
N ALA A 47 -7.86 -1.56 5.50
CA ALA A 47 -8.32 -2.08 4.23
C ALA A 47 -7.54 -3.34 3.84
N LEU A 48 -6.25 -3.34 4.11
CA LEU A 48 -5.39 -4.47 3.80
C LEU A 48 -5.97 -5.76 4.37
N LEU A 49 -6.34 -5.73 5.64
CA LEU A 49 -6.90 -6.90 6.31
C LEU A 49 -8.18 -7.36 5.62
N SER A 50 -9.02 -6.39 5.24
CA SER A 50 -10.28 -6.69 4.57
C SER A 50 -10.05 -7.61 3.38
N ARG A 51 -9.06 -7.26 2.55
CA ARG A 51 -8.73 -8.06 1.37
C ARG A 51 -7.67 -9.10 1.69
N ASP A 52 -7.45 -9.34 2.98
CA ASP A 52 -6.45 -10.31 3.41
C ASP A 52 -5.14 -10.13 2.66
N LEU A 53 -4.65 -8.89 2.62
CA LEU A 53 -3.41 -8.59 1.93
C LEU A 53 -2.22 -8.63 2.88
N ILE A 54 -2.41 -8.06 4.07
CA ILE A 54 -1.36 -8.03 5.08
C ILE A 54 -1.58 -9.12 6.14
N MET A 55 -0.52 -9.87 6.44
CA MET A 55 -0.60 -10.93 7.42
C MET A 55 -0.63 -10.35 8.85
N LYS A 56 -1.44 -10.96 9.71
CA LYS A 56 -1.56 -10.51 11.09
C LYS A 56 -0.18 -10.36 11.73
N GLU A 57 0.68 -11.35 11.51
CA GLU A 57 2.02 -11.33 12.07
C GLU A 57 2.75 -10.04 11.70
N ASP A 58 2.54 -9.59 10.47
CA ASP A 58 3.17 -8.37 9.99
C ASP A 58 2.52 -7.14 10.60
N TYR A 59 1.21 -7.22 10.81
CA TYR A 59 0.46 -6.10 11.39
C TYR A 59 0.93 -5.81 12.80
N GLU A 60 1.13 -6.87 13.59
CA GLU A 60 1.58 -6.73 14.97
C GLU A 60 2.96 -6.08 15.03
N LEU A 61 3.85 -6.51 14.15
CA LEU A 61 5.20 -5.97 14.11
C LEU A 61 5.18 -4.46 13.95
N ILE A 62 4.52 -3.98 12.90
CA ILE A 62 4.42 -2.56 12.64
C ILE A 62 3.59 -1.86 13.71
N SER A 63 2.58 -2.57 14.22
CA SER A 63 1.70 -2.02 15.25
C SER A 63 2.47 -1.76 16.54
N THR A 64 3.47 -2.59 16.80
CA THR A 64 4.29 -2.45 18.00
C THR A 64 5.55 -1.64 17.72
N LYS A 65 5.44 -0.68 16.82
CA LYS A 65 6.57 0.17 16.45
C LYS A 65 6.85 1.21 17.55
N PRO A 66 8.07 1.75 17.55
CA PRO A 66 8.49 2.75 18.54
C PRO A 66 7.80 4.09 18.32
N THR A 67 7.62 4.47 17.06
CA THR A 67 6.97 5.73 16.72
C THR A 67 6.08 5.58 15.49
N ARG A 68 5.17 6.53 15.30
CA ARG A 68 4.25 6.50 14.16
C ARG A 68 5.02 6.61 12.85
N THR A 69 6.04 7.45 12.84
CA THR A 69 6.86 7.65 11.64
C THR A 69 7.43 6.33 11.14
N ALA A 70 7.88 5.49 12.08
CA ALA A 70 8.45 4.20 11.72
C ALA A 70 7.39 3.26 11.15
N LYS A 71 6.20 3.32 11.72
CA LYS A 71 5.09 2.48 11.27
C LYS A 71 4.91 2.59 9.75
N VAL A 72 4.91 3.82 9.25
CA VAL A 72 4.74 4.08 7.83
C VAL A 72 5.89 3.45 7.03
N ARG A 73 7.11 3.79 7.39
CA ARG A 73 8.29 3.27 6.71
C ARG A 73 8.20 1.75 6.58
N GLN A 74 8.07 1.07 7.72
CA GLN A 74 7.99 -0.38 7.73
C GLN A 74 6.87 -0.87 6.82
N LEU A 75 5.80 -0.09 6.74
CA LEU A 75 4.65 -0.44 5.89
C LEU A 75 5.06 -0.53 4.43
N LEU A 76 5.87 0.43 3.98
CA LEU A 76 6.33 0.46 2.60
C LEU A 76 7.35 -0.65 2.35
N ASP A 77 8.16 -0.95 3.35
CA ASP A 77 9.17 -2.00 3.24
C ASP A 77 8.52 -3.37 3.09
N THR A 78 7.38 -3.56 3.75
CA THR A 78 6.66 -4.82 3.70
C THR A 78 5.96 -4.99 2.35
N SER A 79 5.46 -3.89 1.81
CA SER A 79 4.77 -3.91 0.52
C SER A 79 5.60 -4.62 -0.54
N ASP A 80 6.89 -4.29 -0.59
CA ASP A 80 7.80 -4.89 -1.56
C ASP A 80 7.79 -6.41 -1.44
N ILE A 81 7.60 -6.90 -0.22
CA ILE A 81 7.57 -8.33 0.05
C ILE A 81 6.18 -8.91 -0.21
N GLN A 82 5.16 -8.09 0.03
CA GLN A 82 3.77 -8.51 -0.18
C GLN A 82 3.44 -8.59 -1.66
N GLY A 83 3.25 -7.42 -2.27
CA GLY A 83 2.92 -7.37 -3.69
C GLY A 83 2.46 -6.00 -4.12
N GLU A 84 2.35 -5.80 -5.43
CA GLU A 84 1.92 -4.52 -5.98
C GLU A 84 0.62 -4.06 -5.34
N GLU A 85 -0.26 -5.02 -5.04
CA GLU A 85 -1.55 -4.72 -4.42
C GLU A 85 -1.35 -3.91 -3.14
N PHE A 86 -0.49 -4.41 -2.25
CA PHE A 86 -0.22 -3.75 -0.99
C PHE A 86 0.14 -2.28 -1.21
N ALA A 87 1.23 -2.05 -1.94
CA ALA A 87 1.68 -0.70 -2.22
C ALA A 87 0.59 0.11 -2.92
N ARG A 88 -0.19 -0.56 -3.77
CA ARG A 88 -1.27 0.09 -4.50
C ARG A 88 -2.34 0.62 -3.53
N VAL A 89 -2.55 -0.11 -2.44
CA VAL A 89 -3.54 0.28 -1.44
C VAL A 89 -3.16 1.61 -0.80
N ILE A 90 -1.87 1.83 -0.61
CA ILE A 90 -1.39 3.07 0.01
C ILE A 90 -1.69 4.28 -0.88
N VAL A 91 -1.15 4.26 -2.10
CA VAL A 91 -1.37 5.35 -3.03
C VAL A 91 -2.85 5.63 -3.22
N GLN A 92 -3.66 4.59 -3.16
CA GLN A 92 -5.10 4.73 -3.31
C GLN A 92 -5.72 5.48 -2.13
N LYS A 93 -5.47 4.97 -0.93
CA LYS A 93 -5.98 5.59 0.28
C LYS A 93 -5.64 7.07 0.33
N LEU A 94 -4.39 7.40 0.05
CA LEU A 94 -3.94 8.79 0.06
C LEU A 94 -4.76 9.63 -0.90
N LYS A 95 -4.59 9.39 -2.20
CA LYS A 95 -5.33 10.13 -3.22
C LYS A 95 -6.81 10.20 -2.87
N ASP A 96 -7.31 9.16 -2.21
CA ASP A 96 -8.72 9.11 -1.82
C ASP A 96 -9.14 10.40 -1.12
N ASN A 97 -8.20 10.98 -0.37
CA ASN A 97 -8.47 12.21 0.36
C ASN A 97 -7.79 13.41 -0.32
N LYS A 98 -6.54 13.65 0.05
CA LYS A 98 -5.77 14.76 -0.52
C LYS A 98 -4.43 14.91 0.17
N GLN A 99 -3.36 14.86 -0.60
CA GLN A 99 -2.01 14.99 -0.06
C GLN A 99 -1.12 15.80 -0.99
N MET A 100 -1.29 17.13 -0.96
CA MET A 100 -0.49 18.02 -1.81
C MET A 100 0.99 17.86 -1.52
N GLY A 101 1.33 17.62 -0.25
CA GLY A 101 2.72 17.45 0.13
C GLY A 101 3.39 16.30 -0.59
N LEU A 102 2.60 15.30 -0.96
CA LEU A 102 3.11 14.13 -1.65
C LEU A 102 3.19 14.38 -3.16
N GLN A 103 2.24 15.17 -3.67
CA GLN A 103 2.20 15.49 -5.08
C GLN A 103 3.56 15.98 -5.57
N PRO A 104 3.79 15.85 -6.89
CA PRO A 104 2.82 15.28 -7.82
C PRO A 104 2.63 13.78 -7.61
N TYR A 105 1.54 13.24 -8.13
CA TYR A 105 1.24 11.82 -8.00
C TYR A 105 1.47 11.09 -9.32
N PRO A 106 1.53 9.76 -9.25
CA PRO A 106 1.75 8.91 -10.43
C PRO A 106 0.54 8.90 -11.35
N GLU A 107 0.75 8.47 -12.60
CA GLU A 107 -0.32 8.41 -13.58
C GLU A 107 -1.03 7.06 -13.54
N VAL A 108 -0.93 6.39 -12.39
CA VAL A 108 -1.56 5.08 -12.21
C VAL A 108 -2.01 4.88 -10.77
N LEU A 109 -3.16 4.23 -10.60
CA LEU A 109 -3.70 3.96 -9.28
C LEU A 109 -4.08 2.50 -9.12
N LEU A 110 -4.59 1.90 -10.19
CA LEU A 110 -4.99 0.50 -10.18
C LEU A 110 -4.33 -0.26 -11.32
N VAL A 111 -3.53 -1.26 -10.97
CA VAL A 111 -2.83 -2.07 -11.97
C VAL A 111 -3.83 -2.86 -12.82
N SER A 112 -3.73 -2.70 -14.13
CA SER A 112 -4.62 -3.40 -15.05
C SER A 112 -3.83 -4.23 -16.05
N ARG A 113 -4.53 -5.05 -16.84
CA ARG A 113 -3.89 -5.89 -17.84
C ARG A 113 -4.60 -5.77 -19.18
N THR A 114 -3.92 -6.19 -20.24
CA THR A 114 -4.49 -6.14 -21.58
C THR A 114 -4.76 -7.55 -22.13
N PRO A 115 -5.84 -8.17 -21.66
CA PRO A 115 -6.22 -9.52 -22.08
C PRO A 115 -6.71 -9.55 -23.53
N SER A 116 -7.24 -10.70 -23.94
CA SER A 116 -7.73 -10.86 -25.30
C SER A 116 -8.92 -9.95 -25.56
N SER A 117 -9.39 -9.91 -26.80
CA SER A 117 -10.52 -9.08 -27.18
C SER A 117 -11.84 -9.85 -27.04
N ASN A 118 -12.03 -10.83 -27.89
CA ASN A 118 -13.25 -11.64 -27.86
C ASN A 118 -12.93 -13.11 -28.14
N VAL A 119 -13.91 -13.98 -27.91
CA VAL A 119 -13.74 -15.41 -28.12
C VAL A 119 -15.07 -16.08 -28.44
N LEU A 120 -15.07 -16.95 -29.44
CA LEU A 120 -16.28 -17.67 -29.84
C LEU A 120 -16.10 -19.17 -29.69
N GLN A 121 -17.21 -19.90 -29.65
CA GLN A 121 -17.18 -21.35 -29.52
C GLN A 121 -16.48 -21.99 -30.72
N ASN A 122 -16.74 -21.45 -31.91
CA ASN A 122 -16.15 -21.97 -33.13
C ASN A 122 -15.87 -20.84 -34.12
N LYS A 123 -14.96 -21.10 -35.06
CA LYS A 123 -14.59 -20.10 -36.06
C LYS A 123 -14.66 -20.70 -37.46
N THR A 124 -15.71 -20.33 -38.20
CA THR A 124 -15.90 -20.83 -39.56
C THR A 124 -15.04 -20.05 -40.55
N LEU A 125 -15.07 -18.72 -40.43
CA LEU A 125 -14.29 -17.87 -41.32
C LEU A 125 -13.61 -16.75 -40.54
N MET A 1 -12.80 -50.05 -0.81
CA MET A 1 -11.50 -49.87 -0.15
C MET A 1 -10.58 -49.01 -1.01
N HIS A 2 -10.68 -49.17 -2.33
CA HIS A 2 -9.85 -48.42 -3.25
C HIS A 2 -10.07 -46.92 -3.08
N HIS A 3 -9.12 -46.12 -3.56
CA HIS A 3 -9.22 -44.67 -3.46
C HIS A 3 -8.44 -43.99 -4.59
N HIS A 4 -8.86 -42.78 -4.95
CA HIS A 4 -8.20 -42.03 -6.02
C HIS A 4 -8.14 -40.54 -5.67
N HIS A 5 -7.07 -39.89 -6.11
CA HIS A 5 -6.88 -38.47 -5.84
C HIS A 5 -6.11 -37.81 -6.98
N HIS A 6 -6.32 -36.50 -7.14
CA HIS A 6 -5.64 -35.74 -8.19
C HIS A 6 -5.10 -34.42 -7.65
N HIS A 7 -3.79 -34.24 -7.76
CA HIS A 7 -3.14 -33.01 -7.28
C HIS A 7 -1.94 -32.67 -8.14
N GLY A 8 -1.33 -31.52 -7.86
CA GLY A 8 -0.17 -31.08 -8.61
C GLY A 8 -0.45 -29.88 -9.49
N SER A 9 0.23 -28.78 -9.22
CA SER A 9 0.04 -27.56 -9.99
C SER A 9 1.37 -26.88 -10.29
N GLY A 10 1.54 -26.43 -11.53
CA GLY A 10 2.77 -25.78 -11.93
C GLY A 10 2.64 -24.26 -11.98
N SER A 11 3.76 -23.58 -12.20
CA SER A 11 3.76 -22.13 -12.26
C SER A 11 3.42 -21.64 -13.67
N GLY A 12 2.53 -20.65 -13.75
CA GLY A 12 2.14 -20.12 -15.03
C GLY A 12 2.22 -18.61 -15.08
N LEU A 13 1.90 -17.96 -13.96
CA LEU A 13 1.94 -16.50 -13.87
C LEU A 13 2.73 -16.05 -12.65
N VAL A 14 3.25 -14.83 -12.71
CA VAL A 14 4.02 -14.28 -11.60
C VAL A 14 3.65 -12.81 -11.35
N PRO A 15 2.44 -12.59 -10.81
CA PRO A 15 1.95 -11.24 -10.51
C PRO A 15 2.70 -10.60 -9.35
N ARG A 16 3.14 -11.42 -8.41
CA ARG A 16 3.87 -10.92 -7.24
C ARG A 16 5.03 -10.03 -7.68
N GLY A 17 5.44 -9.13 -6.78
CA GLY A 17 6.53 -8.23 -7.08
C GLY A 17 6.18 -6.78 -6.78
N SER A 18 6.48 -5.89 -7.73
CA SER A 18 6.21 -4.47 -7.56
C SER A 18 6.17 -3.77 -8.91
N GLY A 19 5.62 -2.56 -8.93
CA GLY A 19 5.52 -1.79 -10.16
C GLY A 19 5.64 -0.30 -9.92
N ILE A 20 4.91 0.48 -10.71
CA ILE A 20 4.93 1.93 -10.58
C ILE A 20 4.55 2.37 -9.17
N ALA A 21 3.38 1.91 -8.71
CA ALA A 21 2.91 2.26 -7.37
C ALA A 21 3.98 1.98 -6.32
N GLN A 22 4.46 0.74 -6.27
CA GLN A 22 5.48 0.36 -5.32
C GLN A 22 6.70 1.28 -5.40
N GLN A 23 7.24 1.42 -6.61
CA GLN A 23 8.40 2.26 -6.84
C GLN A 23 8.10 3.71 -6.42
N TRP A 24 6.87 4.13 -6.64
CA TRP A 24 6.46 5.49 -6.29
C TRP A 24 6.57 5.73 -4.78
N ILE A 25 5.96 4.84 -4.00
CA ILE A 25 6.00 4.96 -2.55
C ILE A 25 7.43 5.16 -2.05
N GLN A 26 8.37 4.42 -2.64
CA GLN A 26 9.77 4.51 -2.27
C GLN A 26 10.34 5.89 -2.63
N SER A 27 9.86 6.44 -3.73
CA SER A 27 10.33 7.75 -4.18
C SER A 27 9.78 8.87 -3.30
N LYS A 28 8.48 8.78 -3.00
CA LYS A 28 7.84 9.78 -2.15
C LYS A 28 7.62 9.24 -0.75
N ARG A 29 8.51 8.37 -0.31
CA ARG A 29 8.42 7.79 1.03
C ARG A 29 8.61 8.85 2.11
N GLU A 30 9.49 9.80 1.84
CA GLU A 30 9.76 10.88 2.79
C GLU A 30 8.53 11.75 2.99
N ALA A 31 7.74 11.90 1.93
CA ALA A 31 6.53 12.70 2.00
C ALA A 31 5.35 11.89 2.52
N ILE A 32 5.22 10.67 2.02
CA ILE A 32 4.13 9.79 2.45
C ILE A 32 4.23 9.47 3.93
N VAL A 33 5.44 9.23 4.40
CA VAL A 33 5.67 8.92 5.82
C VAL A 33 5.55 10.18 6.67
N SER A 34 6.00 11.30 6.12
CA SER A 34 5.94 12.58 6.85
C SER A 34 4.52 13.12 6.89
N GLN A 35 3.71 12.70 5.92
CA GLN A 35 2.32 13.15 5.85
C GLN A 35 1.39 12.16 6.53
N MET A 36 1.35 10.93 6.02
CA MET A 36 0.51 9.89 6.58
C MET A 36 0.73 9.75 8.08
N THR A 37 -0.16 10.34 8.87
CA THR A 37 -0.05 10.29 10.32
C THR A 37 -0.49 8.93 10.86
N GLU A 38 -0.63 8.84 12.17
CA GLU A 38 -1.05 7.58 12.81
C GLU A 38 -2.47 7.22 12.40
N ALA A 39 -3.30 8.25 12.21
CA ALA A 39 -4.69 8.03 11.82
C ALA A 39 -4.79 7.52 10.39
N CYS A 40 -4.15 8.22 9.46
CA CYS A 40 -4.17 7.84 8.06
C CYS A 40 -3.57 6.44 7.87
N LEU A 41 -2.57 6.11 8.69
CA LEU A 41 -1.92 4.81 8.61
C LEU A 41 -2.91 3.69 8.89
N ASN A 42 -3.61 3.79 10.02
CA ASN A 42 -4.59 2.78 10.40
C ASN A 42 -5.57 2.51 9.27
N GLN A 43 -5.93 3.56 8.54
CA GLN A 43 -6.85 3.43 7.42
C GLN A 43 -6.31 2.46 6.37
N SER A 44 -5.13 2.78 5.84
CA SER A 44 -4.50 1.94 4.82
C SER A 44 -4.36 0.50 5.31
N LEU A 45 -4.06 0.34 6.60
CA LEU A 45 -3.90 -0.98 7.19
C LEU A 45 -5.21 -1.76 7.12
N ASP A 46 -6.24 -1.24 7.77
CA ASP A 46 -7.56 -1.90 7.78
C ASP A 46 -8.01 -2.22 6.36
N ALA A 47 -7.61 -1.37 5.41
CA ALA A 47 -7.98 -1.58 4.02
C ALA A 47 -7.48 -2.93 3.50
N LEU A 48 -6.18 -3.16 3.65
CA LEU A 48 -5.57 -4.40 3.20
C LEU A 48 -6.08 -5.58 4.01
N LEU A 49 -6.42 -5.32 5.27
CA LEU A 49 -6.92 -6.37 6.16
C LEU A 49 -8.11 -7.08 5.54
N SER A 50 -9.13 -6.32 5.17
CA SER A 50 -10.34 -6.89 4.56
C SER A 50 -9.99 -7.65 3.29
N ARG A 51 -9.01 -7.15 2.56
CA ARG A 51 -8.58 -7.79 1.31
C ARG A 51 -7.55 -8.89 1.59
N ASP A 52 -7.30 -9.13 2.87
CA ASP A 52 -6.34 -10.16 3.27
C ASP A 52 -5.02 -9.98 2.53
N LEU A 53 -4.53 -8.75 2.47
CA LEU A 53 -3.28 -8.45 1.79
C LEU A 53 -2.11 -8.44 2.77
N ILE A 54 -2.35 -7.88 3.95
CA ILE A 54 -1.32 -7.81 4.98
C ILE A 54 -1.44 -8.98 5.96
N MET A 55 -0.32 -9.61 6.26
CA MET A 55 -0.29 -10.74 7.19
C MET A 55 -0.43 -10.26 8.63
N LYS A 56 -1.30 -10.92 9.39
CA LYS A 56 -1.52 -10.57 10.78
C LYS A 56 -0.21 -10.45 11.54
N GLU A 57 0.73 -11.34 11.24
CA GLU A 57 2.04 -11.33 11.88
C GLU A 57 2.77 -10.01 11.62
N ASP A 58 2.61 -9.49 10.41
CA ASP A 58 3.25 -8.23 10.03
C ASP A 58 2.57 -7.05 10.69
N TYR A 59 1.25 -7.15 10.85
CA TYR A 59 0.47 -6.08 11.46
C TYR A 59 0.93 -5.84 12.90
N GLU A 60 1.18 -6.92 13.63
CA GLU A 60 1.62 -6.82 15.01
C GLU A 60 2.97 -6.13 15.10
N LEU A 61 3.91 -6.57 14.26
CA LEU A 61 5.25 -6.00 14.24
C LEU A 61 5.19 -4.48 14.06
N ILE A 62 4.49 -4.04 13.03
CA ILE A 62 4.35 -2.63 12.75
C ILE A 62 3.58 -1.91 13.86
N SER A 63 2.60 -2.60 14.42
CA SER A 63 1.79 -2.04 15.49
C SER A 63 2.62 -1.79 16.74
N THR A 64 3.64 -2.62 16.94
CA THR A 64 4.52 -2.49 18.09
C THR A 64 5.77 -1.70 17.75
N LYS A 65 5.62 -0.73 16.85
CA LYS A 65 6.72 0.12 16.44
C LYS A 65 7.04 1.16 17.50
N PRO A 66 8.28 1.70 17.45
CA PRO A 66 8.73 2.71 18.41
C PRO A 66 8.02 4.05 18.22
N THR A 67 7.96 4.51 16.97
CA THR A 67 7.30 5.77 16.66
C THR A 67 6.32 5.61 15.50
N ARG A 68 5.43 6.59 15.35
CA ARG A 68 4.44 6.56 14.29
C ARG A 68 5.11 6.64 12.91
N THR A 69 6.14 7.47 12.82
CA THR A 69 6.86 7.65 11.57
C THR A 69 7.41 6.32 11.06
N ALA A 70 7.88 5.49 11.98
CA ALA A 70 8.42 4.18 11.63
C ALA A 70 7.33 3.24 11.13
N LYS A 71 6.16 3.32 11.75
CA LYS A 71 5.04 2.48 11.36
C LYS A 71 4.78 2.57 9.86
N VAL A 72 4.82 3.78 9.32
CA VAL A 72 4.59 4.00 7.90
C VAL A 72 5.69 3.37 7.06
N ARG A 73 6.93 3.72 7.36
CA ARG A 73 8.08 3.19 6.64
C ARG A 73 8.00 1.67 6.55
N GLN A 74 7.86 1.01 7.70
CA GLN A 74 7.77 -0.44 7.75
C GLN A 74 6.66 -0.95 6.84
N LEU A 75 5.59 -0.16 6.72
CA LEU A 75 4.45 -0.53 5.89
C LEU A 75 4.86 -0.59 4.42
N LEU A 76 5.68 0.36 4.01
CA LEU A 76 6.14 0.43 2.62
C LEU A 76 7.14 -0.69 2.33
N ASP A 77 8.02 -0.95 3.29
CA ASP A 77 9.03 -2.00 3.14
C ASP A 77 8.37 -3.37 3.04
N THR A 78 7.35 -3.59 3.85
CA THR A 78 6.64 -4.86 3.86
C THR A 78 5.86 -5.07 2.56
N SER A 79 5.36 -3.97 2.00
CA SER A 79 4.59 -4.03 0.76
C SER A 79 5.38 -4.76 -0.33
N ASP A 80 6.69 -4.53 -0.35
CA ASP A 80 7.56 -5.17 -1.34
C ASP A 80 7.55 -6.68 -1.18
N ILE A 81 7.25 -7.15 0.03
CA ILE A 81 7.20 -8.58 0.31
C ILE A 81 5.85 -9.17 -0.07
N GLN A 82 4.79 -8.38 0.09
CA GLN A 82 3.44 -8.83 -0.24
C GLN A 82 3.22 -8.80 -1.74
N GLY A 83 3.03 -7.60 -2.28
CA GLY A 83 2.80 -7.45 -3.71
C GLY A 83 2.45 -6.03 -4.10
N GLU A 84 2.47 -5.75 -5.40
CA GLU A 84 2.16 -4.42 -5.91
C GLU A 84 0.83 -3.92 -5.34
N GLU A 85 -0.12 -4.83 -5.17
CA GLU A 85 -1.43 -4.49 -4.63
C GLU A 85 -1.30 -3.79 -3.28
N PHE A 86 -0.44 -4.32 -2.42
CA PHE A 86 -0.22 -3.74 -1.11
C PHE A 86 0.09 -2.26 -1.20
N ALA A 87 1.17 -1.93 -1.90
CA ALA A 87 1.57 -0.54 -2.08
C ALA A 87 0.49 0.27 -2.78
N ARG A 88 -0.10 -0.31 -3.83
CA ARG A 88 -1.15 0.36 -4.57
C ARG A 88 -2.24 0.87 -3.64
N VAL A 89 -2.48 0.14 -2.56
CA VAL A 89 -3.49 0.53 -1.59
C VAL A 89 -3.14 1.85 -0.91
N ILE A 90 -1.86 2.05 -0.66
CA ILE A 90 -1.38 3.27 -0.02
C ILE A 90 -1.60 4.48 -0.91
N VAL A 91 -0.99 4.47 -2.08
CA VAL A 91 -1.12 5.56 -3.04
C VAL A 91 -2.59 5.92 -3.27
N GLN A 92 -3.45 4.91 -3.20
CA GLN A 92 -4.88 5.11 -3.39
C GLN A 92 -5.52 5.72 -2.15
N LYS A 93 -5.40 5.01 -1.03
CA LYS A 93 -5.97 5.47 0.24
C LYS A 93 -5.56 6.91 0.53
N LEU A 94 -4.26 7.18 0.41
CA LEU A 94 -3.73 8.52 0.66
C LEU A 94 -4.38 9.54 -0.26
N LYS A 95 -4.14 9.39 -1.56
CA LYS A 95 -4.71 10.29 -2.56
C LYS A 95 -6.21 10.44 -2.37
N ASP A 96 -6.85 9.39 -1.85
CA ASP A 96 -8.28 9.41 -1.61
C ASP A 96 -8.69 10.66 -0.83
N ASN A 97 -7.76 11.19 -0.06
CA ASN A 97 -8.01 12.38 0.75
C ASN A 97 -7.61 13.65 0.00
N LYS A 98 -6.30 13.89 -0.09
CA LYS A 98 -5.79 15.06 -0.78
C LYS A 98 -4.33 14.86 -1.19
N GLN A 99 -3.46 14.66 -0.19
CA GLN A 99 -2.05 14.45 -0.44
C GLN A 99 -1.49 15.54 -1.35
N MET A 100 -1.60 16.78 -0.91
CA MET A 100 -1.10 17.91 -1.69
C MET A 100 0.42 18.01 -1.63
N GLY A 101 1.00 17.39 -0.59
CA GLY A 101 2.44 17.41 -0.43
C GLY A 101 3.11 16.22 -1.08
N LEU A 102 2.32 15.22 -1.45
CA LEU A 102 2.85 14.01 -2.08
C LEU A 102 3.02 14.22 -3.58
N GLN A 103 2.04 14.87 -4.20
CA GLN A 103 2.09 15.13 -5.64
C GLN A 103 3.45 15.66 -6.05
N PRO A 104 3.76 15.58 -7.35
CA PRO A 104 2.83 15.02 -8.35
C PRO A 104 2.65 13.51 -8.19
N TYR A 105 1.56 12.99 -8.72
CA TYR A 105 1.28 11.56 -8.63
C TYR A 105 1.50 10.87 -9.98
N PRO A 106 1.59 9.54 -9.96
CA PRO A 106 1.81 8.74 -11.17
C PRO A 106 0.60 8.74 -12.09
N GLU A 107 0.83 8.39 -13.36
CA GLU A 107 -0.24 8.36 -14.35
C GLU A 107 -0.91 6.99 -14.39
N VAL A 108 -0.91 6.30 -13.25
CA VAL A 108 -1.52 4.98 -13.14
C VAL A 108 -2.14 4.77 -11.77
N LEU A 109 -3.36 4.25 -11.76
CA LEU A 109 -4.06 3.98 -10.50
C LEU A 109 -4.43 2.51 -10.39
N LEU A 110 -4.72 1.89 -11.53
CA LEU A 110 -5.09 0.47 -11.55
C LEU A 110 -6.29 0.21 -10.65
N VAL A 111 -7.22 1.15 -10.62
CA VAL A 111 -8.42 1.02 -9.81
C VAL A 111 -9.20 -0.25 -10.17
N SER A 112 -9.72 -0.92 -9.15
CA SER A 112 -10.48 -2.15 -9.36
C SER A 112 -11.61 -1.93 -10.36
N ARG A 113 -12.61 -1.15 -9.95
CA ARG A 113 -13.76 -0.86 -10.80
C ARG A 113 -14.39 -2.14 -11.31
N THR A 114 -14.46 -3.16 -10.46
CA THR A 114 -15.04 -4.44 -10.82
C THR A 114 -15.65 -5.13 -9.60
N PRO A 115 -16.79 -4.60 -9.13
CA PRO A 115 -17.50 -5.15 -7.96
C PRO A 115 -18.14 -6.51 -8.27
N SER A 116 -18.58 -6.68 -9.51
CA SER A 116 -19.23 -7.92 -9.92
C SER A 116 -18.29 -8.74 -10.80
N SER A 117 -18.74 -9.93 -11.19
CA SER A 117 -17.95 -10.81 -12.04
C SER A 117 -18.62 -11.02 -13.39
N ASN A 118 -18.08 -10.37 -14.41
CA ASN A 118 -18.62 -10.48 -15.76
C ASN A 118 -17.73 -11.34 -16.64
N VAL A 119 -16.42 -11.18 -16.48
CA VAL A 119 -15.45 -11.95 -17.26
C VAL A 119 -15.40 -13.40 -16.80
N LEU A 120 -15.80 -14.32 -17.68
CA LEU A 120 -15.80 -15.74 -17.36
C LEU A 120 -14.42 -16.20 -16.94
N GLN A 121 -14.30 -17.47 -16.56
CA GLN A 121 -13.04 -18.04 -16.13
C GLN A 121 -12.51 -19.06 -17.14
N ASN A 122 -11.20 -19.26 -17.16
CA ASN A 122 -10.59 -20.20 -18.08
C ASN A 122 -9.43 -20.94 -17.41
N LYS A 123 -8.89 -21.93 -18.12
CA LYS A 123 -7.78 -22.73 -17.60
C LYS A 123 -6.64 -22.79 -18.60
N THR A 124 -5.43 -22.49 -18.13
CA THR A 124 -4.25 -22.52 -18.99
C THR A 124 -3.00 -22.85 -18.20
N LEU A 125 -2.20 -23.78 -18.71
CA LEU A 125 -0.97 -24.19 -18.05
C LEU A 125 0.24 -23.48 -18.65
N MET A 1 28.12 -37.85 7.06
CA MET A 1 26.82 -38.28 7.58
C MET A 1 26.31 -37.31 8.64
N HIS A 2 27.19 -36.98 9.59
CA HIS A 2 26.84 -36.07 10.67
C HIS A 2 27.34 -34.66 10.38
N HIS A 3 26.91 -34.09 9.26
CA HIS A 3 27.31 -32.75 8.87
C HIS A 3 26.23 -32.07 8.05
N HIS A 4 26.09 -30.76 8.21
CA HIS A 4 25.09 -29.99 7.48
C HIS A 4 25.57 -29.67 6.07
N HIS A 5 24.91 -30.26 5.08
CA HIS A 5 25.26 -30.04 3.68
C HIS A 5 24.26 -29.11 3.00
N HIS A 6 24.77 -28.19 2.19
CA HIS A 6 23.92 -27.24 1.48
C HIS A 6 23.47 -27.82 0.14
N HIS A 7 22.51 -27.15 -0.49
CA HIS A 7 22.00 -27.60 -1.79
C HIS A 7 22.40 -26.63 -2.90
N GLY A 8 23.11 -27.13 -3.90
CA GLY A 8 23.54 -26.31 -5.00
C GLY A 8 22.38 -25.79 -5.83
N SER A 9 22.13 -24.48 -5.74
CA SER A 9 21.03 -23.87 -6.48
C SER A 9 21.36 -22.41 -6.81
N GLY A 10 20.52 -21.82 -7.66
CA GLY A 10 20.74 -20.43 -8.04
C GLY A 10 19.48 -19.60 -7.96
N SER A 11 19.53 -18.37 -8.46
CA SER A 11 18.38 -17.47 -8.43
C SER A 11 17.30 -17.96 -9.38
N GLY A 12 17.70 -18.38 -10.58
CA GLY A 12 16.75 -18.86 -11.57
C GLY A 12 16.14 -17.74 -12.37
N LEU A 13 14.88 -17.44 -12.10
CA LEU A 13 14.17 -16.38 -12.81
C LEU A 13 13.53 -15.41 -11.83
N VAL A 14 13.39 -14.16 -12.25
CA VAL A 14 12.78 -13.12 -11.42
C VAL A 14 11.61 -12.46 -12.12
N PRO A 15 10.50 -13.21 -12.26
CA PRO A 15 9.28 -12.72 -12.91
C PRO A 15 8.57 -11.65 -12.08
N ARG A 16 8.54 -11.86 -10.77
CA ARG A 16 7.88 -10.91 -9.87
C ARG A 16 8.77 -9.69 -9.62
N GLY A 17 8.15 -8.59 -9.24
CA GLY A 17 8.90 -7.37 -8.97
C GLY A 17 8.01 -6.20 -8.62
N SER A 18 8.62 -5.05 -8.33
CA SER A 18 7.87 -3.86 -7.97
C SER A 18 7.18 -3.26 -9.20
N GLY A 19 6.03 -2.62 -8.97
CA GLY A 19 5.29 -2.02 -10.06
C GLY A 19 5.21 -0.51 -9.94
N ILE A 20 4.13 0.07 -10.45
CA ILE A 20 3.94 1.51 -10.41
C ILE A 20 3.82 2.00 -8.96
N ALA A 21 2.76 1.57 -8.29
CA ALA A 21 2.52 1.95 -6.90
C ALA A 21 3.77 1.76 -6.06
N GLN A 22 4.30 0.54 -6.05
CA GLN A 22 5.49 0.22 -5.28
C GLN A 22 6.62 1.19 -5.61
N GLN A 23 6.92 1.33 -6.90
CA GLN A 23 7.98 2.22 -7.34
C GLN A 23 7.74 3.64 -6.85
N TRP A 24 6.49 4.07 -6.91
CA TRP A 24 6.12 5.42 -6.46
C TRP A 24 6.34 5.57 -4.96
N ILE A 25 5.76 4.66 -4.19
CA ILE A 25 5.89 4.70 -2.73
C ILE A 25 7.36 4.85 -2.32
N GLN A 26 8.20 3.95 -2.82
CA GLN A 26 9.63 3.98 -2.50
C GLN A 26 10.26 5.28 -2.97
N SER A 27 9.66 5.90 -3.99
CA SER A 27 10.18 7.15 -4.54
C SER A 27 9.87 8.31 -3.60
N LYS A 28 8.61 8.41 -3.18
CA LYS A 28 8.19 9.47 -2.29
C LYS A 28 7.94 8.93 -0.88
N ARG A 29 8.75 7.97 -0.47
CA ARG A 29 8.63 7.37 0.85
C ARG A 29 8.93 8.38 1.94
N GLU A 30 9.85 9.30 1.65
CA GLU A 30 10.23 10.34 2.60
C GLU A 30 9.05 11.25 2.92
N ALA A 31 8.23 11.50 1.92
CA ALA A 31 7.05 12.36 2.09
C ALA A 31 5.86 11.57 2.62
N ILE A 32 5.69 10.36 2.11
CA ILE A 32 4.59 9.51 2.54
C ILE A 32 4.66 9.24 4.04
N VAL A 33 5.87 9.12 4.57
CA VAL A 33 6.07 8.86 5.98
C VAL A 33 5.82 10.11 6.81
N SER A 34 6.36 11.24 6.35
CA SER A 34 6.20 12.51 7.05
C SER A 34 4.79 13.07 6.84
N GLN A 35 4.03 12.43 5.96
CA GLN A 35 2.67 12.86 5.67
C GLN A 35 1.65 11.92 6.31
N MET A 36 1.74 10.64 5.98
CA MET A 36 0.83 9.65 6.53
C MET A 36 0.77 9.74 8.05
N THR A 37 -0.28 10.35 8.56
CA THR A 37 -0.46 10.52 10.01
C THR A 37 -0.92 9.21 10.64
N GLU A 38 -1.09 9.23 11.96
CA GLU A 38 -1.52 8.05 12.69
C GLU A 38 -2.91 7.61 12.23
N ALA A 39 -3.73 8.58 11.85
CA ALA A 39 -5.09 8.30 11.39
C ALA A 39 -5.07 7.72 9.98
N CYS A 40 -4.16 8.21 9.15
CA CYS A 40 -4.05 7.74 7.77
C CYS A 40 -3.39 6.36 7.73
N LEU A 41 -2.47 6.12 8.65
CA LEU A 41 -1.77 4.84 8.70
C LEU A 41 -2.74 3.69 8.95
N ASN A 42 -3.60 3.85 9.95
CA ASN A 42 -4.58 2.83 10.29
C ASN A 42 -5.47 2.52 9.09
N GLN A 43 -5.82 3.55 8.34
CA GLN A 43 -6.66 3.39 7.16
C GLN A 43 -6.03 2.42 6.16
N SER A 44 -4.82 2.73 5.73
CA SER A 44 -4.11 1.89 4.76
C SER A 44 -4.01 0.46 5.28
N LEU A 45 -3.68 0.31 6.55
CA LEU A 45 -3.55 -1.01 7.16
C LEU A 45 -4.88 -1.76 7.12
N ASP A 46 -5.91 -1.18 7.74
CA ASP A 46 -7.22 -1.78 7.77
C ASP A 46 -7.71 -2.11 6.35
N ALA A 47 -7.32 -1.27 5.40
CA ALA A 47 -7.72 -1.46 4.01
C ALA A 47 -7.29 -2.83 3.50
N LEU A 48 -6.00 -3.14 3.65
CA LEU A 48 -5.45 -4.41 3.21
C LEU A 48 -6.04 -5.57 4.02
N LEU A 49 -6.33 -5.30 5.29
CA LEU A 49 -6.90 -6.30 6.18
C LEU A 49 -8.16 -6.92 5.58
N SER A 50 -9.10 -6.06 5.20
CA SER A 50 -10.35 -6.52 4.61
C SER A 50 -10.09 -7.40 3.38
N ARG A 51 -9.11 -7.01 2.58
CA ARG A 51 -8.75 -7.76 1.39
C ARG A 51 -7.76 -8.88 1.71
N ASP A 52 -7.49 -9.05 3.00
CA ASP A 52 -6.55 -10.08 3.45
C ASP A 52 -5.25 -10.01 2.66
N LEU A 53 -4.68 -8.81 2.59
CA LEU A 53 -3.43 -8.60 1.87
C LEU A 53 -2.23 -8.68 2.81
N ILE A 54 -2.37 -8.08 3.99
CA ILE A 54 -1.30 -8.09 4.99
C ILE A 54 -1.49 -9.23 5.98
N MET A 55 -0.39 -9.82 6.41
CA MET A 55 -0.42 -10.91 7.38
C MET A 55 -0.54 -10.38 8.80
N LYS A 56 -1.34 -11.06 9.61
CA LYS A 56 -1.54 -10.66 11.00
C LYS A 56 -0.21 -10.48 11.71
N GLU A 57 0.79 -11.25 11.31
CA GLU A 57 2.12 -11.16 11.91
C GLU A 57 2.76 -9.82 11.62
N ASP A 58 2.51 -9.30 10.41
CA ASP A 58 3.07 -8.02 10.00
C ASP A 58 2.35 -6.86 10.71
N TYR A 59 1.03 -6.98 10.82
CA TYR A 59 0.24 -5.95 11.47
C TYR A 59 0.70 -5.72 12.91
N GLU A 60 0.89 -6.81 13.65
CA GLU A 60 1.33 -6.72 15.03
C GLU A 60 2.77 -6.21 15.11
N LEU A 61 3.62 -6.68 14.21
CA LEU A 61 5.01 -6.26 14.17
C LEU A 61 5.13 -4.75 14.09
N ILE A 62 4.45 -4.16 13.11
CA ILE A 62 4.47 -2.71 12.93
C ILE A 62 3.64 -2.01 13.99
N SER A 63 2.61 -2.70 14.47
CA SER A 63 1.72 -2.14 15.49
C SER A 63 2.48 -1.88 16.79
N THR A 64 3.53 -2.68 17.02
CA THR A 64 4.34 -2.54 18.22
C THR A 64 5.56 -1.66 17.96
N LYS A 65 5.42 -0.72 17.04
CA LYS A 65 6.51 0.19 16.70
C LYS A 65 6.70 1.25 17.78
N PRO A 66 7.88 1.87 17.82
CA PRO A 66 8.21 2.91 18.80
C PRO A 66 7.44 4.20 18.53
N THR A 67 7.47 4.66 17.29
CA THR A 67 6.78 5.89 16.91
C THR A 67 5.92 5.68 15.67
N ARG A 68 5.03 6.63 15.41
CA ARG A 68 4.15 6.54 14.24
C ARG A 68 4.94 6.62 12.95
N THR A 69 5.95 7.49 12.93
CA THR A 69 6.79 7.65 11.75
C THR A 69 7.37 6.32 11.29
N ALA A 70 7.81 5.51 12.24
CA ALA A 70 8.39 4.21 11.94
C ALA A 70 7.33 3.27 11.37
N LYS A 71 6.13 3.32 11.96
CA LYS A 71 5.03 2.47 11.51
C LYS A 71 4.84 2.57 10.00
N VAL A 72 4.79 3.79 9.49
CA VAL A 72 4.61 4.03 8.07
C VAL A 72 5.81 3.52 7.27
N ARG A 73 7.01 3.82 7.76
CA ARG A 73 8.23 3.40 7.09
C ARG A 73 8.19 1.90 6.79
N GLN A 74 8.08 1.09 7.84
CA GLN A 74 8.05 -0.36 7.69
C GLN A 74 6.92 -0.77 6.73
N LEU A 75 5.81 -0.04 6.78
CA LEU A 75 4.67 -0.33 5.92
C LEU A 75 5.08 -0.33 4.46
N LEU A 76 5.90 0.64 4.07
CA LEU A 76 6.37 0.74 2.69
C LEU A 76 7.44 -0.30 2.41
N ASP A 77 8.28 -0.56 3.40
CA ASP A 77 9.35 -1.55 3.25
C ASP A 77 8.78 -2.94 3.05
N THR A 78 7.69 -3.24 3.75
CA THR A 78 7.05 -4.54 3.64
C THR A 78 6.30 -4.69 2.32
N SER A 79 5.72 -3.58 1.84
CA SER A 79 4.98 -3.59 0.60
C SER A 79 5.80 -4.22 -0.52
N ASP A 80 7.05 -3.78 -0.65
CA ASP A 80 7.94 -4.30 -1.68
C ASP A 80 8.01 -5.81 -1.63
N ILE A 81 7.88 -6.37 -0.43
CA ILE A 81 7.91 -7.82 -0.24
C ILE A 81 6.55 -8.44 -0.49
N GLN A 82 5.50 -7.67 -0.25
CA GLN A 82 4.13 -8.15 -0.45
C GLN A 82 3.80 -8.23 -1.94
N GLY A 83 3.57 -7.07 -2.55
CA GLY A 83 3.25 -7.03 -3.96
C GLY A 83 2.79 -5.66 -4.41
N GLU A 84 2.46 -5.53 -5.70
CA GLU A 84 2.02 -4.26 -6.26
C GLU A 84 0.69 -3.83 -5.64
N GLU A 85 -0.16 -4.81 -5.37
CA GLU A 85 -1.47 -4.53 -4.77
C GLU A 85 -1.32 -3.74 -3.48
N PHE A 86 -0.47 -4.23 -2.59
CA PHE A 86 -0.24 -3.57 -1.31
C PHE A 86 0.07 -2.09 -1.50
N ALA A 87 1.06 -1.82 -2.35
CA ALA A 87 1.46 -0.44 -2.63
C ALA A 87 0.34 0.33 -3.32
N ARG A 88 -0.40 -0.36 -4.19
CA ARG A 88 -1.50 0.26 -4.91
C ARG A 88 -2.55 0.79 -3.95
N VAL A 89 -2.80 0.06 -2.88
CA VAL A 89 -3.78 0.46 -1.88
C VAL A 89 -3.36 1.75 -1.18
N ILE A 90 -2.13 1.77 -0.68
CA ILE A 90 -1.60 2.94 0.01
C ILE A 90 -1.75 4.20 -0.84
N VAL A 91 -1.29 4.12 -2.09
CA VAL A 91 -1.37 5.25 -3.01
C VAL A 91 -2.79 5.80 -3.07
N GLN A 92 -3.72 5.03 -3.62
CA GLN A 92 -5.10 5.45 -3.73
C GLN A 92 -5.65 5.90 -2.38
N LYS A 93 -5.21 5.23 -1.32
CA LYS A 93 -5.65 5.56 0.03
C LYS A 93 -5.38 7.04 0.34
N LEU A 94 -4.12 7.44 0.20
CA LEU A 94 -3.73 8.83 0.47
C LEU A 94 -4.57 9.80 -0.35
N LYS A 95 -4.54 9.62 -1.66
CA LYS A 95 -5.31 10.48 -2.57
C LYS A 95 -6.79 10.49 -2.19
N ASP A 96 -7.27 9.35 -1.68
CA ASP A 96 -8.66 9.23 -1.28
C ASP A 96 -9.08 10.40 -0.39
N ASN A 97 -8.16 10.86 0.44
CA ASN A 97 -8.42 11.98 1.34
C ASN A 97 -7.94 13.30 0.74
N LYS A 98 -6.65 13.56 0.86
CA LYS A 98 -6.06 14.78 0.32
C LYS A 98 -4.59 14.89 0.71
N GLN A 99 -3.72 14.77 -0.29
CA GLN A 99 -2.27 14.85 -0.07
C GLN A 99 -1.58 15.54 -1.23
N MET A 100 -1.62 16.87 -1.24
CA MET A 100 -1.00 17.66 -2.29
C MET A 100 0.52 17.69 -2.12
N GLY A 101 0.97 17.67 -0.86
CA GLY A 101 2.39 17.71 -0.58
C GLY A 101 3.09 16.43 -1.01
N LEU A 102 2.32 15.38 -1.25
CA LEU A 102 2.87 14.10 -1.66
C LEU A 102 3.13 14.07 -3.17
N GLN A 103 2.32 14.82 -3.91
CA GLN A 103 2.45 14.90 -5.36
C GLN A 103 3.90 15.17 -5.76
N PRO A 104 4.21 14.92 -7.04
CA PRO A 104 3.24 14.41 -8.01
C PRO A 104 2.84 12.97 -7.72
N TYR A 105 1.69 12.56 -8.24
CA TYR A 105 1.18 11.21 -8.04
C TYR A 105 1.33 10.38 -9.31
N PRO A 106 1.23 9.05 -9.16
CA PRO A 106 1.34 8.12 -10.29
C PRO A 106 0.16 8.20 -11.24
N GLU A 107 0.34 7.72 -12.46
CA GLU A 107 -0.72 7.74 -13.46
C GLU A 107 -1.56 6.47 -13.40
N VAL A 108 -1.70 5.92 -12.20
CA VAL A 108 -2.48 4.71 -11.99
C VAL A 108 -3.12 4.68 -10.61
N LEU A 109 -4.35 4.20 -10.55
CA LEU A 109 -5.07 4.12 -9.28
C LEU A 109 -5.56 2.69 -9.02
N LEU A 110 -5.94 2.00 -10.08
CA LEU A 110 -6.42 0.63 -9.97
C LEU A 110 -6.15 -0.16 -11.26
N VAL A 111 -6.44 -1.45 -11.22
CA VAL A 111 -6.22 -2.30 -12.38
C VAL A 111 -7.26 -2.04 -13.47
N SER A 112 -6.78 -1.71 -14.67
CA SER A 112 -7.67 -1.41 -15.78
C SER A 112 -7.55 -2.49 -16.86
N ARG A 113 -6.33 -3.00 -17.05
CA ARG A 113 -6.08 -4.03 -18.05
C ARG A 113 -6.24 -5.42 -17.44
N THR A 114 -7.42 -6.00 -17.60
CA THR A 114 -7.70 -7.34 -17.06
C THR A 114 -7.98 -8.33 -18.18
N PRO A 115 -6.92 -8.70 -18.92
CA PRO A 115 -7.03 -9.66 -20.03
C PRO A 115 -7.33 -11.08 -19.55
N SER A 116 -8.56 -11.51 -19.76
CA SER A 116 -8.98 -12.85 -19.35
C SER A 116 -8.04 -13.91 -19.93
N SER A 117 -8.06 -15.10 -19.34
CA SER A 117 -7.21 -16.19 -19.79
C SER A 117 -7.88 -17.54 -19.51
N ASN A 118 -7.57 -18.53 -20.35
CA ASN A 118 -8.13 -19.86 -20.19
C ASN A 118 -7.08 -20.94 -20.49
N VAL A 119 -6.97 -21.91 -19.60
CA VAL A 119 -6.01 -23.00 -19.78
C VAL A 119 -6.63 -24.35 -19.45
N LEU A 120 -6.94 -25.12 -20.48
CA LEU A 120 -7.54 -26.44 -20.30
C LEU A 120 -6.89 -27.47 -21.22
N GLN A 121 -6.29 -28.50 -20.62
CA GLN A 121 -5.64 -29.55 -21.38
C GLN A 121 -6.48 -30.82 -21.39
N ASN A 122 -7.13 -31.08 -22.51
CA ASN A 122 -7.96 -32.27 -22.66
C ASN A 122 -7.33 -33.27 -23.62
N LYS A 123 -7.47 -34.55 -23.30
CA LYS A 123 -6.92 -35.61 -24.13
C LYS A 123 -8.01 -36.55 -24.62
N THR A 124 -8.13 -36.68 -25.94
CA THR A 124 -9.13 -37.54 -26.53
C THR A 124 -8.61 -38.96 -26.72
N LEU A 125 -7.38 -39.06 -27.22
CA LEU A 125 -6.75 -40.36 -27.45
C LEU A 125 -6.35 -41.01 -26.13
N MET A 1 -17.99 -27.32 11.36
CA MET A 1 -18.07 -28.77 11.21
C MET A 1 -16.78 -29.33 10.62
N HIS A 2 -16.17 -28.57 9.71
CA HIS A 2 -14.93 -28.99 9.07
C HIS A 2 -13.88 -29.37 10.12
N HIS A 3 -13.28 -30.54 9.94
CA HIS A 3 -12.25 -31.02 10.86
C HIS A 3 -10.86 -30.91 10.25
N HIS A 4 -10.78 -31.19 8.95
CA HIS A 4 -9.51 -31.12 8.24
C HIS A 4 -9.00 -29.69 8.16
N HIS A 5 -7.93 -29.40 8.90
CA HIS A 5 -7.35 -28.06 8.92
C HIS A 5 -5.85 -28.12 8.66
N HIS A 6 -5.35 -27.20 7.84
CA HIS A 6 -3.93 -27.14 7.52
C HIS A 6 -3.38 -25.74 7.73
N HIS A 7 -2.20 -25.67 8.37
CA HIS A 7 -1.57 -24.38 8.64
C HIS A 7 -1.09 -23.73 7.34
N GLY A 8 -0.67 -22.47 7.44
CA GLY A 8 -0.21 -21.75 6.27
C GLY A 8 -1.13 -20.62 5.87
N SER A 9 -1.28 -20.40 4.57
CA SER A 9 -2.13 -19.34 4.06
C SER A 9 -2.74 -19.73 2.72
N GLY A 10 -3.97 -19.29 2.49
CA GLY A 10 -4.65 -19.60 1.24
C GLY A 10 -3.90 -19.09 0.02
N SER A 11 -3.39 -17.86 0.11
CA SER A 11 -2.65 -17.26 -0.99
C SER A 11 -1.15 -17.47 -0.81
N GLY A 12 -0.51 -18.03 -1.84
CA GLY A 12 0.92 -18.28 -1.77
C GLY A 12 1.72 -17.24 -2.54
N LEU A 13 2.56 -17.70 -3.45
CA LEU A 13 3.39 -16.82 -4.25
C LEU A 13 2.53 -15.95 -5.18
N VAL A 14 3.07 -14.81 -5.59
CA VAL A 14 2.35 -13.90 -6.48
C VAL A 14 3.07 -13.77 -7.82
N PRO A 15 2.31 -13.39 -8.86
CA PRO A 15 2.84 -13.21 -10.21
C PRO A 15 3.77 -12.01 -10.31
N ARG A 16 3.35 -10.90 -9.71
CA ARG A 16 4.15 -9.67 -9.74
C ARG A 16 4.49 -9.21 -8.32
N GLY A 17 5.77 -8.90 -8.10
CA GLY A 17 6.20 -8.45 -6.79
C GLY A 17 5.94 -6.98 -6.56
N SER A 18 6.56 -6.13 -7.38
CA SER A 18 6.40 -4.69 -7.27
C SER A 18 5.98 -4.09 -8.61
N GLY A 19 5.09 -3.11 -8.55
CA GLY A 19 4.62 -2.46 -9.76
C GLY A 19 4.71 -0.94 -9.68
N ILE A 20 3.89 -0.26 -10.48
CA ILE A 20 3.88 1.20 -10.49
C ILE A 20 3.74 1.76 -9.08
N ALA A 21 2.67 1.35 -8.40
CA ALA A 21 2.42 1.81 -7.04
C ALA A 21 3.67 1.69 -6.17
N GLN A 22 4.24 0.50 -6.14
CA GLN A 22 5.44 0.24 -5.35
C GLN A 22 6.56 1.21 -5.74
N GLN A 23 6.83 1.30 -7.04
CA GLN A 23 7.87 2.18 -7.54
C GLN A 23 7.65 3.61 -7.06
N TRP A 24 6.44 4.12 -7.27
CA TRP A 24 6.11 5.47 -6.86
C TRP A 24 6.40 5.68 -5.38
N ILE A 25 5.86 4.80 -4.54
CA ILE A 25 6.07 4.88 -3.11
C ILE A 25 7.54 5.06 -2.76
N GLN A 26 8.38 4.19 -3.33
CA GLN A 26 9.81 4.26 -3.09
C GLN A 26 10.39 5.58 -3.57
N SER A 27 9.74 6.17 -4.57
CA SER A 27 10.19 7.44 -5.13
C SER A 27 10.13 8.55 -4.07
N LYS A 28 8.95 8.77 -3.51
CA LYS A 28 8.77 9.79 -2.49
C LYS A 28 8.24 9.18 -1.19
N ARG A 29 8.91 8.12 -0.74
CA ARG A 29 8.52 7.45 0.49
C ARG A 29 8.74 8.35 1.71
N GLU A 30 9.75 9.20 1.62
CA GLU A 30 10.07 10.11 2.70
C GLU A 30 8.93 11.09 2.95
N ALA A 31 8.22 11.44 1.89
CA ALA A 31 7.09 12.37 1.98
C ALA A 31 5.83 11.65 2.48
N ILE A 32 5.59 10.46 1.96
CA ILE A 32 4.43 9.68 2.34
C ILE A 32 4.48 9.31 3.83
N VAL A 33 5.67 8.99 4.31
CA VAL A 33 5.86 8.62 5.71
C VAL A 33 5.78 9.85 6.61
N SER A 34 6.32 10.96 6.14
CA SER A 34 6.31 12.20 6.91
C SER A 34 4.93 12.85 6.87
N GLN A 35 4.13 12.49 5.87
CA GLN A 35 2.79 13.04 5.71
C GLN A 35 1.75 12.12 6.37
N MET A 36 1.69 10.88 5.90
CA MET A 36 0.74 9.91 6.45
C MET A 36 0.85 9.85 7.97
N THR A 37 -0.11 10.49 8.65
CA THR A 37 -0.12 10.50 10.11
C THR A 37 -0.61 9.18 10.67
N GLU A 38 -0.74 9.11 11.99
CA GLU A 38 -1.21 7.89 12.65
C GLU A 38 -2.65 7.57 12.24
N ALA A 39 -3.44 8.62 12.03
CA ALA A 39 -4.83 8.46 11.65
C ALA A 39 -4.95 7.88 10.23
N CYS A 40 -4.16 8.41 9.32
CA CYS A 40 -4.18 7.93 7.93
C CYS A 40 -3.65 6.51 7.83
N LEU A 41 -2.71 6.17 8.71
CA LEU A 41 -2.12 4.84 8.72
C LEU A 41 -3.18 3.78 9.04
N ASN A 42 -3.89 3.98 10.15
CA ASN A 42 -4.93 3.05 10.56
C ASN A 42 -5.88 2.74 9.41
N GLN A 43 -6.17 3.77 8.61
CA GLN A 43 -7.07 3.60 7.47
C GLN A 43 -6.53 2.56 6.49
N SER A 44 -5.31 2.77 6.03
CA SER A 44 -4.68 1.85 5.08
C SER A 44 -4.66 0.42 5.64
N LEU A 45 -4.13 0.29 6.85
CA LEU A 45 -4.05 -1.03 7.51
C LEU A 45 -5.40 -1.72 7.48
N ASP A 46 -6.47 -0.95 7.70
CA ASP A 46 -7.82 -1.50 7.70
C ASP A 46 -8.20 -2.00 6.31
N ALA A 47 -7.74 -1.30 5.28
CA ALA A 47 -8.03 -1.67 3.90
C ALA A 47 -7.26 -2.92 3.50
N LEU A 48 -6.01 -3.02 3.96
CA LEU A 48 -5.17 -4.16 3.64
C LEU A 48 -5.83 -5.47 4.07
N LEU A 49 -6.20 -5.54 5.34
CA LEU A 49 -6.84 -6.74 5.88
C LEU A 49 -8.08 -7.10 5.06
N SER A 50 -8.84 -6.09 4.65
CA SER A 50 -10.05 -6.30 3.86
C SER A 50 -9.76 -7.17 2.64
N ARG A 51 -8.70 -6.83 1.93
CA ARG A 51 -8.30 -7.59 0.74
C ARG A 51 -7.27 -8.66 1.09
N ASP A 52 -7.11 -8.91 2.37
CA ASP A 52 -6.16 -9.92 2.83
C ASP A 52 -4.82 -9.75 2.14
N LEU A 53 -4.31 -8.52 2.13
CA LEU A 53 -3.03 -8.21 1.50
C LEU A 53 -1.90 -8.25 2.51
N ILE A 54 -2.17 -7.74 3.71
CA ILE A 54 -1.18 -7.71 4.77
C ILE A 54 -1.33 -8.91 5.70
N MET A 55 -0.21 -9.56 6.00
CA MET A 55 -0.23 -10.73 6.88
C MET A 55 -0.40 -10.31 8.34
N LYS A 56 -1.21 -11.06 9.07
CA LYS A 56 -1.47 -10.76 10.48
C LYS A 56 -0.16 -10.58 11.24
N GLU A 57 0.80 -11.48 10.99
CA GLU A 57 2.10 -11.42 11.64
C GLU A 57 2.79 -10.09 11.38
N ASP A 58 2.58 -9.55 10.18
CA ASP A 58 3.18 -8.27 9.80
C ASP A 58 2.47 -7.12 10.48
N TYR A 59 1.16 -7.25 10.66
CA TYR A 59 0.36 -6.21 11.31
C TYR A 59 0.82 -5.98 12.75
N GLU A 60 1.05 -7.07 13.47
CA GLU A 60 1.50 -6.99 14.85
C GLU A 60 2.85 -6.31 14.95
N LEU A 61 3.76 -6.70 14.07
CA LEU A 61 5.11 -6.13 14.04
C LEU A 61 5.05 -4.61 13.95
N ILE A 62 4.39 -4.11 12.90
CA ILE A 62 4.26 -2.68 12.69
C ILE A 62 3.44 -2.03 13.80
N SER A 63 2.45 -2.77 14.31
CA SER A 63 1.59 -2.26 15.37
C SER A 63 2.38 -2.05 16.66
N THR A 64 3.40 -2.89 16.87
CA THR A 64 4.23 -2.79 18.06
C THR A 64 5.48 -1.95 17.80
N LYS A 65 5.33 -0.95 16.93
CA LYS A 65 6.44 -0.07 16.59
C LYS A 65 6.70 0.94 17.71
N PRO A 66 7.91 1.51 17.73
CA PRO A 66 8.31 2.50 18.73
C PRO A 66 7.57 3.83 18.57
N THR A 67 7.54 4.33 17.34
CA THR A 67 6.87 5.59 17.06
C THR A 67 6.01 5.48 15.80
N ARG A 68 5.19 6.50 15.57
CA ARG A 68 4.31 6.52 14.40
C ARG A 68 5.13 6.57 13.11
N THR A 69 6.09 7.49 13.06
CA THR A 69 6.93 7.65 11.88
C THR A 69 7.51 6.31 11.44
N ALA A 70 7.81 5.45 12.41
CA ALA A 70 8.36 4.14 12.11
C ALA A 70 7.30 3.21 11.53
N LYS A 71 6.08 3.32 12.03
CA LYS A 71 4.97 2.49 11.56
C LYS A 71 4.80 2.63 10.05
N VAL A 72 4.42 3.83 9.61
CA VAL A 72 4.21 4.08 8.19
C VAL A 72 5.42 3.66 7.37
N ARG A 73 6.61 4.06 7.84
CA ARG A 73 7.85 3.72 7.14
C ARG A 73 7.92 2.23 6.85
N GLN A 74 7.98 1.43 7.91
CA GLN A 74 8.05 -0.03 7.77
C GLN A 74 6.90 -0.54 6.91
N LEU A 75 5.75 0.12 7.01
CA LEU A 75 4.58 -0.27 6.24
C LEU A 75 4.88 -0.31 4.75
N LEU A 76 5.54 0.73 4.26
CA LEU A 76 5.90 0.81 2.84
C LEU A 76 7.06 -0.13 2.53
N ASP A 77 7.98 -0.26 3.47
CA ASP A 77 9.14 -1.12 3.29
C ASP A 77 8.72 -2.59 3.18
N THR A 78 7.67 -2.96 3.92
CA THR A 78 7.18 -4.33 3.91
C THR A 78 6.38 -4.61 2.64
N SER A 79 5.78 -3.56 2.07
CA SER A 79 5.00 -3.70 0.85
C SER A 79 5.78 -4.45 -0.22
N ASP A 80 7.06 -4.13 -0.34
CA ASP A 80 7.92 -4.77 -1.33
C ASP A 80 7.94 -6.28 -1.12
N ILE A 81 7.88 -6.71 0.14
CA ILE A 81 7.90 -8.12 0.47
C ILE A 81 6.50 -8.72 0.42
N GLN A 82 5.49 -7.88 0.63
CA GLN A 82 4.10 -8.32 0.60
C GLN A 82 3.64 -8.57 -0.82
N GLY A 83 3.39 -7.49 -1.56
CA GLY A 83 2.94 -7.61 -2.93
C GLY A 83 2.70 -6.26 -3.58
N GLU A 84 2.45 -6.28 -4.89
CA GLU A 84 2.21 -5.05 -5.64
C GLU A 84 0.94 -4.36 -5.17
N GLU A 85 -0.13 -5.15 -5.02
CA GLU A 85 -1.41 -4.62 -4.59
C GLU A 85 -1.26 -3.85 -3.28
N PHE A 86 -0.38 -4.34 -2.41
CA PHE A 86 -0.15 -3.71 -1.12
C PHE A 86 0.18 -2.23 -1.29
N ALA A 87 1.10 -1.94 -2.21
CA ALA A 87 1.50 -0.56 -2.47
C ALA A 87 0.35 0.25 -3.05
N ARG A 88 -0.26 -0.28 -4.11
CA ARG A 88 -1.38 0.39 -4.76
C ARG A 88 -2.43 0.82 -3.73
N VAL A 89 -2.58 0.03 -2.68
CA VAL A 89 -3.54 0.34 -1.63
C VAL A 89 -3.20 1.64 -0.91
N ILE A 90 -1.93 1.77 -0.50
CA ILE A 90 -1.48 2.97 0.19
C ILE A 90 -1.64 4.20 -0.69
N VAL A 91 -1.09 4.12 -1.91
CA VAL A 91 -1.18 5.24 -2.85
C VAL A 91 -2.61 5.71 -3.02
N GLN A 92 -3.54 4.77 -3.06
CA GLN A 92 -4.96 5.08 -3.21
C GLN A 92 -5.49 5.77 -1.96
N LYS A 93 -5.15 5.23 -0.80
CA LYS A 93 -5.60 5.79 0.47
C LYS A 93 -5.19 7.25 0.60
N LEU A 94 -3.91 7.53 0.36
CA LEU A 94 -3.40 8.89 0.45
C LEU A 94 -4.25 9.85 -0.38
N LYS A 95 -4.36 9.56 -1.67
CA LYS A 95 -5.14 10.39 -2.57
C LYS A 95 -6.61 10.40 -2.17
N ASP A 96 -7.06 9.31 -1.57
CA ASP A 96 -8.45 9.19 -1.13
C ASP A 96 -8.86 10.40 -0.31
N ASN A 97 -7.94 10.90 0.51
CA ASN A 97 -8.21 12.06 1.36
C ASN A 97 -7.74 13.34 0.69
N LYS A 98 -6.45 13.62 0.80
CA LYS A 98 -5.86 14.82 0.20
C LYS A 98 -4.39 14.93 0.55
N GLN A 99 -3.55 14.98 -0.49
CA GLN A 99 -2.10 15.10 -0.29
C GLN A 99 -1.48 15.96 -1.39
N MET A 100 -1.47 17.26 -1.18
CA MET A 100 -0.89 18.18 -2.16
C MET A 100 0.62 18.14 -2.12
N GLY A 101 1.17 17.93 -0.92
CA GLY A 101 2.62 17.87 -0.76
C GLY A 101 3.20 16.56 -1.25
N LEU A 102 2.36 15.54 -1.34
CA LEU A 102 2.80 14.23 -1.80
C LEU A 102 2.83 14.16 -3.33
N GLN A 103 2.08 15.06 -3.97
CA GLN A 103 2.02 15.10 -5.42
C GLN A 103 3.40 15.40 -6.01
N PRO A 104 3.57 15.08 -7.31
CA PRO A 104 2.50 14.48 -8.12
C PRO A 104 2.20 13.05 -7.71
N TYR A 105 1.31 12.40 -8.45
CA TYR A 105 0.93 11.02 -8.16
C TYR A 105 0.96 10.18 -9.42
N PRO A 106 0.94 8.84 -9.24
CA PRO A 106 0.97 7.89 -10.35
C PRO A 106 -0.32 7.90 -11.15
N GLU A 107 -0.26 7.39 -12.38
CA GLU A 107 -1.44 7.34 -13.24
C GLU A 107 -2.20 6.04 -13.05
N VAL A 108 -2.41 5.67 -11.79
CA VAL A 108 -3.12 4.44 -11.46
C VAL A 108 -3.92 4.59 -10.17
N LEU A 109 -5.23 4.38 -10.25
CA LEU A 109 -6.10 4.50 -9.10
C LEU A 109 -7.25 3.50 -9.16
N LEU A 110 -6.95 2.25 -8.80
CA LEU A 110 -7.96 1.19 -8.82
C LEU A 110 -9.26 1.67 -8.21
N VAL A 111 -10.37 1.07 -8.64
CA VAL A 111 -11.69 1.43 -8.12
C VAL A 111 -12.02 0.65 -6.85
N SER A 112 -11.37 1.03 -5.76
CA SER A 112 -11.60 0.37 -4.48
C SER A 112 -11.54 1.38 -3.33
N ARG A 113 -12.03 2.58 -3.58
CA ARG A 113 -12.04 3.63 -2.57
C ARG A 113 -13.00 3.29 -1.44
N THR A 114 -14.29 3.22 -1.76
CA THR A 114 -15.31 2.91 -0.78
C THR A 114 -16.54 2.29 -1.44
N PRO A 115 -16.39 1.04 -1.91
CA PRO A 115 -17.48 0.31 -2.56
C PRO A 115 -18.59 -0.09 -1.59
N SER A 116 -18.21 -0.36 -0.34
CA SER A 116 -19.16 -0.75 0.68
C SER A 116 -18.56 -0.60 2.07
N SER A 117 -19.42 -0.61 3.09
CA SER A 117 -18.98 -0.48 4.47
C SER A 117 -18.42 -1.80 5.00
N ASN A 118 -17.28 -1.72 5.67
CA ASN A 118 -16.64 -2.91 6.22
C ASN A 118 -16.44 -2.77 7.72
N VAL A 119 -17.21 -3.53 8.49
CA VAL A 119 -17.11 -3.50 9.96
C VAL A 119 -16.87 -4.89 10.53
N LEU A 120 -15.93 -4.98 11.46
CA LEU A 120 -15.59 -6.26 12.08
C LEU A 120 -15.05 -7.25 11.06
N GLN A 121 -14.30 -6.74 10.10
CA GLN A 121 -13.71 -7.58 9.05
C GLN A 121 -12.36 -8.13 9.49
N ASN A 122 -12.21 -9.45 9.39
CA ASN A 122 -10.97 -10.11 9.77
C ASN A 122 -10.82 -11.46 9.07
N LYS A 123 -9.61 -11.99 9.07
CA LYS A 123 -9.34 -13.28 8.44
C LYS A 123 -9.14 -14.38 9.49
N THR A 124 -9.99 -15.40 9.45
CA THR A 124 -9.91 -16.50 10.39
C THR A 124 -9.41 -17.77 9.71
N LEU A 125 -8.75 -18.63 10.48
CA LEU A 125 -8.21 -19.88 9.95
C LEU A 125 -9.34 -20.88 9.69
N MET A 1 50.87 19.65 -20.67
CA MET A 1 50.06 18.73 -21.48
C MET A 1 49.29 17.78 -20.59
N HIS A 2 47.97 17.73 -20.77
CA HIS A 2 47.11 16.86 -19.98
C HIS A 2 47.18 17.20 -18.49
N HIS A 3 47.22 18.51 -18.21
CA HIS A 3 47.29 18.98 -16.82
C HIS A 3 46.00 18.65 -16.08
N HIS A 4 44.86 18.93 -16.72
CA HIS A 4 43.57 18.67 -16.11
C HIS A 4 43.31 17.16 -16.00
N HIS A 5 42.60 16.77 -14.94
CA HIS A 5 42.29 15.37 -14.72
C HIS A 5 40.86 15.21 -14.18
N HIS A 6 40.31 14.01 -14.34
CA HIS A 6 38.95 13.72 -13.88
C HIS A 6 38.95 12.54 -12.93
N HIS A 7 37.83 12.34 -12.24
CA HIS A 7 37.69 11.23 -11.30
C HIS A 7 36.23 10.84 -11.14
N GLY A 8 35.96 9.53 -11.15
CA GLY A 8 34.61 9.06 -11.00
C GLY A 8 34.51 7.88 -10.05
N SER A 9 33.57 7.96 -9.10
CA SER A 9 33.38 6.90 -8.12
C SER A 9 32.56 5.75 -8.71
N GLY A 10 32.40 4.69 -7.94
CA GLY A 10 31.63 3.55 -8.39
C GLY A 10 30.60 3.10 -7.37
N SER A 11 29.39 2.83 -7.84
CA SER A 11 28.30 2.39 -6.96
C SER A 11 27.33 1.49 -7.71
N GLY A 12 26.50 0.76 -6.96
CA GLY A 12 25.54 -0.13 -7.57
C GLY A 12 24.11 0.35 -7.39
N LEU A 13 23.33 0.28 -8.46
CA LEU A 13 21.94 0.72 -8.42
C LEU A 13 20.99 -0.42 -8.81
N VAL A 14 20.10 -0.77 -7.90
CA VAL A 14 19.14 -1.85 -8.15
C VAL A 14 17.71 -1.39 -7.85
N PRO A 15 16.73 -2.05 -8.47
CA PRO A 15 15.32 -1.74 -8.28
C PRO A 15 14.82 -2.13 -6.89
N ARG A 16 14.00 -1.26 -6.31
CA ARG A 16 13.45 -1.50 -4.98
C ARG A 16 11.93 -1.57 -5.01
N GLY A 17 11.39 -2.39 -5.91
CA GLY A 17 9.96 -2.52 -6.04
C GLY A 17 9.55 -3.42 -7.19
N SER A 18 8.31 -3.88 -7.18
CA SER A 18 7.80 -4.76 -8.23
C SER A 18 6.53 -4.18 -8.85
N GLY A 19 6.45 -2.86 -8.90
CA GLY A 19 5.27 -2.20 -9.46
C GLY A 19 5.34 -0.70 -9.34
N ILE A 20 4.68 -0.01 -10.27
CA ILE A 20 4.67 1.45 -10.27
C ILE A 20 4.38 2.00 -8.87
N ALA A 21 3.23 1.64 -8.33
CA ALA A 21 2.84 2.09 -6.99
C ALA A 21 3.94 1.81 -5.98
N GLN A 22 4.42 0.57 -5.96
CA GLN A 22 5.48 0.17 -5.04
C GLN A 22 6.70 1.07 -5.19
N GLN A 23 7.07 1.35 -6.43
CA GLN A 23 8.23 2.19 -6.71
C GLN A 23 7.97 3.63 -6.28
N TRP A 24 6.77 4.13 -6.57
CA TRP A 24 6.40 5.49 -6.21
C TRP A 24 6.58 5.72 -4.71
N ILE A 25 6.03 4.82 -3.91
CA ILE A 25 6.14 4.93 -2.46
C ILE A 25 7.58 5.20 -2.03
N GLN A 26 8.51 4.49 -2.64
CA GLN A 26 9.93 4.66 -2.32
C GLN A 26 10.42 6.04 -2.74
N SER A 27 9.90 6.53 -3.86
CA SER A 27 10.29 7.84 -4.38
C SER A 27 9.88 8.95 -3.41
N LYS A 28 8.62 8.92 -2.99
CA LYS A 28 8.09 9.92 -2.07
C LYS A 28 7.91 9.33 -0.68
N ARG A 29 8.79 8.42 -0.31
CA ARG A 29 8.72 7.78 1.01
C ARG A 29 8.97 8.79 2.12
N GLU A 30 9.91 9.71 1.88
CA GLU A 30 10.25 10.73 2.87
C GLU A 30 9.06 11.65 3.12
N ALA A 31 8.26 11.88 2.08
CA ALA A 31 7.09 12.75 2.19
C ALA A 31 5.88 11.96 2.70
N ILE A 32 5.74 10.74 2.21
CA ILE A 32 4.62 9.89 2.61
C ILE A 32 4.67 9.59 4.11
N VAL A 33 5.88 9.39 4.63
CA VAL A 33 6.07 9.10 6.04
C VAL A 33 5.86 10.34 6.89
N SER A 34 6.33 11.48 6.40
CA SER A 34 6.20 12.75 7.12
C SER A 34 4.78 13.29 7.00
N GLN A 35 4.06 12.82 5.99
CA GLN A 35 2.68 13.26 5.76
C GLN A 35 1.69 12.29 6.41
N MET A 36 1.70 11.05 5.95
CA MET A 36 0.81 10.04 6.49
C MET A 36 0.87 9.99 8.01
N THR A 37 -0.13 10.59 8.66
CA THR A 37 -0.18 10.62 10.11
C THR A 37 -0.62 9.28 10.68
N GLU A 38 -0.89 9.26 11.99
CA GLU A 38 -1.31 8.02 12.65
C GLU A 38 -2.66 7.56 12.13
N ALA A 39 -3.52 8.51 11.81
CA ALA A 39 -4.85 8.20 11.29
C ALA A 39 -4.78 7.66 9.87
N CYS A 40 -4.02 8.34 9.02
CA CYS A 40 -3.87 7.92 7.62
C CYS A 40 -3.26 6.53 7.55
N LEU A 41 -2.35 6.24 8.46
CA LEU A 41 -1.68 4.94 8.49
C LEU A 41 -2.68 3.83 8.80
N ASN A 42 -3.33 3.92 9.95
CA ASN A 42 -4.31 2.92 10.37
C ASN A 42 -5.37 2.72 9.28
N GLN A 43 -5.72 3.80 8.60
CA GLN A 43 -6.72 3.74 7.54
C GLN A 43 -6.35 2.70 6.50
N SER A 44 -5.14 2.81 5.94
CA SER A 44 -4.67 1.88 4.93
C SER A 44 -4.53 0.47 5.51
N LEU A 45 -4.11 0.40 6.77
CA LEU A 45 -3.94 -0.89 7.44
C LEU A 45 -5.25 -1.67 7.48
N ASP A 46 -6.36 -0.94 7.63
CA ASP A 46 -7.68 -1.56 7.68
C ASP A 46 -8.09 -2.08 6.30
N ALA A 47 -7.85 -1.26 5.27
CA ALA A 47 -8.18 -1.64 3.91
C ALA A 47 -7.45 -2.90 3.48
N LEU A 48 -6.19 -3.02 3.91
CA LEU A 48 -5.37 -4.18 3.57
C LEU A 48 -6.05 -5.46 4.03
N LEU A 49 -6.41 -5.51 5.31
CA LEU A 49 -7.07 -6.69 5.87
C LEU A 49 -8.32 -7.06 5.07
N SER A 50 -9.04 -6.04 4.61
CA SER A 50 -10.25 -6.26 3.83
C SER A 50 -9.97 -7.16 2.63
N ARG A 51 -8.92 -6.83 1.88
CA ARG A 51 -8.55 -7.61 0.71
C ARG A 51 -7.51 -8.68 1.07
N ASP A 52 -7.39 -8.96 2.36
CA ASP A 52 -6.45 -9.96 2.83
C ASP A 52 -5.09 -9.77 2.17
N LEU A 53 -4.57 -8.55 2.22
CA LEU A 53 -3.28 -8.23 1.61
C LEU A 53 -2.16 -8.32 2.65
N ILE A 54 -2.40 -7.75 3.82
CA ILE A 54 -1.41 -7.77 4.90
C ILE A 54 -1.69 -8.92 5.87
N MET A 55 -0.64 -9.67 6.18
CA MET A 55 -0.76 -10.80 7.10
C MET A 55 -0.88 -10.31 8.54
N LYS A 56 -1.69 -11.02 9.33
CA LYS A 56 -1.89 -10.67 10.74
C LYS A 56 -0.55 -10.49 11.45
N GLU A 57 0.31 -11.49 11.33
CA GLU A 57 1.63 -11.43 11.97
C GLU A 57 2.36 -10.14 11.60
N ASP A 58 2.15 -9.68 10.37
CA ASP A 58 2.80 -8.46 9.90
C ASP A 58 2.14 -7.23 10.52
N TYR A 59 0.82 -7.29 10.70
CA TYR A 59 0.08 -6.19 11.29
C TYR A 59 0.58 -5.88 12.70
N GLU A 60 0.82 -6.93 13.48
CA GLU A 60 1.28 -6.77 14.84
C GLU A 60 2.71 -6.23 14.87
N LEU A 61 3.51 -6.64 13.88
CA LEU A 61 4.89 -6.19 13.78
C LEU A 61 4.98 -4.67 13.73
N ILE A 62 4.33 -4.08 12.73
CA ILE A 62 4.34 -2.63 12.57
C ILE A 62 3.63 -1.95 13.74
N SER A 63 2.60 -2.61 14.28
CA SER A 63 1.84 -2.07 15.40
C SER A 63 2.72 -1.95 16.64
N THR A 64 3.70 -2.84 16.76
CA THR A 64 4.60 -2.83 17.90
C THR A 64 5.88 -2.06 17.59
N LYS A 65 5.76 -1.03 16.75
CA LYS A 65 6.90 -0.22 16.36
C LYS A 65 7.29 0.74 17.49
N PRO A 66 8.53 1.23 17.44
CA PRO A 66 9.05 2.17 18.45
C PRO A 66 8.40 3.54 18.36
N THR A 67 8.28 4.06 17.14
CA THR A 67 7.67 5.36 16.92
C THR A 67 6.67 5.31 15.77
N ARG A 68 5.69 6.21 15.81
CA ARG A 68 4.67 6.28 14.77
C ARG A 68 5.31 6.43 13.39
N THR A 69 6.20 7.40 13.26
CA THR A 69 6.87 7.65 11.99
C THR A 69 7.48 6.37 11.42
N ALA A 70 7.93 5.48 12.32
CA ALA A 70 8.52 4.22 11.91
C ALA A 70 7.47 3.28 11.32
N LYS A 71 6.28 3.30 11.90
CA LYS A 71 5.19 2.46 11.42
C LYS A 71 4.98 2.61 9.93
N VAL A 72 4.96 3.86 9.46
CA VAL A 72 4.77 4.15 8.05
C VAL A 72 5.90 3.55 7.22
N ARG A 73 7.14 3.89 7.57
CA ARG A 73 8.31 3.39 6.85
C ARG A 73 8.24 1.87 6.70
N GLN A 74 8.12 1.17 7.83
CA GLN A 74 8.05 -0.28 7.83
C GLN A 74 6.93 -0.76 6.91
N LEU A 75 5.84 -0.01 6.86
CA LEU A 75 4.70 -0.36 6.03
C LEU A 75 5.10 -0.42 4.56
N LEU A 76 5.95 0.50 4.14
CA LEU A 76 6.41 0.54 2.75
C LEU A 76 7.40 -0.59 2.47
N ASP A 77 8.27 -0.85 3.44
CA ASP A 77 9.26 -1.91 3.30
C ASP A 77 8.59 -3.28 3.20
N THR A 78 7.49 -3.45 3.93
CA THR A 78 6.76 -4.71 3.93
C THR A 78 6.08 -4.94 2.59
N SER A 79 5.62 -3.87 1.97
CA SER A 79 4.95 -3.96 0.68
C SER A 79 5.79 -4.75 -0.32
N ASP A 80 7.08 -4.45 -0.36
CA ASP A 80 8.01 -5.13 -1.26
C ASP A 80 7.89 -6.65 -1.11
N ILE A 81 7.61 -7.10 0.11
CA ILE A 81 7.47 -8.53 0.38
C ILE A 81 6.05 -9.01 0.07
N GLN A 82 5.08 -8.13 0.25
CA GLN A 82 3.69 -8.46 0.00
C GLN A 82 3.41 -8.51 -1.50
N GLY A 83 3.31 -7.34 -2.12
CA GLY A 83 3.05 -7.28 -3.55
C GLY A 83 2.61 -5.90 -4.00
N GLU A 84 2.45 -5.72 -5.31
CA GLU A 84 2.03 -4.44 -5.86
C GLU A 84 0.71 -3.99 -5.24
N GLU A 85 -0.17 -4.96 -4.98
CA GLU A 85 -1.48 -4.66 -4.40
C GLU A 85 -1.32 -3.86 -3.10
N PHE A 86 -0.43 -4.33 -2.23
CA PHE A 86 -0.19 -3.67 -0.95
C PHE A 86 0.10 -2.18 -1.16
N ALA A 87 1.17 -1.90 -1.90
CA ALA A 87 1.55 -0.52 -2.17
C ALA A 87 0.43 0.24 -2.87
N ARG A 88 -0.16 -0.39 -3.87
CA ARG A 88 -1.26 0.23 -4.61
C ARG A 88 -2.34 0.74 -3.67
N VAL A 89 -2.56 0.03 -2.58
CA VAL A 89 -3.56 0.40 -1.60
C VAL A 89 -3.21 1.74 -0.94
N ILE A 90 -1.94 1.90 -0.60
CA ILE A 90 -1.47 3.14 0.04
C ILE A 90 -1.65 4.33 -0.88
N VAL A 91 -1.17 4.20 -2.12
CA VAL A 91 -1.28 5.27 -3.10
C VAL A 91 -2.72 5.77 -3.21
N GLN A 92 -3.66 4.83 -3.25
CA GLN A 92 -5.07 5.17 -3.36
C GLN A 92 -5.58 5.82 -2.07
N LYS A 93 -5.08 5.33 -0.94
CA LYS A 93 -5.47 5.87 0.36
C LYS A 93 -5.04 7.31 0.52
N LEU A 94 -3.78 7.59 0.15
CA LEU A 94 -3.24 8.94 0.26
C LEU A 94 -4.14 9.94 -0.48
N LYS A 95 -4.49 9.60 -1.72
CA LYS A 95 -5.34 10.48 -2.53
C LYS A 95 -6.79 10.42 -2.04
N ASP A 96 -7.17 9.27 -1.48
CA ASP A 96 -8.53 9.10 -0.97
C ASP A 96 -8.92 10.24 -0.05
N ASN A 97 -7.93 10.81 0.63
CA ASN A 97 -8.17 11.92 1.55
C ASN A 97 -7.99 13.26 0.85
N LYS A 98 -6.73 13.68 0.73
CA LYS A 98 -6.42 14.96 0.08
C LYS A 98 -4.93 15.24 0.15
N GLN A 99 -4.12 14.19 0.03
CA GLN A 99 -2.67 14.33 0.08
C GLN A 99 -2.12 14.73 -1.28
N MET A 100 -2.63 15.84 -1.82
CA MET A 100 -2.19 16.33 -3.12
C MET A 100 -0.77 16.88 -3.03
N GLY A 101 -0.39 17.35 -1.85
CA GLY A 101 0.94 17.91 -1.67
C GLY A 101 2.03 16.91 -1.99
N LEU A 102 1.67 15.63 -2.02
CA LEU A 102 2.63 14.57 -2.33
C LEU A 102 2.80 14.40 -3.83
N GLN A 103 2.19 15.28 -4.60
CA GLN A 103 2.28 15.23 -6.05
C GLN A 103 3.70 15.50 -6.52
N PRO A 104 4.00 15.12 -7.77
CA PRO A 104 3.02 14.47 -8.65
C PRO A 104 2.68 13.06 -8.18
N TYR A 105 1.49 12.60 -8.55
CA TYR A 105 1.03 11.27 -8.17
C TYR A 105 1.05 10.32 -9.37
N PRO A 106 1.05 9.02 -9.09
CA PRO A 106 1.07 7.98 -10.15
C PRO A 106 -0.25 7.91 -10.91
N GLU A 107 -0.47 6.79 -11.60
CA GLU A 107 -1.69 6.60 -12.36
C GLU A 107 -2.90 6.48 -11.45
N VAL A 108 -3.38 7.63 -10.96
CA VAL A 108 -4.53 7.65 -10.07
C VAL A 108 -5.69 6.84 -10.65
N LEU A 109 -6.01 5.72 -10.00
CA LEU A 109 -7.09 4.87 -10.44
C LEU A 109 -8.37 5.67 -10.69
N LEU A 110 -8.54 6.74 -9.92
CA LEU A 110 -9.71 7.60 -10.05
C LEU A 110 -11.00 6.80 -9.83
N VAL A 111 -11.02 6.01 -8.76
CA VAL A 111 -12.19 5.21 -8.42
C VAL A 111 -13.16 5.97 -7.52
N SER A 112 -12.67 6.36 -6.35
CA SER A 112 -13.50 7.09 -5.39
C SER A 112 -14.04 8.38 -6.02
N ARG A 113 -15.31 8.68 -5.74
CA ARG A 113 -15.95 9.86 -6.28
C ARG A 113 -16.32 10.83 -5.16
N THR A 114 -16.82 10.28 -4.05
CA THR A 114 -17.21 11.10 -2.91
C THR A 114 -16.56 10.60 -1.62
N PRO A 115 -15.25 10.85 -1.49
CA PRO A 115 -14.48 10.44 -0.31
C PRO A 115 -14.87 11.22 0.94
N SER A 116 -14.20 10.92 2.05
CA SER A 116 -14.47 11.60 3.31
C SER A 116 -14.39 13.11 3.15
N SER A 117 -15.28 13.83 3.82
CA SER A 117 -15.30 15.28 3.75
C SER A 117 -14.38 15.89 4.79
N ASN A 118 -14.74 15.76 6.06
CA ASN A 118 -13.93 16.30 7.14
C ASN A 118 -12.87 15.30 7.58
N VAL A 119 -11.66 15.81 7.83
CA VAL A 119 -10.56 14.96 8.26
C VAL A 119 -9.71 15.65 9.33
N LEU A 120 -9.28 14.87 10.32
CA LEU A 120 -8.48 15.41 11.41
C LEU A 120 -7.00 15.42 11.04
N GLN A 121 -6.29 16.46 11.46
CA GLN A 121 -4.87 16.58 11.18
C GLN A 121 -4.11 17.11 12.38
N ASN A 122 -2.84 16.73 12.49
CA ASN A 122 -2.01 17.16 13.60
C ASN A 122 -1.22 18.42 13.24
N LYS A 123 -0.75 18.48 12.00
CA LYS A 123 0.03 19.62 11.52
C LYS A 123 1.29 19.81 12.36
N THR A 124 1.94 18.70 12.71
CA THR A 124 3.15 18.75 13.51
C THR A 124 4.35 18.21 12.72
N LEU A 125 5.54 18.55 13.17
CA LEU A 125 6.76 18.09 12.52
C LEU A 125 6.95 16.59 12.68
N MET A 1 47.12 -2.29 -4.71
CA MET A 1 47.48 -2.52 -3.32
C MET A 1 46.23 -2.61 -2.44
N HIS A 2 45.45 -1.53 -2.42
CA HIS A 2 44.23 -1.48 -1.62
C HIS A 2 43.05 -1.01 -2.45
N HIS A 3 42.04 -1.88 -2.60
CA HIS A 3 40.86 -1.56 -3.38
C HIS A 3 40.19 -0.29 -2.84
N HIS A 4 40.25 0.78 -3.63
CA HIS A 4 39.65 2.06 -3.23
C HIS A 4 38.16 2.06 -3.53
N HIS A 5 37.81 1.93 -4.80
CA HIS A 5 36.41 1.92 -5.21
C HIS A 5 35.84 0.50 -5.19
N HIS A 6 34.81 0.29 -4.37
CA HIS A 6 34.19 -1.02 -4.26
C HIS A 6 33.62 -1.46 -5.60
N HIS A 7 33.84 -2.74 -5.94
CA HIS A 7 33.35 -3.28 -7.20
C HIS A 7 31.84 -3.51 -7.14
N GLY A 8 31.10 -2.81 -7.99
CA GLY A 8 29.66 -2.95 -8.02
C GLY A 8 29.10 -2.92 -9.43
N SER A 9 29.11 -4.08 -10.08
CA SER A 9 28.61 -4.19 -11.45
C SER A 9 27.17 -3.71 -11.53
N GLY A 10 26.31 -4.26 -10.67
CA GLY A 10 24.91 -3.89 -10.67
C GLY A 10 24.01 -5.04 -10.29
N SER A 11 23.41 -5.68 -11.29
CA SER A 11 22.51 -6.80 -11.04
C SER A 11 21.40 -6.40 -10.08
N GLY A 12 20.89 -5.18 -10.24
CA GLY A 12 19.83 -4.71 -9.39
C GLY A 12 18.55 -5.51 -9.55
N LEU A 13 17.44 -4.92 -9.11
CA LEU A 13 16.14 -5.59 -9.21
C LEU A 13 16.17 -6.95 -8.50
N VAL A 14 16.84 -7.00 -7.35
CA VAL A 14 16.94 -8.23 -6.58
C VAL A 14 15.56 -8.83 -6.32
N PRO A 15 14.68 -8.04 -5.68
CA PRO A 15 13.33 -8.47 -5.36
C PRO A 15 12.44 -8.60 -6.60
N ARG A 16 12.04 -9.83 -6.91
CA ARG A 16 11.20 -10.09 -8.08
C ARG A 16 9.91 -9.28 -8.00
N GLY A 17 9.40 -9.11 -6.79
CA GLY A 17 8.17 -8.34 -6.61
C GLY A 17 8.33 -6.88 -6.96
N SER A 18 7.47 -6.39 -7.85
CA SER A 18 7.53 -4.99 -8.27
C SER A 18 6.14 -4.49 -8.67
N GLY A 19 6.00 -3.17 -8.71
CA GLY A 19 4.72 -2.57 -9.08
C GLY A 19 4.78 -1.07 -9.15
N ILE A 20 4.01 -0.49 -10.07
CA ILE A 20 3.98 0.96 -10.24
C ILE A 20 3.90 1.67 -8.90
N ALA A 21 2.81 1.43 -8.19
CA ALA A 21 2.59 2.05 -6.87
C ALA A 21 3.81 1.85 -5.98
N GLN A 22 4.31 0.63 -5.93
CA GLN A 22 5.47 0.30 -5.11
C GLN A 22 6.65 1.19 -5.47
N GLN A 23 6.96 1.26 -6.77
CA GLN A 23 8.08 2.07 -7.24
C GLN A 23 7.93 3.52 -6.79
N TRP A 24 6.72 4.05 -6.91
CA TRP A 24 6.45 5.43 -6.52
C TRP A 24 6.62 5.61 -5.01
N ILE A 25 6.07 4.66 -4.25
CA ILE A 25 6.15 4.71 -2.80
C ILE A 25 7.59 4.95 -2.33
N GLN A 26 8.51 4.15 -2.87
CA GLN A 26 9.92 4.27 -2.52
C GLN A 26 10.48 5.62 -2.97
N SER A 27 9.87 6.19 -4.01
CA SER A 27 10.31 7.47 -4.54
C SER A 27 9.89 8.61 -3.62
N LYS A 28 8.61 8.65 -3.28
CA LYS A 28 8.08 9.70 -2.41
C LYS A 28 7.80 9.14 -1.02
N ARG A 29 8.66 8.23 -0.57
CA ARG A 29 8.51 7.62 0.75
C ARG A 29 8.71 8.67 1.85
N GLU A 30 9.62 9.60 1.61
CA GLU A 30 9.91 10.66 2.58
C GLU A 30 8.68 11.55 2.77
N ALA A 31 7.92 11.74 1.71
CA ALA A 31 6.72 12.58 1.76
C ALA A 31 5.52 11.78 2.25
N ILE A 32 5.35 10.58 1.70
CA ILE A 32 4.24 9.72 2.08
C ILE A 32 4.24 9.45 3.58
N VAL A 33 5.43 9.29 4.15
CA VAL A 33 5.56 9.04 5.58
C VAL A 33 5.33 10.30 6.39
N SER A 34 5.93 11.40 5.96
CA SER A 34 5.80 12.68 6.65
C SER A 34 4.36 13.19 6.54
N GLN A 35 3.63 12.71 5.54
CA GLN A 35 2.25 13.13 5.33
C GLN A 35 1.29 12.15 6.01
N MET A 36 1.46 10.87 5.75
CA MET A 36 0.60 9.85 6.34
C MET A 36 0.53 10.01 7.85
N THR A 37 -0.58 10.58 8.32
CA THR A 37 -0.78 10.80 9.75
C THR A 37 -1.16 9.51 10.45
N GLU A 38 -1.42 9.60 11.75
CA GLU A 38 -1.79 8.43 12.54
C GLU A 38 -3.13 7.86 12.08
N ALA A 39 -4.01 8.75 11.63
CA ALA A 39 -5.33 8.35 11.15
C ALA A 39 -5.24 7.68 9.79
N CYS A 40 -4.33 8.18 8.95
CA CYS A 40 -4.16 7.62 7.61
C CYS A 40 -3.46 6.27 7.67
N LEU A 41 -2.57 6.11 8.64
CA LEU A 41 -1.85 4.85 8.81
C LEU A 41 -2.79 3.71 9.14
N ASN A 42 -3.67 3.94 10.12
CA ASN A 42 -4.63 2.93 10.53
C ASN A 42 -5.59 2.59 9.39
N GLN A 43 -5.91 3.58 8.58
CA GLN A 43 -6.82 3.39 7.46
C GLN A 43 -6.33 2.26 6.55
N SER A 44 -5.18 2.49 5.92
CA SER A 44 -4.60 1.49 5.03
C SER A 44 -4.44 0.15 5.73
N LEU A 45 -3.92 0.18 6.95
CA LEU A 45 -3.71 -1.03 7.73
C LEU A 45 -5.01 -1.82 7.85
N ASP A 46 -6.12 -1.11 7.92
CA ASP A 46 -7.44 -1.75 8.03
C ASP A 46 -7.94 -2.21 6.67
N ALA A 47 -7.61 -1.44 5.63
CA ALA A 47 -8.03 -1.77 4.28
C ALA A 47 -7.33 -3.03 3.78
N LEU A 48 -6.02 -3.10 4.00
CA LEU A 48 -5.24 -4.26 3.56
C LEU A 48 -5.87 -5.56 4.07
N LEU A 49 -6.23 -5.58 5.35
CA LEU A 49 -6.83 -6.76 5.96
C LEU A 49 -8.07 -7.19 5.17
N SER A 50 -8.88 -6.22 4.76
CA SER A 50 -10.09 -6.50 4.00
C SER A 50 -9.78 -7.38 2.79
N ARG A 51 -8.79 -6.98 2.01
CA ARG A 51 -8.40 -7.72 0.82
C ARG A 51 -7.29 -8.72 1.15
N ASP A 52 -7.12 -8.99 2.43
CA ASP A 52 -6.09 -9.94 2.88
C ASP A 52 -4.76 -9.67 2.17
N LEU A 53 -4.33 -8.41 2.18
CA LEU A 53 -3.08 -8.03 1.54
C LEU A 53 -1.93 -8.03 2.54
N ILE A 54 -2.24 -7.69 3.79
CA ILE A 54 -1.24 -7.65 4.84
C ILE A 54 -1.37 -8.86 5.77
N MET A 55 -0.24 -9.51 6.06
CA MET A 55 -0.22 -10.68 6.93
C MET A 55 -0.40 -10.27 8.38
N LYS A 56 -1.23 -11.02 9.12
CA LYS A 56 -1.48 -10.73 10.52
C LYS A 56 -0.18 -10.56 11.28
N GLU A 57 0.76 -11.48 11.07
CA GLU A 57 2.05 -11.43 11.74
C GLU A 57 2.76 -10.11 11.46
N ASP A 58 2.56 -9.58 10.25
CA ASP A 58 3.18 -8.32 9.85
C ASP A 58 2.48 -7.14 10.52
N TYR A 59 1.17 -7.26 10.71
CA TYR A 59 0.39 -6.20 11.34
C TYR A 59 0.85 -5.96 12.77
N GLU A 60 1.09 -7.05 13.50
CA GLU A 60 1.53 -6.95 14.89
C GLU A 60 2.91 -6.30 14.97
N LEU A 61 3.82 -6.74 14.11
CA LEU A 61 5.17 -6.20 14.08
C LEU A 61 5.15 -4.68 13.95
N ILE A 62 4.49 -4.19 12.90
CA ILE A 62 4.39 -2.75 12.66
C ILE A 62 3.60 -2.07 13.75
N SER A 63 2.61 -2.77 14.30
CA SER A 63 1.78 -2.23 15.36
C SER A 63 2.58 -1.98 16.62
N THR A 64 3.61 -2.80 16.84
CA THR A 64 4.46 -2.68 18.00
C THR A 64 5.72 -1.86 17.69
N LYS A 65 5.56 -0.87 16.81
CA LYS A 65 6.67 -0.02 16.42
C LYS A 65 6.99 1.00 17.52
N PRO A 66 8.21 1.55 17.48
CA PRO A 66 8.67 2.54 18.46
C PRO A 66 7.94 3.88 18.31
N THR A 67 7.88 4.38 17.08
CA THR A 67 7.22 5.65 16.81
C THR A 67 6.19 5.50 15.69
N ARG A 68 5.27 6.45 15.62
CA ARG A 68 4.23 6.43 14.60
C ARG A 68 4.83 6.54 13.20
N THR A 69 5.77 7.46 13.04
CA THR A 69 6.42 7.67 11.75
C THR A 69 7.07 6.39 11.26
N ALA A 70 7.60 5.60 12.20
CA ALA A 70 8.25 4.34 11.85
C ALA A 70 7.25 3.35 11.27
N LYS A 71 6.04 3.33 11.82
CA LYS A 71 5.00 2.43 11.35
C LYS A 71 4.80 2.56 9.85
N VAL A 72 4.73 3.80 9.37
CA VAL A 72 4.54 4.06 7.94
C VAL A 72 5.69 3.50 7.12
N ARG A 73 6.92 3.90 7.47
CA ARG A 73 8.10 3.43 6.77
C ARG A 73 8.11 1.91 6.66
N GLN A 74 8.01 1.25 7.80
CA GLN A 74 8.00 -0.21 7.84
C GLN A 74 6.91 -0.78 6.94
N LEU A 75 5.80 -0.06 6.86
CA LEU A 75 4.67 -0.50 6.02
C LEU A 75 5.08 -0.58 4.56
N LEU A 76 5.87 0.39 4.11
CA LEU A 76 6.33 0.43 2.73
C LEU A 76 7.37 -0.65 2.48
N ASP A 77 8.24 -0.88 3.46
CA ASP A 77 9.28 -1.89 3.34
C ASP A 77 8.66 -3.29 3.23
N THR A 78 7.57 -3.50 3.95
CA THR A 78 6.88 -4.80 3.95
C THR A 78 6.11 -5.00 2.66
N SER A 79 5.62 -3.90 2.08
CA SER A 79 4.85 -3.96 0.84
C SER A 79 5.60 -4.74 -0.22
N ASP A 80 6.90 -4.48 -0.34
CA ASP A 80 7.73 -5.16 -1.31
C ASP A 80 7.66 -6.68 -1.14
N ILE A 81 7.37 -7.11 0.09
CA ILE A 81 7.26 -8.53 0.39
C ILE A 81 5.88 -9.07 0.05
N GLN A 82 4.87 -8.23 0.25
CA GLN A 82 3.49 -8.63 -0.04
C GLN A 82 3.22 -8.63 -1.54
N GLY A 83 3.09 -7.43 -2.11
CA GLY A 83 2.85 -7.31 -3.53
C GLY A 83 2.48 -5.90 -3.94
N GLU A 84 2.42 -5.66 -5.25
CA GLU A 84 2.08 -4.34 -5.77
C GLU A 84 0.74 -3.87 -5.22
N GLU A 85 -0.19 -4.80 -5.07
CA GLU A 85 -1.52 -4.48 -4.56
C GLU A 85 -1.43 -3.78 -3.22
N PHE A 86 -0.35 -4.04 -2.49
CA PHE A 86 -0.14 -3.44 -1.18
C PHE A 86 0.25 -1.97 -1.31
N ALA A 87 1.09 -1.67 -2.30
CA ALA A 87 1.53 -0.31 -2.54
C ALA A 87 0.38 0.59 -2.98
N ARG A 88 -0.29 0.18 -4.05
CA ARG A 88 -1.42 0.94 -4.59
C ARG A 88 -2.39 1.32 -3.47
N VAL A 89 -2.51 0.44 -2.48
CA VAL A 89 -3.40 0.69 -1.35
C VAL A 89 -2.97 1.91 -0.56
N ILE A 90 -1.67 2.02 -0.30
CA ILE A 90 -1.12 3.14 0.45
C ILE A 90 -1.27 4.44 -0.33
N VAL A 91 -0.89 4.41 -1.61
CA VAL A 91 -0.99 5.58 -2.46
C VAL A 91 -2.44 5.98 -2.69
N GLN A 92 -3.32 4.98 -2.79
CA GLN A 92 -4.74 5.24 -3.00
C GLN A 92 -5.40 5.76 -1.73
N LYS A 93 -5.11 5.10 -0.61
CA LYS A 93 -5.67 5.51 0.67
C LYS A 93 -5.46 6.99 0.92
N LEU A 94 -4.20 7.42 0.91
CA LEU A 94 -3.86 8.83 1.13
C LEU A 94 -4.57 9.72 0.13
N LYS A 95 -4.31 9.49 -1.15
CA LYS A 95 -4.93 10.28 -2.21
C LYS A 95 -6.44 10.34 -2.03
N ASP A 96 -7.01 9.28 -1.50
CA ASP A 96 -8.45 9.22 -1.27
C ASP A 96 -8.93 10.46 -0.52
N ASN A 97 -8.09 10.97 0.38
CA ASN A 97 -8.44 12.16 1.16
C ASN A 97 -7.88 13.42 0.50
N LYS A 98 -6.59 13.64 0.67
CA LYS A 98 -5.93 14.81 0.10
C LYS A 98 -4.46 14.86 0.49
N GLN A 99 -3.59 14.91 -0.50
CA GLN A 99 -2.15 14.95 -0.26
C GLN A 99 -1.45 15.85 -1.28
N MET A 100 -1.48 17.16 -1.02
CA MET A 100 -0.86 18.13 -1.91
C MET A 100 0.66 18.12 -1.74
N GLY A 101 1.12 17.62 -0.60
CA GLY A 101 2.55 17.56 -0.34
C GLY A 101 3.17 16.24 -0.77
N LEU A 102 2.51 15.55 -1.69
CA LEU A 102 2.99 14.27 -2.18
C LEU A 102 3.22 14.31 -3.69
N GLN A 103 2.30 14.96 -4.40
CA GLN A 103 2.40 15.07 -5.86
C GLN A 103 3.81 15.49 -6.28
N PRO A 104 4.14 15.23 -7.55
CA PRO A 104 3.22 14.59 -8.49
C PRO A 104 2.97 13.13 -8.16
N TYR A 105 1.88 12.58 -8.69
CA TYR A 105 1.53 11.19 -8.46
C TYR A 105 1.83 10.33 -9.68
N PRO A 106 1.86 9.00 -9.48
CA PRO A 106 2.14 8.04 -10.54
C PRO A 106 1.00 7.95 -11.55
N GLU A 107 1.13 7.04 -12.51
CA GLU A 107 0.10 6.85 -13.53
C GLU A 107 -1.00 5.92 -13.04
N VAL A 108 -1.55 6.24 -11.87
CA VAL A 108 -2.61 5.43 -11.29
C VAL A 108 -3.65 6.31 -10.60
N LEU A 109 -4.55 5.67 -9.84
CA LEU A 109 -5.59 6.40 -9.11
C LEU A 109 -6.45 7.20 -10.07
N LEU A 110 -6.63 6.69 -11.29
CA LEU A 110 -7.44 7.36 -12.30
C LEU A 110 -8.92 7.21 -12.01
N VAL A 111 -9.74 8.06 -12.62
CA VAL A 111 -11.19 8.00 -12.43
C VAL A 111 -11.78 6.72 -13.01
N SER A 112 -12.70 6.12 -12.26
CA SER A 112 -13.35 4.89 -12.70
C SER A 112 -14.62 5.19 -13.50
N ARG A 113 -14.79 4.49 -14.61
CA ARG A 113 -15.95 4.68 -15.46
C ARG A 113 -17.21 4.15 -14.78
N THR A 114 -17.07 3.05 -14.04
CA THR A 114 -18.19 2.45 -13.34
C THR A 114 -17.88 2.27 -11.86
N PRO A 115 -17.88 3.38 -11.11
CA PRO A 115 -17.60 3.36 -9.67
C PRO A 115 -18.72 2.72 -8.87
N SER A 116 -19.95 3.12 -9.14
CA SER A 116 -21.12 2.58 -8.45
C SER A 116 -21.16 1.06 -8.56
N SER A 117 -21.58 0.40 -7.48
CA SER A 117 -21.66 -1.05 -7.46
C SER A 117 -23.01 -1.53 -7.98
N ASN A 118 -23.04 -2.77 -8.47
CA ASN A 118 -24.27 -3.35 -9.00
C ASN A 118 -24.59 -4.67 -8.32
N VAL A 119 -25.52 -4.63 -7.36
CA VAL A 119 -25.92 -5.83 -6.63
C VAL A 119 -27.39 -5.78 -6.27
N LEU A 120 -28.04 -6.94 -6.27
CA LEU A 120 -29.46 -7.03 -5.94
C LEU A 120 -29.67 -7.92 -4.72
N GLN A 121 -30.31 -7.37 -3.71
CA GLN A 121 -30.58 -8.11 -2.47
C GLN A 121 -31.45 -9.33 -2.76
N ASN A 122 -31.32 -10.36 -1.93
CA ASN A 122 -32.08 -11.58 -2.10
C ASN A 122 -33.47 -11.45 -1.47
N LYS A 123 -34.46 -12.02 -2.13
CA LYS A 123 -35.84 -11.97 -1.65
C LYS A 123 -36.14 -13.15 -0.73
N THR A 124 -35.68 -14.34 -1.13
CA THR A 124 -35.90 -15.54 -0.35
C THR A 124 -35.29 -15.42 1.04
N LEU A 125 -35.86 -16.14 2.00
CA LEU A 125 -35.37 -16.11 3.37
C LEU A 125 -33.99 -16.76 3.48
N MET A 1 28.76 -16.63 6.29
CA MET A 1 27.39 -17.00 6.00
C MET A 1 27.30 -18.48 5.59
N HIS A 2 26.17 -19.10 5.90
CA HIS A 2 25.96 -20.51 5.56
C HIS A 2 25.91 -20.71 4.04
N HIS A 3 26.43 -21.84 3.59
CA HIS A 3 26.44 -22.14 2.16
C HIS A 3 25.02 -22.22 1.61
N HIS A 4 24.91 -22.33 0.28
CA HIS A 4 23.61 -22.41 -0.37
C HIS A 4 23.27 -23.85 -0.73
N HIS A 5 22.04 -24.27 -0.42
CA HIS A 5 21.60 -25.63 -0.71
C HIS A 5 21.42 -25.82 -2.22
N HIS A 6 20.71 -24.88 -2.85
CA HIS A 6 20.46 -24.95 -4.28
C HIS A 6 21.33 -23.95 -5.04
N HIS A 7 21.71 -24.31 -6.26
CA HIS A 7 22.55 -23.45 -7.08
C HIS A 7 21.73 -22.82 -8.20
N GLY A 8 21.83 -21.50 -8.33
CA GLY A 8 21.09 -20.79 -9.37
C GLY A 8 21.90 -20.62 -10.64
N SER A 9 21.40 -21.17 -11.73
CA SER A 9 22.08 -21.08 -13.02
C SER A 9 22.28 -19.63 -13.43
N GLY A 10 21.20 -18.86 -13.41
CA GLY A 10 21.28 -17.46 -13.79
C GLY A 10 20.25 -16.61 -13.07
N SER A 11 19.82 -15.52 -13.71
CA SER A 11 18.84 -14.63 -13.13
C SER A 11 17.43 -14.99 -13.58
N GLY A 12 16.60 -15.40 -12.63
CA GLY A 12 15.24 -15.79 -12.95
C GLY A 12 14.23 -14.73 -12.54
N LEU A 13 13.04 -15.16 -12.12
CA LEU A 13 11.99 -14.24 -11.70
C LEU A 13 11.50 -14.59 -10.31
N VAL A 14 10.88 -13.61 -9.64
CA VAL A 14 10.36 -13.81 -8.30
C VAL A 14 8.84 -13.75 -8.28
N PRO A 15 8.23 -14.40 -7.28
CA PRO A 15 6.77 -14.43 -7.13
C PRO A 15 6.20 -13.07 -6.74
N ARG A 16 6.95 -12.32 -5.97
CA ARG A 16 6.52 -11.00 -5.53
C ARG A 16 7.38 -9.90 -6.16
N GLY A 17 6.73 -8.99 -6.87
CA GLY A 17 7.46 -7.90 -7.51
C GLY A 17 6.91 -6.55 -7.13
N SER A 18 7.25 -5.52 -7.93
CA SER A 18 6.79 -4.17 -7.66
C SER A 18 6.37 -3.48 -8.96
N GLY A 19 5.43 -2.54 -8.85
CA GLY A 19 4.95 -1.83 -10.03
C GLY A 19 5.01 -0.32 -9.84
N ILE A 20 4.11 0.38 -10.51
CA ILE A 20 4.05 1.83 -10.41
C ILE A 20 3.98 2.29 -8.96
N ALA A 21 2.90 1.92 -8.28
CA ALA A 21 2.70 2.28 -6.88
C ALA A 21 3.97 2.01 -6.06
N GLN A 22 4.46 0.78 -6.14
CA GLN A 22 5.66 0.40 -5.41
C GLN A 22 6.82 1.34 -5.74
N GLN A 23 6.88 1.77 -6.99
CA GLN A 23 7.94 2.67 -7.44
C GLN A 23 7.74 4.07 -6.88
N TRP A 24 6.50 4.54 -6.91
CA TRP A 24 6.17 5.87 -6.41
C TRP A 24 6.38 5.96 -4.90
N ILE A 25 5.83 4.99 -4.18
CA ILE A 25 5.97 4.95 -2.72
C ILE A 25 7.42 5.15 -2.30
N GLN A 26 8.31 4.33 -2.87
CA GLN A 26 9.74 4.40 -2.56
C GLN A 26 10.32 5.74 -3.02
N SER A 27 9.70 6.35 -4.02
CA SER A 27 10.15 7.62 -4.56
C SER A 27 9.81 8.76 -3.61
N LYS A 28 8.54 8.83 -3.22
CA LYS A 28 8.08 9.87 -2.31
C LYS A 28 7.82 9.31 -0.91
N ARG A 29 8.65 8.35 -0.51
CA ARG A 29 8.51 7.72 0.80
C ARG A 29 8.76 8.73 1.91
N GLU A 30 9.70 9.64 1.68
CA GLU A 30 10.03 10.67 2.65
C GLU A 30 8.85 11.60 2.91
N ALA A 31 8.06 11.84 1.87
CA ALA A 31 6.89 12.71 1.98
C ALA A 31 5.68 11.93 2.48
N ILE A 32 5.49 10.73 1.94
CA ILE A 32 4.37 9.89 2.33
C ILE A 32 4.41 9.57 3.81
N VAL A 33 5.62 9.34 4.33
CA VAL A 33 5.79 9.02 5.75
C VAL A 33 5.65 10.27 6.61
N SER A 34 6.13 11.40 6.10
CA SER A 34 6.07 12.66 6.83
C SER A 34 4.65 13.23 6.79
N GLN A 35 3.87 12.81 5.79
CA GLN A 35 2.51 13.27 5.64
C GLN A 35 1.52 12.30 6.30
N MET A 36 1.53 11.05 5.85
CA MET A 36 0.65 10.04 6.40
C MET A 36 0.73 10.00 7.92
N THR A 37 -0.26 10.58 8.58
CA THR A 37 -0.30 10.61 10.04
C THR A 37 -0.70 9.26 10.61
N GLU A 38 -0.91 9.22 11.92
CA GLU A 38 -1.30 7.98 12.59
C GLU A 38 -2.65 7.51 12.10
N ALA A 39 -3.53 8.46 11.78
CA ALA A 39 -4.86 8.14 11.30
C ALA A 39 -4.83 7.58 9.88
N CYS A 40 -4.19 8.32 8.98
CA CYS A 40 -4.08 7.90 7.59
C CYS A 40 -3.46 6.50 7.49
N LEU A 41 -2.54 6.21 8.39
CA LEU A 41 -1.88 4.90 8.40
C LEU A 41 -2.87 3.79 8.75
N ASN A 42 -3.61 3.98 9.83
CA ASN A 42 -4.60 3.01 10.27
C ASN A 42 -5.63 2.75 9.17
N GLN A 43 -5.93 3.79 8.40
CA GLN A 43 -6.91 3.67 7.32
C GLN A 43 -6.55 2.52 6.39
N SER A 44 -5.37 2.60 5.78
CA SER A 44 -4.91 1.55 4.86
C SER A 44 -4.80 0.22 5.57
N LEU A 45 -4.30 0.25 6.80
CA LEU A 45 -4.14 -0.98 7.59
C LEU A 45 -5.45 -1.75 7.67
N ASP A 46 -6.56 -1.03 7.75
CA ASP A 46 -7.87 -1.65 7.82
C ASP A 46 -8.27 -2.25 6.48
N ALA A 47 -7.96 -1.53 5.41
CA ALA A 47 -8.29 -1.99 4.06
C ALA A 47 -7.45 -3.21 3.68
N LEU A 48 -6.19 -3.21 4.09
CA LEU A 48 -5.28 -4.31 3.79
C LEU A 48 -5.84 -5.62 4.31
N LEU A 49 -6.24 -5.63 5.57
CA LEU A 49 -6.80 -6.82 6.20
C LEU A 49 -7.96 -7.38 5.38
N SER A 50 -8.96 -6.54 5.14
CA SER A 50 -10.12 -6.94 4.36
C SER A 50 -9.75 -7.25 2.92
N ARG A 51 -8.60 -6.73 2.49
CA ARG A 51 -8.13 -6.95 1.13
C ARG A 51 -7.39 -8.28 1.02
N ASP A 52 -7.10 -8.89 2.17
CA ASP A 52 -6.40 -10.16 2.21
C ASP A 52 -4.98 -10.02 1.67
N LEU A 53 -4.37 -8.86 1.90
CA LEU A 53 -3.01 -8.60 1.44
C LEU A 53 -2.03 -8.67 2.59
N ILE A 54 -2.46 -8.22 3.76
CA ILE A 54 -1.61 -8.23 4.95
C ILE A 54 -1.95 -9.40 5.86
N MET A 55 -1.12 -9.61 6.88
CA MET A 55 -1.34 -10.69 7.83
C MET A 55 -1.05 -10.24 9.25
N LYS A 56 -1.77 -10.81 10.21
CA LYS A 56 -1.60 -10.46 11.61
C LYS A 56 -0.11 -10.41 11.99
N GLU A 57 0.66 -11.32 11.39
CA GLU A 57 2.10 -11.38 11.66
C GLU A 57 2.77 -10.05 11.33
N ASP A 58 2.51 -9.54 10.14
CA ASP A 58 3.09 -8.28 9.70
C ASP A 58 2.41 -7.10 10.39
N TYR A 59 1.10 -7.19 10.55
CA TYR A 59 0.33 -6.13 11.19
C TYR A 59 0.81 -5.90 12.62
N GLU A 60 1.04 -6.99 13.34
CA GLU A 60 1.51 -6.91 14.72
C GLU A 60 2.88 -6.24 14.79
N LEU A 61 3.77 -6.65 13.91
CA LEU A 61 5.13 -6.09 13.86
C LEU A 61 5.09 -4.57 13.74
N ILE A 62 4.38 -4.08 12.73
CA ILE A 62 4.25 -2.65 12.51
C ILE A 62 3.47 -1.98 13.64
N SER A 63 2.49 -2.70 14.18
CA SER A 63 1.68 -2.17 15.26
C SER A 63 2.51 -1.96 16.52
N THR A 64 3.52 -2.80 16.69
CA THR A 64 4.40 -2.70 17.85
C THR A 64 5.64 -1.87 17.55
N LYS A 65 5.47 -0.88 16.67
CA LYS A 65 6.56 0.00 16.29
C LYS A 65 6.84 1.03 17.39
N PRO A 66 8.05 1.61 17.37
CA PRO A 66 8.47 2.62 18.36
C PRO A 66 7.73 3.93 18.18
N THR A 67 7.67 4.42 16.94
CA THR A 67 7.00 5.67 16.63
C THR A 67 6.09 5.52 15.41
N ARG A 68 5.23 6.50 15.21
CA ARG A 68 4.30 6.49 14.07
C ARG A 68 5.06 6.57 12.75
N THR A 69 6.01 7.50 12.69
CA THR A 69 6.82 7.68 11.48
C THR A 69 7.42 6.36 11.01
N ALA A 70 7.77 5.50 11.96
CA ALA A 70 8.34 4.20 11.64
C ALA A 70 7.29 3.25 11.09
N LYS A 71 6.09 3.30 11.66
CA LYS A 71 5.00 2.44 11.22
C LYS A 71 4.80 2.54 9.71
N VAL A 72 4.85 3.76 9.19
CA VAL A 72 4.69 3.99 7.76
C VAL A 72 5.83 3.36 6.96
N ARG A 73 7.06 3.72 7.32
CA ARG A 73 8.23 3.19 6.64
C ARG A 73 8.17 1.66 6.54
N GLN A 74 8.02 1.00 7.68
CA GLN A 74 7.93 -0.45 7.71
C GLN A 74 6.83 -0.95 6.78
N LEU A 75 5.77 -0.18 6.67
CA LEU A 75 4.63 -0.54 5.82
C LEU A 75 5.06 -0.61 4.36
N LEU A 76 5.81 0.40 3.92
CA LEU A 76 6.29 0.45 2.53
C LEU A 76 7.32 -0.64 2.27
N ASP A 77 8.14 -0.93 3.27
CA ASP A 77 9.16 -1.96 3.15
C ASP A 77 8.54 -3.34 3.10
N THR A 78 7.53 -3.57 3.91
CA THR A 78 6.85 -4.85 3.97
C THR A 78 6.11 -5.14 2.66
N SER A 79 5.58 -4.09 2.04
CA SER A 79 4.86 -4.22 0.79
C SER A 79 5.69 -5.00 -0.25
N ASP A 80 6.99 -4.77 -0.22
CA ASP A 80 7.90 -5.43 -1.15
C ASP A 80 7.85 -6.95 -0.96
N ILE A 81 7.66 -7.38 0.28
CA ILE A 81 7.59 -8.80 0.60
C ILE A 81 6.18 -9.34 0.38
N GLN A 82 5.18 -8.50 0.64
CA GLN A 82 3.79 -8.90 0.47
C GLN A 82 3.41 -8.95 -1.00
N GLY A 83 3.43 -7.80 -1.67
CA GLY A 83 3.08 -7.75 -3.07
C GLY A 83 2.89 -6.32 -3.57
N GLU A 84 2.80 -6.17 -4.88
CA GLU A 84 2.62 -4.85 -5.48
C GLU A 84 1.28 -4.24 -5.08
N GLU A 85 0.24 -5.08 -5.09
CA GLU A 85 -1.10 -4.62 -4.73
C GLU A 85 -1.10 -3.95 -3.36
N PHE A 86 -0.28 -4.47 -2.46
CA PHE A 86 -0.17 -3.91 -1.11
C PHE A 86 0.25 -2.45 -1.16
N ALA A 87 1.24 -2.14 -2.00
CA ALA A 87 1.74 -0.79 -2.13
C ALA A 87 0.68 0.13 -2.74
N ARG A 88 -0.03 -0.39 -3.74
CA ARG A 88 -1.07 0.39 -4.41
C ARG A 88 -2.14 0.85 -3.41
N VAL A 89 -2.35 0.05 -2.37
CA VAL A 89 -3.34 0.37 -1.34
C VAL A 89 -2.96 1.65 -0.61
N ILE A 90 -1.67 1.83 -0.38
CA ILE A 90 -1.18 3.02 0.33
C ILE A 90 -1.45 4.29 -0.49
N VAL A 91 -0.88 4.34 -1.69
CA VAL A 91 -1.05 5.50 -2.57
C VAL A 91 -2.53 5.85 -2.70
N GLN A 92 -3.36 4.83 -2.93
CA GLN A 92 -4.79 5.04 -3.10
C GLN A 92 -5.38 5.73 -1.87
N LYS A 93 -5.10 5.18 -0.69
CA LYS A 93 -5.61 5.74 0.55
C LYS A 93 -5.24 7.21 0.68
N LEU A 94 -3.97 7.53 0.44
CA LEU A 94 -3.49 8.90 0.53
C LEU A 94 -4.33 9.83 -0.33
N LYS A 95 -4.34 9.58 -1.64
CA LYS A 95 -5.13 10.39 -2.57
C LYS A 95 -6.60 10.37 -2.19
N ASP A 96 -7.05 9.27 -1.61
CA ASP A 96 -8.45 9.13 -1.21
C ASP A 96 -8.90 10.34 -0.39
N ASN A 97 -7.98 10.89 0.40
CA ASN A 97 -8.28 12.05 1.23
C ASN A 97 -7.80 13.33 0.57
N LYS A 98 -6.51 13.63 0.71
CA LYS A 98 -5.93 14.82 0.12
C LYS A 98 -4.47 14.97 0.53
N GLN A 99 -3.58 15.00 -0.46
CA GLN A 99 -2.15 15.15 -0.20
C GLN A 99 -1.48 15.96 -1.30
N MET A 100 -1.48 17.28 -1.14
CA MET A 100 -0.87 18.17 -2.12
C MET A 100 0.65 18.13 -2.01
N GLY A 101 1.14 18.00 -0.78
CA GLY A 101 2.58 17.95 -0.57
C GLY A 101 3.22 16.71 -1.15
N LEU A 102 2.40 15.68 -1.38
CA LEU A 102 2.89 14.42 -1.93
C LEU A 102 2.99 14.50 -3.45
N GLN A 103 2.08 15.25 -4.06
CA GLN A 103 2.06 15.42 -5.51
C GLN A 103 3.44 15.82 -6.03
N PRO A 104 3.68 15.56 -7.32
CA PRO A 104 2.70 14.91 -8.20
C PRO A 104 2.47 13.45 -7.84
N TYR A 105 1.37 12.89 -8.34
CA TYR A 105 1.04 11.50 -8.08
C TYR A 105 1.27 10.64 -9.31
N PRO A 106 1.31 9.31 -9.11
CA PRO A 106 1.54 8.34 -10.18
C PRO A 106 0.35 8.26 -11.14
N GLU A 107 0.52 7.53 -12.23
CA GLU A 107 -0.54 7.37 -13.22
C GLU A 107 -1.46 6.21 -12.85
N VAL A 108 -2.20 6.39 -11.76
CA VAL A 108 -3.12 5.35 -11.30
C VAL A 108 -4.36 5.98 -10.65
N LEU A 109 -5.11 5.16 -9.90
CA LEU A 109 -6.31 5.64 -9.23
C LEU A 109 -7.22 6.38 -10.21
N LEU A 110 -7.39 5.82 -11.40
CA LEU A 110 -8.24 6.42 -12.42
C LEU A 110 -9.71 6.30 -12.05
N VAL A 111 -10.19 7.25 -11.25
CA VAL A 111 -11.59 7.24 -10.83
C VAL A 111 -12.53 7.12 -12.02
N SER A 112 -13.40 6.12 -11.99
CA SER A 112 -14.35 5.89 -13.06
C SER A 112 -15.61 5.21 -12.54
N ARG A 113 -16.65 5.19 -13.38
CA ARG A 113 -17.93 4.57 -13.00
C ARG A 113 -17.86 3.07 -13.17
N THR A 114 -18.01 2.34 -12.07
CA THR A 114 -17.98 0.88 -12.09
C THR A 114 -19.30 0.29 -11.62
N PRO A 115 -20.35 0.46 -12.44
CA PRO A 115 -21.68 -0.05 -12.13
C PRO A 115 -21.76 -1.57 -12.21
N SER A 116 -21.33 -2.24 -11.13
CA SER A 116 -21.34 -3.69 -11.09
C SER A 116 -21.25 -4.18 -9.65
N SER A 117 -21.43 -5.49 -9.47
CA SER A 117 -21.36 -6.10 -8.14
C SER A 117 -20.48 -7.33 -8.14
N ASN A 118 -19.48 -7.35 -7.26
CA ASN A 118 -18.56 -8.47 -7.16
C ASN A 118 -18.47 -8.97 -5.71
N VAL A 119 -18.99 -10.17 -5.49
CA VAL A 119 -18.97 -10.76 -4.15
C VAL A 119 -18.40 -12.18 -4.19
N LEU A 120 -17.67 -12.54 -3.15
CA LEU A 120 -17.07 -13.87 -3.06
C LEU A 120 -17.30 -14.48 -1.67
N GLN A 121 -16.85 -15.72 -1.50
CA GLN A 121 -17.00 -16.41 -0.22
C GLN A 121 -15.90 -17.46 -0.04
N ASN A 122 -15.14 -17.31 1.04
CA ASN A 122 -14.04 -18.23 1.34
C ASN A 122 -13.87 -18.40 2.84
N LYS A 123 -13.88 -19.65 3.29
CA LYS A 123 -13.72 -19.95 4.71
C LYS A 123 -12.99 -21.28 4.90
N THR A 124 -11.91 -21.24 5.68
CA THR A 124 -11.12 -22.44 5.94
C THR A 124 -10.82 -22.59 7.44
N LEU A 125 -11.14 -23.76 7.98
CA LEU A 125 -10.92 -24.02 9.40
C LEU A 125 -10.02 -25.23 9.58
N MET A 1 -39.28 2.25 -3.54
CA MET A 1 -38.47 2.92 -4.55
C MET A 1 -36.99 2.79 -4.25
N HIS A 2 -36.15 3.04 -5.25
CA HIS A 2 -34.70 2.96 -5.08
C HIS A 2 -34.30 1.58 -4.54
N HIS A 3 -34.97 0.54 -5.05
CA HIS A 3 -34.68 -0.83 -4.62
C HIS A 3 -33.53 -1.42 -5.43
N HIS A 4 -32.66 -2.16 -4.76
CA HIS A 4 -31.51 -2.78 -5.42
C HIS A 4 -31.65 -4.31 -5.40
N HIS A 5 -31.13 -4.94 -6.45
CA HIS A 5 -31.19 -6.40 -6.56
C HIS A 5 -30.40 -7.06 -5.43
N HIS A 6 -29.14 -6.67 -5.28
CA HIS A 6 -28.28 -7.23 -4.25
C HIS A 6 -27.25 -6.21 -3.78
N HIS A 7 -26.54 -6.54 -2.71
CA HIS A 7 -25.52 -5.64 -2.17
C HIS A 7 -24.12 -6.08 -2.58
N GLY A 8 -23.86 -6.04 -3.89
CA GLY A 8 -22.56 -6.45 -4.40
C GLY A 8 -22.52 -6.48 -5.91
N SER A 9 -22.28 -5.33 -6.51
CA SER A 9 -22.22 -5.23 -7.98
C SER A 9 -21.22 -6.24 -8.55
N GLY A 10 -20.01 -6.25 -7.99
CA GLY A 10 -18.99 -7.16 -8.46
C GLY A 10 -17.61 -6.53 -8.51
N SER A 11 -17.31 -5.70 -7.51
CA SER A 11 -16.02 -5.01 -7.46
C SER A 11 -14.92 -5.98 -7.04
N GLY A 12 -13.90 -6.10 -7.89
CA GLY A 12 -12.80 -6.99 -7.60
C GLY A 12 -11.45 -6.38 -7.94
N LEU A 13 -10.40 -7.19 -7.88
CA LEU A 13 -9.05 -6.73 -8.19
C LEU A 13 -8.13 -7.90 -8.50
N VAL A 14 -7.56 -7.90 -9.70
CA VAL A 14 -6.66 -8.97 -10.13
C VAL A 14 -5.21 -8.48 -10.15
N PRO A 15 -4.27 -9.42 -10.00
CA PRO A 15 -2.83 -9.11 -10.00
C PRO A 15 -2.33 -8.69 -11.38
N ARG A 16 -2.35 -7.38 -11.63
CA ARG A 16 -1.90 -6.85 -12.91
C ARG A 16 -1.56 -5.36 -12.79
N GLY A 17 -0.49 -4.95 -13.45
CA GLY A 17 -0.07 -3.56 -13.40
C GLY A 17 0.69 -3.22 -12.14
N SER A 18 1.82 -3.91 -11.93
CA SER A 18 2.64 -3.68 -10.74
C SER A 18 3.89 -2.91 -11.09
N GLY A 19 4.53 -2.33 -10.08
CA GLY A 19 5.74 -1.56 -10.31
C GLY A 19 5.51 -0.06 -10.19
N ILE A 20 4.47 0.43 -10.86
CA ILE A 20 4.13 1.84 -10.83
C ILE A 20 4.04 2.35 -9.40
N ALA A 21 2.92 2.05 -8.73
CA ALA A 21 2.70 2.48 -7.36
C ALA A 21 3.80 1.94 -6.44
N GLN A 22 4.26 0.73 -6.71
CA GLN A 22 5.30 0.11 -5.92
C GLN A 22 6.55 0.98 -5.89
N GLN A 23 6.93 1.50 -7.06
CA GLN A 23 8.12 2.34 -7.16
C GLN A 23 7.83 3.74 -6.63
N TRP A 24 6.66 4.27 -6.97
CA TRP A 24 6.28 5.60 -6.51
C TRP A 24 6.40 5.72 -5.00
N ILE A 25 6.11 4.64 -4.30
CA ILE A 25 6.19 4.63 -2.84
C ILE A 25 7.63 4.86 -2.37
N GLN A 26 8.55 4.04 -2.85
CA GLN A 26 9.96 4.16 -2.48
C GLN A 26 10.52 5.50 -2.94
N SER A 27 9.92 6.07 -3.98
CA SER A 27 10.37 7.35 -4.51
C SER A 27 9.93 8.50 -3.61
N LYS A 28 8.67 8.51 -3.24
CA LYS A 28 8.11 9.55 -2.38
C LYS A 28 7.85 9.02 -0.98
N ARG A 29 8.71 8.11 -0.52
CA ARG A 29 8.56 7.51 0.80
C ARG A 29 8.76 8.56 1.89
N GLU A 30 9.63 9.52 1.63
CA GLU A 30 9.93 10.58 2.58
C GLU A 30 8.69 11.44 2.82
N ALA A 31 7.89 11.63 1.78
CA ALA A 31 6.67 12.43 1.89
C ALA A 31 5.50 11.59 2.38
N ILE A 32 5.31 10.42 1.76
CA ILE A 32 4.22 9.53 2.15
C ILE A 32 4.25 9.24 3.65
N VAL A 33 5.45 9.22 4.21
CA VAL A 33 5.62 8.96 5.64
C VAL A 33 5.42 10.23 6.46
N SER A 34 5.85 11.35 5.91
CA SER A 34 5.73 12.63 6.58
C SER A 34 4.28 13.14 6.52
N GLN A 35 3.53 12.64 5.54
CA GLN A 35 2.14 13.04 5.38
C GLN A 35 1.20 12.06 6.08
N MET A 36 1.31 10.79 5.72
CA MET A 36 0.47 9.75 6.32
C MET A 36 0.64 9.73 7.83
N THR A 37 -0.27 10.40 8.53
CA THR A 37 -0.23 10.45 9.99
C THR A 37 -0.73 9.15 10.60
N GLU A 38 -0.91 9.16 11.92
CA GLU A 38 -1.38 7.97 12.63
C GLU A 38 -2.78 7.59 12.18
N ALA A 39 -3.60 8.59 11.87
CA ALA A 39 -4.96 8.37 11.42
C ALA A 39 -4.98 7.74 10.03
N CYS A 40 -4.22 8.31 9.11
CA CYS A 40 -4.15 7.81 7.75
C CYS A 40 -3.55 6.41 7.71
N LEU A 41 -2.59 6.15 8.60
CA LEU A 41 -1.94 4.85 8.66
C LEU A 41 -2.94 3.76 9.02
N ASN A 42 -3.81 4.06 9.97
CA ASN A 42 -4.82 3.09 10.40
C ASN A 42 -5.81 2.80 9.28
N GLN A 43 -6.12 3.82 8.50
CA GLN A 43 -7.06 3.67 7.38
C GLN A 43 -6.60 2.56 6.45
N SER A 44 -5.46 2.75 5.82
CA SER A 44 -4.92 1.76 4.88
C SER A 44 -4.80 0.39 5.56
N LEU A 45 -4.26 0.39 6.77
CA LEU A 45 -4.08 -0.86 7.52
C LEU A 45 -5.39 -1.62 7.61
N ASP A 46 -6.49 -0.90 7.71
CA ASP A 46 -7.82 -1.51 7.79
C ASP A 46 -8.25 -2.06 6.44
N ALA A 47 -7.90 -1.35 5.37
CA ALA A 47 -8.25 -1.78 4.03
C ALA A 47 -7.49 -3.03 3.63
N LEU A 48 -6.20 -3.07 3.95
CA LEU A 48 -5.37 -4.22 3.63
C LEU A 48 -5.99 -5.51 4.13
N LEU A 49 -6.35 -5.53 5.42
CA LEU A 49 -6.97 -6.70 6.02
C LEU A 49 -8.22 -7.13 5.25
N SER A 50 -8.99 -6.16 4.80
CA SER A 50 -10.21 -6.43 4.05
C SER A 50 -9.93 -7.37 2.88
N ARG A 51 -8.86 -7.08 2.14
CA ARG A 51 -8.48 -7.91 1.00
C ARG A 51 -7.46 -8.97 1.41
N ASP A 52 -7.32 -9.18 2.72
CA ASP A 52 -6.39 -10.17 3.23
C ASP A 52 -5.03 -10.04 2.56
N LEU A 53 -4.50 -8.83 2.52
CA LEU A 53 -3.21 -8.57 1.89
C LEU A 53 -2.09 -8.61 2.92
N ILE A 54 -2.32 -7.98 4.06
CA ILE A 54 -1.33 -7.93 5.13
C ILE A 54 -1.58 -9.03 6.16
N MET A 55 -0.53 -9.77 6.51
CA MET A 55 -0.64 -10.85 7.48
C MET A 55 -0.75 -10.29 8.90
N LYS A 56 -1.56 -10.96 9.72
CA LYS A 56 -1.76 -10.53 11.10
C LYS A 56 -0.43 -10.32 11.80
N GLU A 57 0.46 -11.30 11.71
CA GLU A 57 1.77 -11.22 12.33
C GLU A 57 2.49 -9.94 11.92
N ASP A 58 2.29 -9.54 10.66
CA ASP A 58 2.92 -8.34 10.13
C ASP A 58 2.26 -7.08 10.70
N TYR A 59 0.95 -7.15 10.90
CA TYR A 59 0.19 -6.03 11.44
C TYR A 59 0.69 -5.65 12.84
N GLU A 60 0.91 -6.67 13.66
CA GLU A 60 1.39 -6.45 15.02
C GLU A 60 2.82 -5.93 15.03
N LEU A 61 3.61 -6.39 14.07
CA LEU A 61 5.00 -5.97 13.95
C LEU A 61 5.11 -4.45 13.85
N ILE A 62 4.30 -3.86 12.98
CA ILE A 62 4.30 -2.42 12.79
C ILE A 62 3.55 -1.72 13.91
N SER A 63 2.50 -2.37 14.42
CA SER A 63 1.70 -1.81 15.50
C SER A 63 2.55 -1.60 16.75
N THR A 64 3.57 -2.42 16.91
CA THR A 64 4.47 -2.33 18.07
C THR A 64 5.69 -1.50 17.75
N LYS A 65 5.54 -0.54 16.84
CA LYS A 65 6.63 0.33 16.45
C LYS A 65 6.89 1.39 17.52
N PRO A 66 8.10 1.98 17.49
CA PRO A 66 8.50 3.02 18.45
C PRO A 66 7.75 4.33 18.23
N THR A 67 7.72 4.78 16.98
CA THR A 67 7.04 6.02 16.64
C THR A 67 6.10 5.82 15.44
N ARG A 68 5.20 6.78 15.24
CA ARG A 68 4.25 6.72 14.14
C ARG A 68 4.96 6.78 12.79
N THR A 69 5.91 7.70 12.68
CA THR A 69 6.67 7.86 11.44
C THR A 69 7.28 6.53 10.99
N ALA A 70 7.72 5.73 11.96
CA ALA A 70 8.33 4.44 11.67
C ALA A 70 7.30 3.46 11.13
N LYS A 71 6.10 3.48 11.73
CA LYS A 71 5.03 2.59 11.30
C LYS A 71 4.82 2.66 9.80
N VAL A 72 4.83 3.87 9.25
CA VAL A 72 4.65 4.07 7.82
C VAL A 72 5.79 3.46 7.03
N ARG A 73 7.03 3.83 7.39
CA ARG A 73 8.21 3.31 6.71
C ARG A 73 8.17 1.78 6.63
N GLN A 74 8.03 1.15 7.80
CA GLN A 74 7.99 -0.31 7.86
C GLN A 74 6.89 -0.86 6.96
N LEU A 75 5.80 -0.11 6.84
CA LEU A 75 4.67 -0.53 6.01
C LEU A 75 5.09 -0.62 4.54
N LEU A 76 5.90 0.33 4.10
CA LEU A 76 6.38 0.35 2.72
C LEU A 76 7.39 -0.75 2.48
N ASP A 77 8.21 -1.03 3.49
CA ASP A 77 9.22 -2.07 3.39
C ASP A 77 8.58 -3.45 3.20
N THR A 78 7.43 -3.65 3.83
CA THR A 78 6.72 -4.91 3.73
C THR A 78 6.09 -5.09 2.36
N SER A 79 5.62 -3.99 1.78
CA SER A 79 4.98 -4.02 0.47
C SER A 79 5.92 -4.61 -0.56
N ASP A 80 7.21 -4.26 -0.47
CA ASP A 80 8.21 -4.76 -1.40
C ASP A 80 8.15 -6.28 -1.50
N ILE A 81 7.82 -6.93 -0.39
CA ILE A 81 7.74 -8.38 -0.35
C ILE A 81 6.37 -8.86 -0.83
N GLN A 82 5.34 -8.07 -0.55
CA GLN A 82 3.98 -8.42 -0.96
C GLN A 82 3.78 -8.20 -2.46
N GLY A 83 3.73 -6.94 -2.87
CA GLY A 83 3.55 -6.63 -4.28
C GLY A 83 2.82 -5.32 -4.49
N GLU A 84 2.47 -5.04 -5.74
CA GLU A 84 1.76 -3.80 -6.08
C GLU A 84 0.41 -3.75 -5.38
N GLU A 85 -0.13 -4.92 -5.04
CA GLU A 85 -1.41 -5.02 -4.36
C GLU A 85 -1.39 -4.28 -3.03
N PHE A 86 -0.22 -4.25 -2.40
CA PHE A 86 -0.06 -3.58 -1.12
C PHE A 86 0.32 -2.11 -1.30
N ALA A 87 1.24 -1.88 -2.24
CA ALA A 87 1.69 -0.52 -2.52
C ALA A 87 0.56 0.33 -3.10
N ARG A 88 -0.19 -0.24 -4.05
CA ARG A 88 -1.29 0.47 -4.67
C ARG A 88 -2.30 0.94 -3.62
N VAL A 89 -2.45 0.16 -2.57
CA VAL A 89 -3.38 0.50 -1.50
C VAL A 89 -2.96 1.78 -0.79
N ILE A 90 -1.66 1.93 -0.57
CA ILE A 90 -1.13 3.12 0.09
C ILE A 90 -1.35 4.36 -0.75
N VAL A 91 -0.79 4.36 -1.96
CA VAL A 91 -0.92 5.49 -2.87
C VAL A 91 -2.39 5.91 -3.02
N GLN A 92 -3.26 4.92 -3.22
CA GLN A 92 -4.68 5.18 -3.38
C GLN A 92 -5.29 5.73 -2.08
N LYS A 93 -4.94 5.11 -0.97
CA LYS A 93 -5.44 5.53 0.34
C LYS A 93 -5.08 6.99 0.61
N LEU A 94 -3.80 7.32 0.43
CA LEU A 94 -3.33 8.68 0.65
C LEU A 94 -4.21 9.69 -0.08
N LYS A 95 -4.33 9.51 -1.39
CA LYS A 95 -5.14 10.40 -2.22
C LYS A 95 -6.62 10.30 -1.83
N ASP A 96 -7.03 9.14 -1.37
CA ASP A 96 -8.41 8.92 -0.97
C ASP A 96 -8.88 10.01 0.00
N ASN A 97 -7.97 10.46 0.86
CA ASN A 97 -8.28 11.49 1.83
C ASN A 97 -7.86 12.86 1.32
N LYS A 98 -6.57 13.16 1.46
CA LYS A 98 -6.02 14.44 1.02
C LYS A 98 -4.55 14.57 1.39
N GLN A 99 -3.68 14.53 0.37
CA GLN A 99 -2.25 14.63 0.60
C GLN A 99 -1.58 15.39 -0.55
N MET A 100 -1.64 16.72 -0.49
CA MET A 100 -1.03 17.55 -1.52
C MET A 100 0.49 17.59 -1.38
N GLY A 101 0.97 17.16 -0.22
CA GLY A 101 2.40 17.14 0.03
C GLY A 101 3.05 15.84 -0.38
N LEU A 102 2.48 15.17 -1.39
CA LEU A 102 3.01 13.91 -1.86
C LEU A 102 3.31 13.97 -3.35
N GLN A 103 2.53 14.76 -4.08
CA GLN A 103 2.72 14.91 -5.52
C GLN A 103 4.21 15.12 -5.85
N PRO A 104 4.57 14.86 -7.11
CA PRO A 104 3.63 14.38 -8.12
C PRO A 104 3.15 12.95 -7.86
N TYR A 105 2.00 12.61 -8.42
CA TYR A 105 1.43 11.27 -8.24
C TYR A 105 1.62 10.42 -9.49
N PRO A 106 1.46 9.10 -9.34
CA PRO A 106 1.60 8.16 -10.45
C PRO A 106 0.47 8.28 -11.46
N GLU A 107 0.64 7.61 -12.60
CA GLU A 107 -0.37 7.63 -13.65
C GLU A 107 -1.42 6.55 -13.44
N VAL A 108 -1.85 6.39 -12.19
CA VAL A 108 -2.85 5.38 -11.85
C VAL A 108 -3.29 5.52 -10.39
N LEU A 109 -4.57 5.25 -10.14
CA LEU A 109 -5.12 5.35 -8.79
C LEU A 109 -5.72 4.02 -8.37
N LEU A 110 -6.73 3.55 -9.11
CA LEU A 110 -7.39 2.29 -8.81
C LEU A 110 -8.01 1.69 -10.06
N VAL A 111 -8.21 0.37 -10.04
CA VAL A 111 -8.81 -0.32 -11.17
C VAL A 111 -10.01 -1.16 -10.73
N SER A 112 -11.10 -1.05 -11.48
CA SER A 112 -12.31 -1.80 -11.16
C SER A 112 -12.67 -2.76 -12.30
N ARG A 113 -13.78 -3.48 -12.12
CA ARG A 113 -14.23 -4.44 -13.13
C ARG A 113 -14.33 -3.77 -14.50
N THR A 114 -15.16 -2.73 -14.58
CA THR A 114 -15.36 -2.01 -15.84
C THR A 114 -15.88 -2.93 -16.93
N PRO A 115 -17.14 -3.37 -16.78
CA PRO A 115 -17.78 -4.27 -17.76
C PRO A 115 -18.07 -3.58 -19.08
N SER A 116 -18.39 -4.36 -20.10
CA SER A 116 -18.69 -3.82 -21.41
C SER A 116 -20.06 -3.15 -21.44
N SER A 117 -20.31 -2.34 -22.45
CA SER A 117 -21.59 -1.65 -22.59
C SER A 117 -22.71 -2.62 -22.91
N ASN A 118 -23.90 -2.35 -22.38
CA ASN A 118 -25.06 -3.21 -22.61
C ASN A 118 -26.12 -2.47 -23.42
N VAL A 119 -26.86 -3.22 -24.24
CA VAL A 119 -27.91 -2.64 -25.05
C VAL A 119 -29.11 -2.24 -24.20
N LEU A 120 -30.02 -1.46 -24.79
CA LEU A 120 -31.21 -1.01 -24.09
C LEU A 120 -32.08 -2.19 -23.69
N GLN A 121 -32.66 -2.11 -22.49
CA GLN A 121 -33.53 -3.17 -21.99
C GLN A 121 -35.00 -2.78 -22.10
N ASN A 122 -35.35 -2.12 -23.20
CA ASN A 122 -36.72 -1.68 -23.43
C ASN A 122 -37.44 -2.64 -24.38
N LYS A 123 -38.77 -2.52 -24.44
CA LYS A 123 -39.57 -3.36 -25.31
C LYS A 123 -39.04 -4.79 -25.33
N THR A 124 -38.65 -5.29 -24.16
CA THR A 124 -38.13 -6.65 -24.03
C THR A 124 -39.24 -7.64 -23.74
N LEU A 125 -39.02 -8.90 -24.10
CA LEU A 125 -40.00 -9.95 -23.86
C LEU A 125 -39.31 -11.25 -23.45
N MET A 1 17.58 -33.83 -21.17
CA MET A 1 18.78 -34.44 -20.63
C MET A 1 20.00 -34.09 -21.48
N HIS A 2 19.91 -34.36 -22.78
CA HIS A 2 21.00 -34.07 -23.70
C HIS A 2 21.01 -32.59 -24.09
N HIS A 3 19.86 -32.11 -24.56
CA HIS A 3 19.73 -30.71 -24.97
C HIS A 3 19.81 -29.79 -23.76
N HIS A 4 20.75 -28.86 -23.79
CA HIS A 4 20.93 -27.91 -22.69
C HIS A 4 20.70 -26.47 -23.18
N HIS A 5 19.87 -25.73 -22.46
CA HIS A 5 19.57 -24.35 -22.80
C HIS A 5 20.45 -23.38 -22.01
N HIS A 6 20.64 -22.19 -22.55
CA HIS A 6 21.47 -21.18 -21.90
C HIS A 6 20.68 -19.88 -21.71
N HIS A 7 21.12 -19.06 -20.76
CA HIS A 7 20.45 -17.80 -20.47
C HIS A 7 21.44 -16.63 -20.61
N GLY A 8 20.90 -15.42 -20.53
CA GLY A 8 21.74 -14.23 -20.64
C GLY A 8 21.40 -13.18 -19.61
N SER A 9 21.97 -11.98 -19.78
CA SER A 9 21.72 -10.88 -18.85
C SER A 9 21.51 -9.57 -19.60
N GLY A 10 20.71 -8.69 -19.01
CA GLY A 10 20.44 -7.41 -19.63
C GLY A 10 18.97 -7.07 -19.65
N SER A 11 18.64 -5.87 -20.12
CA SER A 11 17.25 -5.42 -20.18
C SER A 11 16.38 -6.43 -20.93
N GLY A 12 15.10 -6.47 -20.58
CA GLY A 12 14.19 -7.39 -21.23
C GLY A 12 12.95 -7.65 -20.41
N LEU A 13 12.46 -8.89 -20.44
CA LEU A 13 11.26 -9.26 -19.70
C LEU A 13 11.42 -8.92 -18.22
N VAL A 14 10.71 -7.89 -17.77
CA VAL A 14 10.78 -7.47 -16.38
C VAL A 14 10.29 -8.57 -15.45
N PRO A 15 11.06 -8.81 -14.38
CA PRO A 15 10.72 -9.85 -13.40
C PRO A 15 9.50 -9.47 -12.55
N ARG A 16 9.17 -10.32 -11.60
CA ARG A 16 8.01 -10.08 -10.73
C ARG A 16 8.47 -9.61 -9.35
N GLY A 17 7.71 -8.68 -8.77
CA GLY A 17 8.05 -8.16 -7.46
C GLY A 17 7.88 -6.65 -7.38
N SER A 18 8.22 -5.95 -8.46
CA SER A 18 8.10 -4.51 -8.50
C SER A 18 6.66 -4.09 -8.81
N GLY A 19 6.46 -2.78 -8.96
CA GLY A 19 5.13 -2.27 -9.25
C GLY A 19 5.10 -0.76 -9.34
N ILE A 20 4.23 -0.23 -10.19
CA ILE A 20 4.10 1.22 -10.36
C ILE A 20 4.03 1.93 -9.02
N ALA A 21 2.92 1.75 -8.31
CA ALA A 21 2.72 2.37 -7.01
C ALA A 21 3.90 2.08 -6.08
N GLN A 22 4.39 0.84 -6.13
CA GLN A 22 5.51 0.44 -5.30
C GLN A 22 6.71 1.37 -5.51
N GLN A 23 7.13 1.51 -6.76
CA GLN A 23 8.26 2.36 -7.09
C GLN A 23 8.04 3.79 -6.59
N TRP A 24 6.81 4.26 -6.73
CA TRP A 24 6.46 5.61 -6.30
C TRP A 24 6.56 5.74 -4.78
N ILE A 25 5.93 4.82 -4.07
CA ILE A 25 5.96 4.82 -2.61
C ILE A 25 7.38 4.95 -2.09
N GLN A 26 8.27 4.09 -2.57
CA GLN A 26 9.66 4.11 -2.15
C GLN A 26 10.35 5.39 -2.60
N SER A 27 9.86 5.97 -3.70
CA SER A 27 10.43 7.20 -4.24
C SER A 27 10.08 8.40 -3.36
N LYS A 28 8.80 8.53 -3.04
CA LYS A 28 8.33 9.63 -2.20
C LYS A 28 7.95 9.13 -0.81
N ARG A 29 8.70 8.14 -0.32
CA ARG A 29 8.44 7.58 1.00
C ARG A 29 8.69 8.61 2.10
N GLU A 30 9.64 9.50 1.85
CA GLU A 30 9.98 10.54 2.82
C GLU A 30 8.80 11.49 3.03
N ALA A 31 8.05 11.74 1.95
CA ALA A 31 6.89 12.63 2.02
C ALA A 31 5.65 11.88 2.47
N ILE A 32 5.41 10.73 1.86
CA ILE A 32 4.25 9.91 2.21
C ILE A 32 4.22 9.59 3.70
N VAL A 33 5.39 9.29 4.25
CA VAL A 33 5.50 8.98 5.67
C VAL A 33 5.40 10.24 6.53
N SER A 34 5.93 11.34 6.01
CA SER A 34 5.92 12.61 6.73
C SER A 34 4.50 13.19 6.75
N GLN A 35 3.70 12.84 5.75
CA GLN A 35 2.33 13.33 5.66
C GLN A 35 1.36 12.35 6.29
N MET A 36 1.55 11.06 6.01
CA MET A 36 0.69 10.02 6.56
C MET A 36 0.64 10.10 8.09
N THR A 37 -0.42 10.72 8.60
CA THR A 37 -0.58 10.85 10.05
C THR A 37 -1.02 9.55 10.69
N GLU A 38 -1.30 9.58 11.98
CA GLU A 38 -1.72 8.39 12.71
C GLU A 38 -3.03 7.84 12.13
N ALA A 39 -3.89 8.74 11.66
CA ALA A 39 -5.17 8.35 11.09
C ALA A 39 -4.98 7.67 9.73
N CYS A 40 -4.27 8.34 8.83
CA CYS A 40 -4.02 7.81 7.50
C CYS A 40 -3.31 6.46 7.58
N LEU A 41 -2.47 6.31 8.59
CA LEU A 41 -1.73 5.05 8.79
C LEU A 41 -2.68 3.91 9.10
N ASN A 42 -3.61 4.14 10.02
CA ASN A 42 -4.57 3.12 10.41
C ASN A 42 -5.50 2.78 9.24
N GLN A 43 -5.78 3.77 8.40
CA GLN A 43 -6.64 3.58 7.25
C GLN A 43 -6.16 2.40 6.40
N SER A 44 -4.99 2.56 5.77
CA SER A 44 -4.43 1.52 4.94
C SER A 44 -4.31 0.21 5.70
N LEU A 45 -3.77 0.27 6.90
CA LEU A 45 -3.61 -0.92 7.73
C LEU A 45 -4.91 -1.68 7.85
N ASP A 46 -6.02 -0.96 7.88
CA ASP A 46 -7.34 -1.57 7.98
C ASP A 46 -7.81 -2.08 6.62
N ALA A 47 -7.53 -1.30 5.58
CA ALA A 47 -7.92 -1.68 4.22
C ALA A 47 -7.21 -2.95 3.77
N LEU A 48 -5.93 -3.05 4.09
CA LEU A 48 -5.14 -4.23 3.72
C LEU A 48 -5.80 -5.50 4.23
N LEU A 49 -6.13 -5.51 5.51
CA LEU A 49 -6.77 -6.68 6.13
C LEU A 49 -8.02 -7.08 5.36
N SER A 50 -8.73 -6.08 4.85
CA SER A 50 -9.96 -6.33 4.10
C SER A 50 -9.69 -7.19 2.87
N ARG A 51 -8.65 -6.82 2.12
CA ARG A 51 -8.28 -7.55 0.92
C ARG A 51 -7.23 -8.61 1.23
N ASP A 52 -7.07 -8.91 2.51
CA ASP A 52 -6.10 -9.92 2.94
C ASP A 52 -4.76 -9.69 2.26
N LEU A 53 -4.26 -8.46 2.31
CA LEU A 53 -2.99 -8.11 1.70
C LEU A 53 -1.86 -8.18 2.71
N ILE A 54 -2.13 -7.70 3.93
CA ILE A 54 -1.13 -7.70 5.00
C ILE A 54 -1.38 -8.87 5.95
N MET A 55 -0.32 -9.60 6.27
CA MET A 55 -0.41 -10.73 7.19
C MET A 55 -0.52 -10.25 8.63
N LYS A 56 -1.35 -10.94 9.41
CA LYS A 56 -1.54 -10.59 10.81
C LYS A 56 -0.21 -10.45 11.54
N GLU A 57 0.69 -11.41 11.29
CA GLU A 57 2.01 -11.40 11.92
C GLU A 57 2.75 -10.10 11.61
N ASP A 58 2.55 -9.59 10.40
CA ASP A 58 3.20 -8.35 9.97
C ASP A 58 2.55 -7.14 10.63
N TYR A 59 1.23 -7.22 10.83
CA TYR A 59 0.49 -6.13 11.45
C TYR A 59 0.95 -5.89 12.89
N GLU A 60 1.12 -6.98 13.63
CA GLU A 60 1.57 -6.89 15.02
C GLU A 60 2.94 -6.22 15.11
N LEU A 61 3.86 -6.66 14.26
CA LEU A 61 5.21 -6.11 14.25
C LEU A 61 5.18 -4.59 14.05
N ILE A 62 4.38 -4.14 13.09
CA ILE A 62 4.26 -2.72 12.81
C ILE A 62 3.50 -2.00 13.93
N SER A 63 2.52 -2.69 14.51
CA SER A 63 1.73 -2.12 15.60
C SER A 63 2.59 -1.87 16.83
N THR A 64 3.60 -2.72 17.02
CA THR A 64 4.50 -2.60 18.17
C THR A 64 5.75 -1.81 17.79
N LYS A 65 5.59 -0.83 16.90
CA LYS A 65 6.71 -0.01 16.46
C LYS A 65 7.07 1.02 17.52
N PRO A 66 8.31 1.55 17.45
CA PRO A 66 8.81 2.54 18.39
C PRO A 66 8.12 3.90 18.23
N THR A 67 8.03 4.36 16.99
CA THR A 67 7.38 5.64 16.70
C THR A 67 6.35 5.50 15.58
N ARG A 68 5.46 6.48 15.48
CA ARG A 68 4.43 6.46 14.46
C ARG A 68 5.04 6.55 13.07
N THR A 69 6.02 7.43 12.91
CA THR A 69 6.70 7.59 11.62
C THR A 69 7.26 6.27 11.12
N ALA A 70 7.72 5.44 12.04
CA ALA A 70 8.29 4.14 11.69
C ALA A 70 7.21 3.19 11.18
N LYS A 71 6.04 3.24 11.81
CA LYS A 71 4.93 2.39 11.41
C LYS A 71 4.67 2.48 9.91
N VAL A 72 4.67 3.70 9.39
CA VAL A 72 4.45 3.93 7.97
C VAL A 72 5.55 3.30 7.13
N ARG A 73 6.79 3.65 7.44
CA ARG A 73 7.94 3.12 6.71
C ARG A 73 7.87 1.60 6.62
N GLN A 74 7.73 0.96 7.78
CA GLN A 74 7.65 -0.50 7.83
C GLN A 74 6.55 -1.02 6.92
N LEU A 75 5.47 -0.26 6.79
CA LEU A 75 4.35 -0.65 5.96
C LEU A 75 4.76 -0.69 4.48
N LEU A 76 5.50 0.32 4.06
CA LEU A 76 5.97 0.39 2.68
C LEU A 76 7.00 -0.69 2.38
N ASP A 77 7.84 -0.98 3.37
CA ASP A 77 8.86 -2.00 3.22
C ASP A 77 8.24 -3.38 3.04
N THR A 78 7.12 -3.61 3.72
CA THR A 78 6.43 -4.89 3.64
C THR A 78 5.74 -5.06 2.29
N SER A 79 5.18 -3.96 1.78
CA SER A 79 4.47 -3.98 0.49
C SER A 79 5.36 -4.59 -0.58
N ASP A 80 6.63 -4.20 -0.61
CA ASP A 80 7.58 -4.72 -1.59
C ASP A 80 7.69 -6.23 -1.50
N ILE A 81 7.53 -6.76 -0.30
CA ILE A 81 7.61 -8.20 -0.07
C ILE A 81 6.27 -8.87 -0.36
N GLN A 82 5.18 -8.15 -0.09
CA GLN A 82 3.85 -8.68 -0.31
C GLN A 82 3.51 -8.71 -1.81
N GLY A 83 3.23 -7.54 -2.37
CA GLY A 83 2.90 -7.45 -3.77
C GLY A 83 2.61 -6.03 -4.21
N GLU A 84 2.33 -5.85 -5.51
CA GLU A 84 2.05 -4.54 -6.05
C GLU A 84 0.75 -3.98 -5.47
N GLU A 85 -0.23 -4.85 -5.28
CA GLU A 85 -1.52 -4.44 -4.72
C GLU A 85 -1.34 -3.73 -3.38
N PHE A 86 -0.48 -4.28 -2.53
CA PHE A 86 -0.21 -3.70 -1.22
C PHE A 86 0.15 -2.22 -1.35
N ALA A 87 1.09 -1.93 -2.23
CA ALA A 87 1.53 -0.55 -2.46
C ALA A 87 0.41 0.30 -3.04
N ARG A 88 -0.28 -0.24 -4.04
CA ARG A 88 -1.38 0.47 -4.68
C ARG A 88 -2.41 0.92 -3.65
N VAL A 89 -2.55 0.14 -2.59
CA VAL A 89 -3.51 0.46 -1.53
C VAL A 89 -3.13 1.76 -0.82
N ILE A 90 -1.84 1.92 -0.55
CA ILE A 90 -1.37 3.12 0.12
C ILE A 90 -1.56 4.36 -0.75
N VAL A 91 -1.01 4.32 -1.96
CA VAL A 91 -1.12 5.42 -2.90
C VAL A 91 -2.58 5.83 -3.09
N GLN A 92 -3.47 4.84 -3.07
CA GLN A 92 -4.89 5.09 -3.24
C GLN A 92 -5.50 5.69 -1.97
N LYS A 93 -4.96 5.31 -0.82
CA LYS A 93 -5.44 5.81 0.45
C LYS A 93 -5.20 7.31 0.58
N LEU A 94 -3.95 7.72 0.36
CA LEU A 94 -3.59 9.14 0.45
C LEU A 94 -4.52 9.99 -0.41
N LYS A 95 -4.67 9.60 -1.67
CA LYS A 95 -5.53 10.32 -2.60
C LYS A 95 -7.00 10.18 -2.21
N ASP A 96 -7.36 9.01 -1.68
CA ASP A 96 -8.73 8.75 -1.27
C ASP A 96 -9.20 9.79 -0.25
N ASN A 97 -8.27 10.26 0.57
CA ASN A 97 -8.58 11.25 1.60
C ASN A 97 -8.22 12.65 1.11
N LYS A 98 -6.96 13.03 1.30
CA LYS A 98 -6.48 14.35 0.89
C LYS A 98 -4.96 14.35 0.78
N GLN A 99 -4.44 15.07 -0.22
CA GLN A 99 -3.01 15.16 -0.43
C GLN A 99 -2.67 16.29 -1.39
N MET A 100 -1.71 17.14 -1.01
CA MET A 100 -1.30 18.25 -1.85
C MET A 100 0.14 18.65 -1.55
N GLY A 101 0.97 17.66 -1.21
CA GLY A 101 2.36 17.94 -0.90
C GLY A 101 3.24 16.72 -1.12
N LEU A 102 2.76 15.78 -1.92
CA LEU A 102 3.51 14.56 -2.21
C LEU A 102 3.75 14.43 -3.72
N GLN A 103 2.93 15.11 -4.50
CA GLN A 103 3.05 15.06 -5.96
C GLN A 103 4.51 15.23 -6.39
N PRO A 104 4.81 14.82 -7.62
CA PRO A 104 3.82 14.23 -8.53
C PRO A 104 3.37 12.85 -8.07
N TYR A 105 2.22 12.41 -8.57
CA TYR A 105 1.67 11.11 -8.21
C TYR A 105 1.84 10.12 -9.35
N PRO A 106 1.69 8.82 -9.04
CA PRO A 106 1.82 7.74 -10.02
C PRO A 106 0.67 7.74 -11.03
N GLU A 107 0.78 6.88 -12.04
CA GLU A 107 -0.25 6.77 -13.07
C GLU A 107 -1.35 5.81 -12.63
N VAL A 108 -2.12 6.21 -11.62
CA VAL A 108 -3.21 5.39 -11.11
C VAL A 108 -4.38 6.25 -10.67
N LEU A 109 -5.29 5.65 -9.89
CA LEU A 109 -6.46 6.36 -9.40
C LEU A 109 -7.18 7.08 -10.54
N LEU A 110 -7.17 6.46 -11.72
CA LEU A 110 -7.83 7.05 -12.89
C LEU A 110 -8.79 6.04 -13.52
N VAL A 111 -9.97 6.53 -13.90
CA VAL A 111 -10.98 5.68 -14.53
C VAL A 111 -10.40 4.90 -15.69
N SER A 112 -10.71 3.60 -15.75
CA SER A 112 -10.21 2.75 -16.82
C SER A 112 -10.98 1.43 -16.86
N ARG A 113 -10.72 0.63 -17.88
CA ARG A 113 -11.38 -0.65 -18.04
C ARG A 113 -10.37 -1.77 -18.26
N THR A 114 -10.76 -3.00 -17.93
CA THR A 114 -9.88 -4.15 -18.10
C THR A 114 -10.64 -5.35 -18.66
N PRO A 115 -11.03 -5.26 -19.93
CA PRO A 115 -11.76 -6.32 -20.62
C PRO A 115 -10.90 -7.56 -20.86
N SER A 116 -9.63 -7.34 -21.16
CA SER A 116 -8.70 -8.44 -21.43
C SER A 116 -8.47 -9.26 -20.16
N SER A 117 -8.99 -10.49 -20.16
CA SER A 117 -8.86 -11.39 -19.03
C SER A 117 -8.46 -12.79 -19.48
N ASN A 118 -7.55 -13.40 -18.73
CA ASN A 118 -7.08 -14.75 -19.05
C ASN A 118 -7.01 -15.61 -17.80
N VAL A 119 -7.89 -16.60 -17.72
CA VAL A 119 -7.93 -17.50 -16.57
C VAL A 119 -7.52 -18.92 -16.96
N LEU A 120 -6.56 -19.01 -17.88
CA LEU A 120 -6.09 -20.30 -18.36
C LEU A 120 -4.78 -20.68 -17.66
N GLN A 121 -4.68 -21.93 -17.24
CA GLN A 121 -3.48 -22.42 -16.57
C GLN A 121 -3.19 -23.87 -16.94
N ASN A 122 -1.92 -24.18 -17.19
CA ASN A 122 -1.52 -25.52 -17.56
C ASN A 122 -0.10 -25.81 -17.08
N LYS A 123 0.15 -27.07 -16.70
CA LYS A 123 1.46 -27.48 -16.23
C LYS A 123 2.26 -28.15 -17.34
N THR A 124 3.58 -28.05 -17.27
CA THR A 124 4.46 -28.65 -18.27
C THR A 124 5.21 -29.84 -17.70
N LEU A 125 5.17 -30.96 -18.41
CA LEU A 125 5.85 -32.17 -17.98
C LEU A 125 7.19 -32.33 -18.68
N MET A 1 -4.54 2.05 -32.91
CA MET A 1 -4.92 1.95 -34.31
C MET A 1 -6.44 1.85 -34.46
N HIS A 2 -7.06 1.09 -33.57
CA HIS A 2 -8.51 0.91 -33.60
C HIS A 2 -9.08 0.89 -32.18
N HIS A 3 -9.88 1.90 -31.86
CA HIS A 3 -10.50 2.01 -30.55
C HIS A 3 -11.81 1.22 -30.49
N HIS A 4 -11.87 0.24 -29.60
CA HIS A 4 -13.06 -0.59 -29.45
C HIS A 4 -13.32 -0.91 -27.97
N HIS A 5 -14.46 -1.53 -27.71
CA HIS A 5 -14.84 -1.88 -26.34
C HIS A 5 -14.58 -3.37 -26.08
N HIS A 6 -13.91 -3.66 -24.97
CA HIS A 6 -13.61 -5.03 -24.59
C HIS A 6 -13.55 -5.19 -23.08
N HIS A 7 -14.10 -6.30 -22.58
CA HIS A 7 -14.12 -6.58 -21.15
C HIS A 7 -13.11 -7.66 -20.79
N GLY A 8 -12.97 -7.93 -19.50
CA GLY A 8 -12.05 -8.95 -19.05
C GLY A 8 -11.70 -8.81 -17.58
N SER A 9 -12.67 -9.03 -16.71
CA SER A 9 -12.47 -8.92 -15.28
C SER A 9 -12.36 -10.30 -14.64
N GLY A 10 -11.22 -10.57 -13.99
CA GLY A 10 -11.02 -11.85 -13.35
C GLY A 10 -9.69 -12.48 -13.73
N SER A 11 -8.62 -11.71 -13.62
CA SER A 11 -7.28 -12.19 -13.96
C SER A 11 -6.36 -12.15 -12.74
N GLY A 12 -5.74 -13.28 -12.45
CA GLY A 12 -4.85 -13.36 -11.31
C GLY A 12 -3.45 -13.82 -11.69
N LEU A 13 -3.01 -13.42 -12.87
CA LEU A 13 -1.68 -13.80 -13.36
C LEU A 13 -0.73 -12.60 -13.36
N VAL A 14 -0.69 -11.91 -12.23
CA VAL A 14 0.19 -10.74 -12.09
C VAL A 14 1.53 -11.13 -11.49
N PRO A 15 2.62 -10.63 -12.10
CA PRO A 15 3.99 -10.91 -11.65
C PRO A 15 4.31 -10.24 -10.32
N ARG A 16 4.05 -10.94 -9.22
CA ARG A 16 4.32 -10.41 -7.89
C ARG A 16 5.75 -9.91 -7.78
N GLY A 17 5.90 -8.65 -7.36
CA GLY A 17 7.23 -8.08 -7.22
C GLY A 17 7.20 -6.56 -7.21
N SER A 18 7.52 -5.95 -8.35
CA SER A 18 7.53 -4.51 -8.47
C SER A 18 6.19 -3.99 -8.98
N GLY A 19 6.01 -2.67 -8.95
CA GLY A 19 4.77 -2.07 -9.41
C GLY A 19 4.82 -0.55 -9.39
N ILE A 20 3.97 0.08 -10.18
CA ILE A 20 3.90 1.53 -10.25
C ILE A 20 3.82 2.14 -8.86
N ALA A 21 2.80 1.77 -8.11
CA ALA A 21 2.62 2.27 -6.75
C ALA A 21 3.85 2.03 -5.90
N GLN A 22 4.26 0.77 -5.80
CA GLN A 22 5.43 0.41 -5.01
C GLN A 22 6.62 1.28 -5.37
N GLN A 23 6.94 1.33 -6.66
CA GLN A 23 8.06 2.12 -7.14
C GLN A 23 7.88 3.59 -6.79
N TRP A 24 6.67 4.10 -6.98
CA TRP A 24 6.36 5.49 -6.68
C TRP A 24 6.62 5.80 -5.21
N ILE A 25 6.14 4.93 -4.33
CA ILE A 25 6.32 5.11 -2.90
C ILE A 25 7.79 5.37 -2.56
N GLN A 26 8.68 4.60 -3.18
CA GLN A 26 10.11 4.74 -2.95
C GLN A 26 10.60 6.11 -3.42
N SER A 27 9.92 6.67 -4.40
CA SER A 27 10.28 7.97 -4.94
C SER A 27 10.15 9.06 -3.88
N LYS A 28 8.96 9.19 -3.32
CA LYS A 28 8.70 10.20 -2.29
C LYS A 28 8.21 9.53 -1.00
N ARG A 29 8.95 8.53 -0.53
CA ARG A 29 8.60 7.82 0.68
C ARG A 29 8.70 8.74 1.90
N GLU A 30 9.63 9.68 1.85
CA GLU A 30 9.83 10.63 2.95
C GLU A 30 8.59 11.49 3.15
N ALA A 31 7.92 11.83 2.04
CA ALA A 31 6.73 12.66 2.09
C ALA A 31 5.51 11.84 2.52
N ILE A 32 5.41 10.62 2.01
CA ILE A 32 4.30 9.74 2.34
C ILE A 32 4.32 9.37 3.83
N VAL A 33 5.52 9.12 4.35
CA VAL A 33 5.67 8.77 5.76
C VAL A 33 5.52 9.99 6.66
N SER A 34 6.01 11.12 6.18
CA SER A 34 5.93 12.36 6.96
C SER A 34 4.52 12.94 6.91
N GLN A 35 3.76 12.56 5.89
CA GLN A 35 2.39 13.03 5.72
C GLN A 35 1.40 12.06 6.35
N MET A 36 1.44 10.81 5.91
CA MET A 36 0.55 9.79 6.42
C MET A 36 0.61 9.72 7.94
N THR A 37 -0.38 10.31 8.60
CA THR A 37 -0.44 10.33 10.05
C THR A 37 -0.89 8.98 10.60
N GLU A 38 -1.15 8.93 11.90
CA GLU A 38 -1.58 7.69 12.54
C GLU A 38 -2.94 7.25 12.02
N ALA A 39 -3.80 8.23 11.72
CA ALA A 39 -5.13 7.95 11.21
C ALA A 39 -5.07 7.37 9.80
N CYS A 40 -4.33 8.04 8.92
CA CYS A 40 -4.19 7.60 7.55
C CYS A 40 -3.54 6.21 7.48
N LEU A 41 -2.62 5.95 8.40
CA LEU A 41 -1.93 4.68 8.46
C LEU A 41 -2.90 3.55 8.79
N ASN A 42 -3.59 3.68 9.91
CA ASN A 42 -4.55 2.66 10.34
C ASN A 42 -5.56 2.37 9.24
N GLN A 43 -5.94 3.40 8.51
CA GLN A 43 -6.90 3.25 7.42
C GLN A 43 -6.39 2.29 6.36
N SER A 44 -5.24 2.61 5.77
CA SER A 44 -4.64 1.77 4.75
C SER A 44 -4.46 0.33 5.26
N LEU A 45 -4.18 0.21 6.55
CA LEU A 45 -3.99 -1.10 7.16
C LEU A 45 -5.27 -1.94 7.09
N ASP A 46 -6.32 -1.45 7.75
CA ASP A 46 -7.59 -2.15 7.75
C ASP A 46 -8.05 -2.49 6.34
N ALA A 47 -7.68 -1.63 5.38
CA ALA A 47 -8.04 -1.83 3.99
C ALA A 47 -7.45 -3.13 3.46
N LEU A 48 -6.14 -3.29 3.62
CA LEU A 48 -5.45 -4.48 3.15
C LEU A 48 -5.91 -5.72 3.93
N LEU A 49 -6.29 -5.52 5.18
CA LEU A 49 -6.76 -6.61 6.02
C LEU A 49 -7.89 -7.38 5.35
N SER A 50 -8.93 -6.66 4.93
CA SER A 50 -10.07 -7.27 4.28
C SER A 50 -9.64 -8.03 3.02
N ARG A 51 -8.64 -7.49 2.33
CA ARG A 51 -8.14 -8.12 1.12
C ARG A 51 -7.09 -9.17 1.45
N ASP A 52 -6.87 -9.40 2.74
CA ASP A 52 -5.91 -10.39 3.19
C ASP A 52 -4.56 -10.19 2.50
N LEU A 53 -4.13 -8.94 2.42
CA LEU A 53 -2.86 -8.61 1.77
C LEU A 53 -1.73 -8.53 2.80
N ILE A 54 -2.05 -7.98 3.97
CA ILE A 54 -1.06 -7.83 5.04
C ILE A 54 -1.17 -8.98 6.04
N MET A 55 -0.04 -9.59 6.36
CA MET A 55 0.00 -10.71 7.31
C MET A 55 -0.17 -10.20 8.73
N LYS A 56 -1.02 -10.89 9.49
CA LYS A 56 -1.27 -10.51 10.88
C LYS A 56 0.04 -10.33 11.64
N GLU A 57 0.98 -11.24 11.42
CA GLU A 57 2.27 -11.18 12.08
C GLU A 57 2.95 -9.82 11.83
N ASP A 58 2.79 -9.31 10.62
CA ASP A 58 3.39 -8.03 10.25
C ASP A 58 2.61 -6.88 10.90
N TYR A 59 1.30 -7.02 10.98
CA TYR A 59 0.45 -5.99 11.58
C TYR A 59 0.85 -5.72 13.02
N GLU A 60 1.10 -6.80 13.77
CA GLU A 60 1.49 -6.69 15.16
C GLU A 60 2.83 -5.98 15.31
N LEU A 61 3.81 -6.42 14.53
CA LEU A 61 5.15 -5.83 14.56
C LEU A 61 5.08 -4.32 14.32
N ILE A 62 4.38 -3.93 13.25
CA ILE A 62 4.25 -2.53 12.91
C ILE A 62 3.44 -1.78 13.97
N SER A 63 2.45 -2.45 14.53
CA SER A 63 1.61 -1.85 15.55
C SER A 63 2.41 -1.57 16.82
N THR A 64 3.39 -2.41 17.09
CA THR A 64 4.24 -2.25 18.27
C THR A 64 5.52 -1.49 17.93
N LYS A 65 5.41 -0.55 17.00
CA LYS A 65 6.55 0.25 16.59
C LYS A 65 6.88 1.32 17.63
N PRO A 66 8.12 1.83 17.59
CA PRO A 66 8.58 2.85 18.53
C PRO A 66 7.92 4.20 18.28
N THR A 67 7.81 4.58 17.01
CA THR A 67 7.19 5.85 16.64
C THR A 67 6.24 5.67 15.46
N ARG A 68 5.38 6.66 15.26
CA ARG A 68 4.41 6.61 14.16
C ARG A 68 5.12 6.65 12.82
N THR A 69 6.22 7.40 12.74
CA THR A 69 6.98 7.52 11.51
C THR A 69 7.46 6.16 11.02
N ALA A 70 7.95 5.34 11.96
CA ALA A 70 8.43 4.01 11.63
C ALA A 70 7.30 3.12 11.14
N LYS A 71 6.14 3.24 11.78
CA LYS A 71 4.97 2.45 11.41
C LYS A 71 4.73 2.51 9.91
N VAL A 72 4.78 3.72 9.35
CA VAL A 72 4.56 3.91 7.92
C VAL A 72 5.66 3.23 7.10
N ARG A 73 6.91 3.54 7.42
CA ARG A 73 8.05 2.96 6.71
C ARG A 73 7.90 1.44 6.61
N GLN A 74 7.73 0.78 7.76
CA GLN A 74 7.58 -0.66 7.80
C GLN A 74 6.45 -1.12 6.88
N LEU A 75 5.42 -0.29 6.77
CA LEU A 75 4.27 -0.61 5.92
C LEU A 75 4.68 -0.68 4.45
N LEU A 76 5.49 0.28 4.02
CA LEU A 76 5.96 0.33 2.64
C LEU A 76 6.96 -0.78 2.36
N ASP A 77 7.78 -1.10 3.36
CA ASP A 77 8.78 -2.16 3.22
C ASP A 77 8.12 -3.51 3.06
N THR A 78 7.01 -3.72 3.78
CA THR A 78 6.28 -4.98 3.71
C THR A 78 5.61 -5.17 2.36
N SER A 79 5.14 -4.07 1.78
CA SER A 79 4.47 -4.09 0.49
C SER A 79 5.34 -4.82 -0.54
N ASP A 80 6.62 -4.47 -0.58
CA ASP A 80 7.55 -5.08 -1.52
C ASP A 80 7.52 -6.60 -1.40
N ILE A 81 7.30 -7.10 -0.18
CA ILE A 81 7.25 -8.53 0.06
C ILE A 81 5.86 -9.08 -0.22
N GLN A 82 4.84 -8.27 0.05
CA GLN A 82 3.46 -8.69 -0.17
C GLN A 82 3.12 -8.67 -1.67
N GLY A 83 3.00 -7.47 -2.22
CA GLY A 83 2.68 -7.34 -3.63
C GLY A 83 2.39 -5.90 -4.03
N GLU A 84 2.39 -5.64 -5.33
CA GLU A 84 2.13 -4.30 -5.84
C GLU A 84 0.81 -3.76 -5.29
N GLU A 85 -0.18 -4.64 -5.18
CA GLU A 85 -1.49 -4.26 -4.68
C GLU A 85 -1.37 -3.59 -3.30
N PHE A 86 -0.49 -4.12 -2.47
CA PHE A 86 -0.28 -3.58 -1.13
C PHE A 86 0.02 -2.08 -1.19
N ALA A 87 1.05 -1.71 -1.93
CA ALA A 87 1.43 -0.32 -2.07
C ALA A 87 0.34 0.49 -2.78
N ARG A 88 -0.30 -0.15 -3.76
CA ARG A 88 -1.37 0.51 -4.51
C ARG A 88 -2.46 1.02 -3.59
N VAL A 89 -2.74 0.26 -2.53
CA VAL A 89 -3.75 0.65 -1.55
C VAL A 89 -3.38 1.94 -0.83
N ILE A 90 -2.09 2.06 -0.50
CA ILE A 90 -1.61 3.25 0.19
C ILE A 90 -1.73 4.49 -0.68
N VAL A 91 -1.13 4.43 -1.88
CA VAL A 91 -1.18 5.54 -2.81
C VAL A 91 -2.61 6.02 -3.03
N GLN A 92 -3.56 5.08 -2.99
CA GLN A 92 -4.96 5.41 -3.19
C GLN A 92 -5.58 5.96 -1.91
N LYS A 93 -5.21 5.36 -0.78
CA LYS A 93 -5.72 5.80 0.51
C LYS A 93 -5.29 7.23 0.82
N LEU A 94 -4.04 7.55 0.51
CA LEU A 94 -3.51 8.89 0.75
C LEU A 94 -4.20 9.92 -0.14
N LYS A 95 -4.13 9.70 -1.45
CA LYS A 95 -4.76 10.60 -2.41
C LYS A 95 -6.27 10.67 -2.19
N ASP A 96 -6.85 9.57 -1.73
CA ASP A 96 -8.28 9.51 -1.48
C ASP A 96 -8.74 10.70 -0.66
N ASN A 97 -7.87 11.16 0.24
CA ASN A 97 -8.19 12.29 1.10
C ASN A 97 -7.59 13.59 0.53
N LYS A 98 -6.37 13.90 0.94
CA LYS A 98 -5.69 15.10 0.47
C LYS A 98 -4.18 14.99 0.68
N GLN A 99 -3.43 15.04 -0.41
CA GLN A 99 -1.98 14.95 -0.35
C GLN A 99 -1.33 15.86 -1.38
N MET A 100 -1.42 17.17 -1.15
CA MET A 100 -0.84 18.14 -2.05
C MET A 100 0.67 18.22 -1.88
N GLY A 101 1.18 17.57 -0.83
CA GLY A 101 2.61 17.57 -0.58
C GLY A 101 3.29 16.33 -1.12
N LEU A 102 2.51 15.32 -1.44
CA LEU A 102 3.04 14.07 -1.97
C LEU A 102 3.27 14.17 -3.48
N GLN A 103 2.38 14.87 -4.16
CA GLN A 103 2.48 15.05 -5.60
C GLN A 103 3.91 15.41 -6.01
N PRO A 104 4.23 15.21 -7.29
CA PRO A 104 3.28 14.66 -8.27
C PRO A 104 2.97 13.20 -8.02
N TYR A 105 1.82 12.75 -8.53
CA TYR A 105 1.40 11.36 -8.35
C TYR A 105 1.57 10.57 -9.65
N PRO A 106 1.54 9.23 -9.54
CA PRO A 106 1.68 8.35 -10.70
C PRO A 106 0.47 8.39 -11.61
N GLU A 107 0.61 7.81 -12.80
CA GLU A 107 -0.47 7.80 -13.78
C GLU A 107 -1.35 6.57 -13.58
N VAL A 108 -1.29 5.99 -12.39
CA VAL A 108 -2.09 4.81 -12.06
C VAL A 108 -2.41 4.75 -10.57
N LEU A 109 -3.66 4.46 -10.26
CA LEU A 109 -4.10 4.38 -8.86
C LEU A 109 -4.69 2.99 -8.56
N LEU A 110 -5.31 2.39 -9.56
CA LEU A 110 -5.91 1.08 -9.40
C LEU A 110 -5.85 0.28 -10.71
N VAL A 111 -6.03 -1.03 -10.61
CA VAL A 111 -5.99 -1.89 -11.79
C VAL A 111 -6.93 -1.38 -12.87
N SER A 112 -6.60 -1.69 -14.12
CA SER A 112 -7.42 -1.26 -15.26
C SER A 112 -8.88 -1.64 -15.04
N ARG A 113 -9.69 -0.65 -14.69
CA ARG A 113 -11.12 -0.87 -14.46
C ARG A 113 -11.92 0.38 -14.77
N THR A 114 -13.20 0.20 -15.09
CA THR A 114 -14.08 1.32 -15.41
C THR A 114 -13.64 2.01 -16.69
N PRO A 115 -14.61 2.34 -17.55
CA PRO A 115 -14.35 3.01 -18.83
C PRO A 115 -13.90 4.46 -18.64
N SER A 116 -13.45 5.07 -19.73
CA SER A 116 -12.99 6.45 -19.68
C SER A 116 -14.09 7.39 -19.20
N SER A 117 -15.32 7.08 -19.60
CA SER A 117 -16.47 7.89 -19.22
C SER A 117 -16.62 7.94 -17.70
N ASN A 118 -16.39 9.11 -17.12
CA ASN A 118 -16.49 9.28 -15.68
C ASN A 118 -16.75 10.74 -15.32
N VAL A 119 -17.74 10.98 -14.47
CA VAL A 119 -18.08 12.34 -14.04
C VAL A 119 -17.99 12.48 -12.53
N LEU A 120 -17.41 13.58 -12.08
CA LEU A 120 -17.26 13.84 -10.65
C LEU A 120 -18.47 14.59 -10.11
N GLN A 121 -18.68 15.81 -10.59
CA GLN A 121 -19.80 16.63 -10.15
C GLN A 121 -20.24 17.59 -11.25
N ASN A 122 -21.37 18.25 -11.03
CA ASN A 122 -21.89 19.20 -12.01
C ASN A 122 -21.34 20.60 -11.77
N LYS A 123 -21.28 20.99 -10.49
CA LYS A 123 -20.75 22.30 -10.13
C LYS A 123 -19.26 22.24 -9.82
N THR A 124 -18.61 23.40 -9.81
CA THR A 124 -17.18 23.46 -9.52
C THR A 124 -16.87 22.92 -8.14
N LEU A 125 -17.52 23.48 -7.12
CA LEU A 125 -17.29 23.04 -5.75
C LEU A 125 -17.85 21.64 -5.53
N MET A 1 13.18 -4.34 29.22
CA MET A 1 13.99 -5.55 29.06
C MET A 1 14.79 -5.50 27.76
N HIS A 2 15.90 -6.24 27.73
CA HIS A 2 16.75 -6.28 26.56
C HIS A 2 16.41 -7.47 25.67
N HIS A 3 16.41 -7.26 24.36
CA HIS A 3 16.10 -8.31 23.41
C HIS A 3 16.82 -8.09 22.09
N HIS A 4 17.02 -9.16 21.33
CA HIS A 4 17.70 -9.08 20.05
C HIS A 4 16.70 -9.02 18.90
N HIS A 5 17.12 -8.48 17.77
CA HIS A 5 16.26 -8.36 16.60
C HIS A 5 17.03 -8.66 15.32
N HIS A 6 16.55 -9.65 14.56
CA HIS A 6 17.19 -10.03 13.32
C HIS A 6 16.18 -10.11 12.18
N HIS A 7 16.58 -9.62 11.01
CA HIS A 7 15.70 -9.63 9.84
C HIS A 7 16.51 -9.79 8.56
N GLY A 8 15.82 -10.03 7.45
CA GLY A 8 16.49 -10.19 6.17
C GLY A 8 15.60 -10.88 5.14
N SER A 9 16.21 -11.27 4.02
CA SER A 9 15.47 -11.93 2.95
C SER A 9 16.27 -13.11 2.38
N GLY A 10 15.56 -14.17 2.01
CA GLY A 10 16.22 -15.34 1.45
C GLY A 10 15.24 -16.44 1.11
N SER A 11 14.19 -16.08 0.37
CA SER A 11 13.17 -17.05 -0.03
C SER A 11 13.13 -17.21 -1.55
N GLY A 12 13.35 -16.10 -2.25
CA GLY A 12 13.34 -16.14 -3.70
C GLY A 12 13.84 -14.85 -4.32
N LEU A 13 14.28 -14.92 -5.57
CA LEU A 13 14.78 -13.74 -6.28
C LEU A 13 13.69 -12.68 -6.42
N VAL A 14 12.58 -13.07 -7.04
CA VAL A 14 11.46 -12.16 -7.25
C VAL A 14 11.90 -10.92 -8.03
N PRO A 15 12.16 -11.12 -9.34
CA PRO A 15 12.58 -10.03 -10.23
C PRO A 15 11.46 -9.03 -10.49
N ARG A 16 10.25 -9.54 -10.69
CA ARG A 16 9.10 -8.69 -10.95
C ARG A 16 8.15 -8.67 -9.76
N GLY A 17 8.00 -7.50 -9.15
CA GLY A 17 7.13 -7.37 -7.99
C GLY A 17 6.68 -5.94 -7.77
N SER A 18 7.61 -5.00 -7.85
CA SER A 18 7.30 -3.59 -7.65
C SER A 18 6.92 -2.93 -8.97
N GLY A 19 5.70 -2.41 -9.03
CA GLY A 19 5.22 -1.75 -10.24
C GLY A 19 5.10 -0.26 -10.07
N ILE A 20 4.08 0.33 -10.68
CA ILE A 20 3.85 1.77 -10.61
C ILE A 20 3.67 2.21 -9.16
N ALA A 21 2.63 1.69 -8.52
CA ALA A 21 2.34 2.03 -7.13
C ALA A 21 3.59 1.87 -6.25
N GLN A 22 4.18 0.67 -6.28
CA GLN A 22 5.36 0.38 -5.50
C GLN A 22 6.47 1.39 -5.79
N GLN A 23 6.78 1.55 -7.08
CA GLN A 23 7.82 2.49 -7.50
C GLN A 23 7.53 3.89 -7.01
N TRP A 24 6.25 4.27 -7.01
CA TRP A 24 5.83 5.59 -6.57
C TRP A 24 6.07 5.75 -5.06
N ILE A 25 5.57 4.80 -4.28
CA ILE A 25 5.73 4.85 -2.83
C ILE A 25 7.18 5.07 -2.45
N GLN A 26 8.08 4.25 -3.01
CA GLN A 26 9.50 4.36 -2.72
C GLN A 26 10.05 5.70 -3.19
N SER A 27 9.38 6.30 -4.18
CA SER A 27 9.81 7.58 -4.73
C SER A 27 9.45 8.72 -3.78
N LYS A 28 8.21 8.71 -3.30
CA LYS A 28 7.74 9.74 -2.39
C LYS A 28 7.54 9.17 -0.98
N ARG A 29 8.39 8.24 -0.60
CA ARG A 29 8.31 7.61 0.71
C ARG A 29 8.60 8.62 1.82
N GLU A 30 9.51 9.55 1.54
CA GLU A 30 9.87 10.57 2.51
C GLU A 30 8.68 11.49 2.82
N ALA A 31 7.86 11.71 1.81
CA ALA A 31 6.68 12.56 1.97
C ALA A 31 5.50 11.76 2.50
N ILE A 32 5.33 10.55 1.98
CA ILE A 32 4.23 9.68 2.41
C ILE A 32 4.30 9.41 3.91
N VAL A 33 5.51 9.29 4.43
CA VAL A 33 5.72 9.02 5.85
C VAL A 33 5.45 10.27 6.68
N SER A 34 5.90 11.41 6.18
CA SER A 34 5.72 12.68 6.87
C SER A 34 4.27 13.17 6.75
N GLN A 35 3.57 12.64 5.75
CA GLN A 35 2.17 13.03 5.52
C GLN A 35 1.22 12.05 6.22
N MET A 36 1.36 10.77 5.89
CA MET A 36 0.52 9.75 6.49
C MET A 36 0.50 9.85 8.01
N THR A 37 -0.57 10.42 8.55
CA THR A 37 -0.70 10.59 9.99
C THR A 37 -1.05 9.27 10.66
N GLU A 38 -1.28 9.32 11.98
CA GLU A 38 -1.63 8.13 12.74
C GLU A 38 -2.98 7.57 12.30
N ALA A 39 -3.90 8.48 11.96
CA ALA A 39 -5.23 8.08 11.53
C ALA A 39 -5.19 7.48 10.12
N CYS A 40 -4.32 8.03 9.28
CA CYS A 40 -4.20 7.55 7.90
C CYS A 40 -3.51 6.19 7.87
N LEU A 41 -2.58 5.97 8.78
CA LEU A 41 -1.85 4.70 8.86
C LEU A 41 -2.80 3.54 9.10
N ASN A 42 -3.49 3.58 10.25
CA ASN A 42 -4.43 2.53 10.60
C ASN A 42 -5.43 2.28 9.48
N GLN A 43 -5.85 3.36 8.82
CA GLN A 43 -6.80 3.25 7.72
C GLN A 43 -6.26 2.34 6.62
N SER A 44 -5.07 2.67 6.12
CA SER A 44 -4.45 1.87 5.06
C SER A 44 -4.35 0.41 5.47
N LEU A 45 -3.99 0.17 6.73
CA LEU A 45 -3.86 -1.19 7.24
C LEU A 45 -5.16 -1.96 7.09
N ASP A 46 -6.22 -1.46 7.72
CA ASP A 46 -7.52 -2.10 7.65
C ASP A 46 -7.92 -2.38 6.21
N ALA A 47 -7.48 -1.51 5.29
CA ALA A 47 -7.79 -1.68 3.88
C ALA A 47 -7.26 -3.01 3.35
N LEU A 48 -5.98 -3.25 3.56
CA LEU A 48 -5.35 -4.48 3.10
C LEU A 48 -5.90 -5.69 3.86
N LEU A 49 -6.31 -5.46 5.11
CA LEU A 49 -6.85 -6.52 5.94
C LEU A 49 -8.03 -7.21 5.24
N SER A 50 -9.01 -6.42 4.82
CA SER A 50 -10.18 -6.95 4.14
C SER A 50 -9.78 -7.74 2.90
N ARG A 51 -8.77 -7.25 2.20
CA ARG A 51 -8.29 -7.91 0.99
C ARG A 51 -7.29 -9.01 1.33
N ASP A 52 -7.08 -9.23 2.63
CA ASP A 52 -6.15 -10.25 3.09
C ASP A 52 -4.80 -10.11 2.39
N LEU A 53 -4.30 -8.88 2.31
CA LEU A 53 -3.02 -8.61 1.66
C LEU A 53 -1.89 -8.58 2.70
N ILE A 54 -2.19 -8.05 3.88
CA ILE A 54 -1.21 -7.97 4.95
C ILE A 54 -1.35 -9.13 5.93
N MET A 55 -0.23 -9.75 6.27
CA MET A 55 -0.23 -10.87 7.20
C MET A 55 -0.40 -10.39 8.64
N LYS A 56 -1.26 -11.08 9.38
CA LYS A 56 -1.52 -10.72 10.77
C LYS A 56 -0.21 -10.55 11.54
N GLU A 57 0.74 -11.45 11.31
CA GLU A 57 2.02 -11.41 11.98
C GLU A 57 2.73 -10.07 11.70
N ASP A 58 2.58 -9.58 10.47
CA ASP A 58 3.21 -8.32 10.08
C ASP A 58 2.49 -7.14 10.72
N TYR A 59 1.17 -7.25 10.84
CA TYR A 59 0.37 -6.19 11.43
C TYR A 59 0.81 -5.90 12.87
N GLU A 60 1.08 -6.95 13.62
CA GLU A 60 1.51 -6.82 15.00
C GLU A 60 2.92 -6.21 15.08
N LEU A 61 3.75 -6.55 14.09
CA LEU A 61 5.12 -6.05 14.04
C LEU A 61 5.13 -4.53 13.94
N ILE A 62 4.41 -4.00 12.98
CA ILE A 62 4.34 -2.56 12.77
C ILE A 62 3.59 -1.88 13.92
N SER A 63 2.59 -2.57 14.45
CA SER A 63 1.80 -2.03 15.56
C SER A 63 2.66 -1.84 16.81
N THR A 64 3.67 -2.70 16.96
CA THR A 64 4.56 -2.62 18.11
C THR A 64 5.81 -1.82 17.78
N LYS A 65 5.66 -0.82 16.93
CA LYS A 65 6.78 0.04 16.52
C LYS A 65 7.11 1.03 17.64
N PRO A 66 8.35 1.56 17.58
CA PRO A 66 8.83 2.53 18.57
C PRO A 66 8.13 3.88 18.44
N THR A 67 8.05 4.40 17.22
CA THR A 67 7.40 5.67 16.97
C THR A 67 6.35 5.56 15.88
N ARG A 68 5.44 6.53 15.83
CA ARG A 68 4.37 6.53 14.84
C ARG A 68 4.94 6.64 13.43
N THR A 69 5.90 7.54 13.25
CA THR A 69 6.52 7.75 11.95
C THR A 69 7.14 6.45 11.43
N ALA A 70 7.68 5.65 12.34
CA ALA A 70 8.30 4.39 11.97
C ALA A 70 7.26 3.41 11.41
N LYS A 71 6.07 3.43 11.97
CA LYS A 71 4.99 2.55 11.54
C LYS A 71 4.77 2.68 10.03
N VAL A 72 4.67 3.92 9.56
CA VAL A 72 4.46 4.18 8.14
C VAL A 72 5.62 3.65 7.30
N ARG A 73 6.83 4.02 7.68
CA ARG A 73 8.03 3.58 6.96
C ARG A 73 8.03 2.07 6.79
N GLN A 74 7.92 1.35 7.91
CA GLN A 74 7.91 -0.11 7.88
C GLN A 74 6.80 -0.63 6.98
N LEU A 75 5.67 0.07 6.98
CA LEU A 75 4.54 -0.32 6.15
C LEU A 75 4.93 -0.42 4.69
N LEU A 76 5.70 0.56 4.22
CA LEU A 76 6.15 0.59 2.83
C LEU A 76 7.21 -0.47 2.58
N ASP A 77 8.08 -0.67 3.56
CA ASP A 77 9.15 -1.65 3.45
C ASP A 77 8.58 -3.07 3.39
N THR A 78 7.48 -3.29 4.10
CA THR A 78 6.84 -4.60 4.14
C THR A 78 6.14 -4.89 2.81
N SER A 79 5.60 -3.85 2.18
CA SER A 79 4.90 -4.00 0.92
C SER A 79 5.75 -4.77 -0.09
N ASP A 80 7.05 -4.49 -0.09
CA ASP A 80 7.97 -5.16 -1.00
C ASP A 80 7.82 -6.67 -0.91
N ILE A 81 7.49 -7.16 0.28
CA ILE A 81 7.33 -8.59 0.50
C ILE A 81 5.92 -9.04 0.12
N GLN A 82 4.95 -8.15 0.27
CA GLN A 82 3.56 -8.45 -0.05
C GLN A 82 3.36 -8.46 -1.57
N GLY A 83 3.54 -7.31 -2.20
CA GLY A 83 3.38 -7.21 -3.64
C GLY A 83 2.94 -5.83 -4.08
N GLU A 84 2.75 -5.66 -5.38
CA GLU A 84 2.33 -4.36 -5.94
C GLU A 84 0.94 -4.00 -5.44
N GLU A 85 0.07 -4.99 -5.33
CA GLU A 85 -1.30 -4.76 -4.88
C GLU A 85 -1.31 -4.04 -3.52
N PHE A 86 -0.24 -4.23 -2.76
CA PHE A 86 -0.13 -3.60 -1.44
C PHE A 86 0.15 -2.11 -1.58
N ALA A 87 1.01 -1.76 -2.54
CA ALA A 87 1.37 -0.37 -2.76
C ALA A 87 0.17 0.43 -3.26
N ARG A 88 -0.44 -0.03 -4.35
CA ARG A 88 -1.60 0.65 -4.91
C ARG A 88 -2.62 0.99 -3.83
N VAL A 89 -2.72 0.13 -2.82
CA VAL A 89 -3.66 0.32 -1.72
C VAL A 89 -3.33 1.60 -0.96
N ILE A 90 -2.06 1.77 -0.61
CA ILE A 90 -1.62 2.95 0.12
C ILE A 90 -1.79 4.21 -0.71
N VAL A 91 -1.22 4.20 -1.92
CA VAL A 91 -1.30 5.34 -2.81
C VAL A 91 -2.74 5.83 -2.95
N GLN A 92 -3.68 4.89 -2.94
CA GLN A 92 -5.09 5.23 -3.06
C GLN A 92 -5.60 5.93 -1.79
N LYS A 93 -5.16 5.42 -0.64
CA LYS A 93 -5.57 5.99 0.63
C LYS A 93 -5.11 7.44 0.76
N LEU A 94 -3.88 7.70 0.30
CA LEU A 94 -3.32 9.05 0.36
C LEU A 94 -4.09 10.00 -0.55
N LYS A 95 -4.12 9.69 -1.84
CA LYS A 95 -4.82 10.52 -2.81
C LYS A 95 -6.30 10.63 -2.47
N ASP A 96 -6.84 9.57 -1.88
CA ASP A 96 -8.25 9.53 -1.49
C ASP A 96 -8.63 10.81 -0.73
N ASN A 97 -7.70 11.32 0.07
CA ASN A 97 -7.94 12.52 0.85
C ASN A 97 -7.40 13.75 0.13
N LYS A 98 -6.15 14.09 0.39
CA LYS A 98 -5.51 15.25 -0.24
C LYS A 98 -4.12 15.48 0.35
N GLN A 99 -3.11 15.40 -0.50
CA GLN A 99 -1.72 15.61 -0.08
C GLN A 99 -0.91 16.29 -1.17
N MET A 100 -0.75 17.59 -1.06
CA MET A 100 0.02 18.36 -2.04
C MET A 100 1.52 18.15 -1.85
N GLY A 101 1.88 17.41 -0.80
CA GLY A 101 3.28 17.14 -0.54
C GLY A 101 3.75 15.83 -1.14
N LEU A 102 2.81 14.94 -1.43
CA LEU A 102 3.13 13.65 -2.01
C LEU A 102 3.27 13.75 -3.53
N GLN A 103 2.42 14.59 -4.14
CA GLN A 103 2.45 14.78 -5.58
C GLN A 103 3.88 14.99 -6.07
N PRO A 104 4.10 14.74 -7.37
CA PRO A 104 3.04 14.29 -8.29
C PRO A 104 2.57 12.86 -7.99
N TYR A 105 1.36 12.53 -8.41
CA TYR A 105 0.81 11.21 -8.19
C TYR A 105 0.83 10.39 -9.47
N PRO A 106 0.70 9.05 -9.32
CA PRO A 106 0.69 8.13 -10.45
C PRO A 106 -0.57 8.26 -11.31
N GLU A 107 -0.48 7.80 -12.55
CA GLU A 107 -1.62 7.88 -13.47
C GLU A 107 -2.47 6.61 -13.36
N VAL A 108 -2.27 5.85 -12.29
CA VAL A 108 -3.02 4.62 -12.07
C VAL A 108 -3.12 4.29 -10.58
N LEU A 109 -4.34 4.04 -10.12
CA LEU A 109 -4.57 3.72 -8.72
C LEU A 109 -4.52 2.21 -8.49
N LEU A 110 -5.58 1.52 -8.90
CA LEU A 110 -5.65 0.07 -8.73
C LEU A 110 -5.70 -0.62 -10.09
N VAL A 111 -5.03 -0.03 -11.08
CA VAL A 111 -4.99 -0.60 -12.42
C VAL A 111 -6.34 -1.17 -12.82
N SER A 112 -7.41 -0.48 -12.42
CA SER A 112 -8.76 -0.92 -12.73
C SER A 112 -9.41 -0.01 -13.77
N ARG A 113 -8.83 0.00 -14.97
CA ARG A 113 -9.35 0.82 -16.05
C ARG A 113 -10.15 -0.02 -17.04
N THR A 114 -9.65 -1.20 -17.35
CA THR A 114 -10.31 -2.10 -18.29
C THR A 114 -11.65 -2.57 -17.73
N PRO A 115 -12.53 -3.05 -18.63
CA PRO A 115 -13.86 -3.53 -18.25
C PRO A 115 -13.80 -4.84 -17.48
N SER A 116 -14.39 -4.86 -16.28
CA SER A 116 -14.40 -6.05 -15.45
C SER A 116 -15.83 -6.49 -15.15
N SER A 117 -15.95 -7.63 -14.48
CA SER A 117 -17.26 -8.18 -14.14
C SER A 117 -18.03 -7.22 -13.24
N ASN A 118 -19.03 -6.55 -13.81
CA ASN A 118 -19.84 -5.60 -13.05
C ASN A 118 -21.07 -5.17 -13.86
N VAL A 119 -22.00 -4.50 -13.20
CA VAL A 119 -23.22 -4.03 -13.85
C VAL A 119 -23.30 -2.51 -13.82
N LEU A 120 -23.78 -1.92 -14.91
CA LEU A 120 -23.91 -0.48 -15.01
C LEU A 120 -24.93 0.04 -14.01
N GLN A 121 -24.82 1.32 -13.66
CA GLN A 121 -25.73 1.94 -12.72
C GLN A 121 -27.02 2.38 -13.40
N ASN A 122 -28.06 2.62 -12.61
CA ASN A 122 -29.34 3.06 -13.13
C ASN A 122 -30.16 3.78 -12.07
N LYS A 123 -31.03 4.68 -12.51
CA LYS A 123 -31.87 5.45 -11.59
C LYS A 123 -32.96 4.55 -10.99
N THR A 124 -33.75 3.92 -11.85
CA THR A 124 -34.82 3.04 -11.39
C THR A 124 -34.34 1.61 -11.27
N LEU A 125 -34.92 0.87 -10.34
CA LEU A 125 -34.55 -0.53 -10.11
C LEU A 125 -34.61 -1.32 -11.42
N MET A 1 19.51 26.54 -18.80
CA MET A 1 19.85 26.71 -20.21
C MET A 1 19.40 25.52 -21.03
N HIS A 2 19.49 24.32 -20.45
CA HIS A 2 19.08 23.10 -21.13
C HIS A 2 18.08 22.31 -20.28
N HIS A 3 17.26 21.51 -20.95
CA HIS A 3 16.26 20.71 -20.26
C HIS A 3 16.05 19.37 -20.96
N HIS A 4 15.39 18.43 -20.27
CA HIS A 4 15.13 17.11 -20.84
C HIS A 4 13.69 16.69 -20.58
N HIS A 5 12.99 16.31 -21.65
CA HIS A 5 11.60 15.88 -21.55
C HIS A 5 11.52 14.37 -21.34
N HIS A 6 11.99 13.61 -22.32
CA HIS A 6 11.96 12.15 -22.24
C HIS A 6 10.55 11.65 -21.97
N HIS A 7 9.57 12.32 -22.56
CA HIS A 7 8.17 11.94 -22.37
C HIS A 7 7.96 10.48 -22.76
N GLY A 8 8.10 10.18 -24.05
CA GLY A 8 7.91 8.82 -24.51
C GLY A 8 6.60 8.23 -24.07
N SER A 9 6.51 6.90 -24.06
CA SER A 9 5.29 6.21 -23.66
C SER A 9 5.57 4.73 -23.37
N GLY A 10 4.71 4.13 -22.56
CA GLY A 10 4.87 2.72 -22.23
C GLY A 10 4.64 2.45 -20.76
N SER A 11 3.45 1.96 -20.43
CA SER A 11 3.09 1.66 -19.05
C SER A 11 4.05 0.64 -18.46
N GLY A 12 4.28 -0.44 -19.19
CA GLY A 12 5.19 -1.49 -18.73
C GLY A 12 5.17 -2.72 -19.61
N LEU A 13 6.32 -3.05 -20.18
CA LEU A 13 6.43 -4.20 -21.07
C LEU A 13 6.59 -5.49 -20.26
N VAL A 14 7.58 -5.51 -19.38
CA VAL A 14 7.84 -6.68 -18.53
C VAL A 14 7.75 -6.32 -17.06
N PRO A 15 6.52 -6.10 -16.57
CA PRO A 15 6.29 -5.74 -15.16
C PRO A 15 6.56 -6.92 -14.22
N ARG A 16 7.48 -6.70 -13.28
CA ARG A 16 7.84 -7.73 -12.31
C ARG A 16 7.87 -7.16 -10.90
N GLY A 17 7.30 -7.91 -9.96
CA GLY A 17 7.28 -7.47 -8.57
C GLY A 17 6.71 -6.06 -8.43
N SER A 18 7.55 -5.13 -7.98
CA SER A 18 7.14 -3.75 -7.80
C SER A 18 6.72 -3.13 -9.13
N GLY A 19 5.58 -2.44 -9.11
CA GLY A 19 5.09 -1.80 -10.32
C GLY A 19 5.07 -0.29 -10.21
N ILE A 20 4.06 0.33 -10.81
CA ILE A 20 3.93 1.78 -10.78
C ILE A 20 3.87 2.30 -9.35
N ALA A 21 2.81 1.94 -8.63
CA ALA A 21 2.64 2.36 -7.24
C ALA A 21 3.90 2.08 -6.43
N GLN A 22 4.32 0.82 -6.41
CA GLN A 22 5.52 0.43 -5.67
C GLN A 22 6.70 1.33 -6.02
N GLN A 23 6.98 1.43 -7.32
CA GLN A 23 8.08 2.25 -7.79
C GLN A 23 7.93 3.71 -7.32
N TRP A 24 6.70 4.20 -7.32
CA TRP A 24 6.43 5.56 -6.89
C TRP A 24 6.68 5.72 -5.40
N ILE A 25 6.22 4.75 -4.61
CA ILE A 25 6.41 4.78 -3.17
C ILE A 25 7.86 5.06 -2.81
N GLN A 26 8.76 4.20 -3.29
CA GLN A 26 10.18 4.35 -3.02
C GLN A 26 10.68 5.73 -3.46
N SER A 27 9.97 6.34 -4.39
CA SER A 27 10.34 7.66 -4.90
C SER A 27 10.00 8.74 -3.88
N LYS A 28 8.75 8.77 -3.45
CA LYS A 28 8.29 9.75 -2.48
C LYS A 28 8.05 9.11 -1.12
N ARG A 29 8.93 8.18 -0.74
CA ARG A 29 8.81 7.49 0.53
C ARG A 29 9.02 8.45 1.70
N GLU A 30 9.97 9.36 1.55
CA GLU A 30 10.27 10.33 2.59
C GLU A 30 9.08 11.28 2.80
N ALA A 31 8.34 11.54 1.74
CA ALA A 31 7.18 12.42 1.82
C ALA A 31 5.94 11.66 2.28
N ILE A 32 5.73 10.49 1.70
CA ILE A 32 4.57 9.65 2.06
C ILE A 32 4.58 9.32 3.54
N VAL A 33 5.77 9.12 4.09
CA VAL A 33 5.91 8.80 5.51
C VAL A 33 5.68 10.04 6.39
N SER A 34 6.19 11.18 5.93
CA SER A 34 6.04 12.42 6.67
C SER A 34 4.62 12.97 6.54
N GLN A 35 3.91 12.52 5.49
CA GLN A 35 2.54 12.96 5.26
C GLN A 35 1.54 11.99 5.88
N MET A 36 1.67 10.71 5.54
CA MET A 36 0.78 9.68 6.06
C MET A 36 0.70 9.75 7.58
N THR A 37 -0.35 10.36 8.09
CA THR A 37 -0.55 10.50 9.53
C THR A 37 -1.03 9.18 10.15
N GLU A 38 -1.26 9.20 11.46
CA GLU A 38 -1.72 8.01 12.16
C GLU A 38 -3.12 7.61 11.68
N ALA A 39 -3.92 8.60 11.31
CA ALA A 39 -5.27 8.35 10.83
C ALA A 39 -5.26 7.63 9.50
N CYS A 40 -4.35 8.04 8.62
CA CYS A 40 -4.24 7.43 7.29
C CYS A 40 -3.66 6.02 7.39
N LEU A 41 -2.76 5.82 8.34
CA LEU A 41 -2.12 4.52 8.54
C LEU A 41 -3.16 3.47 8.95
N ASN A 42 -4.11 3.88 9.78
CA ASN A 42 -5.16 2.98 10.25
C ASN A 42 -5.98 2.45 9.08
N GLN A 43 -6.54 3.38 8.29
CA GLN A 43 -7.35 3.01 7.15
C GLN A 43 -6.58 2.09 6.21
N SER A 44 -5.37 2.50 5.85
CA SER A 44 -4.53 1.71 4.95
C SER A 44 -4.37 0.28 5.48
N LEU A 45 -4.14 0.16 6.78
CA LEU A 45 -3.95 -1.14 7.41
C LEU A 45 -5.22 -1.97 7.31
N ASP A 46 -6.28 -1.50 7.95
CA ASP A 46 -7.57 -2.21 7.93
C ASP A 46 -7.99 -2.52 6.50
N ALA A 47 -7.61 -1.65 5.56
CA ALA A 47 -7.95 -1.84 4.16
C ALA A 47 -7.38 -3.16 3.63
N LEU A 48 -6.07 -3.34 3.81
CA LEU A 48 -5.40 -4.54 3.34
C LEU A 48 -5.88 -5.77 4.12
N LEU A 49 -6.26 -5.56 5.37
CA LEU A 49 -6.74 -6.64 6.22
C LEU A 49 -7.88 -7.38 5.54
N SER A 50 -8.93 -6.65 5.18
CA SER A 50 -10.09 -7.25 4.53
C SER A 50 -9.69 -7.98 3.25
N ARG A 51 -8.71 -7.42 2.54
CA ARG A 51 -8.23 -8.01 1.30
C ARG A 51 -7.15 -9.07 1.59
N ASP A 52 -6.93 -9.33 2.87
CA ASP A 52 -5.93 -10.32 3.27
C ASP A 52 -4.60 -10.08 2.56
N LEU A 53 -4.17 -8.82 2.53
CA LEU A 53 -2.92 -8.46 1.89
C LEU A 53 -1.77 -8.41 2.89
N ILE A 54 -2.07 -7.91 4.09
CA ILE A 54 -1.06 -7.82 5.14
C ILE A 54 -1.16 -9.00 6.09
N MET A 55 -0.02 -9.61 6.41
CA MET A 55 0.03 -10.74 7.31
C MET A 55 -0.16 -10.30 8.76
N LYS A 56 -1.00 -11.01 9.49
CA LYS A 56 -1.27 -10.69 10.88
C LYS A 56 0.03 -10.53 11.67
N GLU A 57 1.00 -11.39 11.37
CA GLU A 57 2.29 -11.33 12.05
C GLU A 57 2.98 -9.99 11.81
N ASP A 58 2.82 -9.47 10.60
CA ASP A 58 3.43 -8.19 10.23
C ASP A 58 2.69 -7.03 10.90
N TYR A 59 1.37 -7.17 11.03
CA TYR A 59 0.55 -6.14 11.65
C TYR A 59 0.98 -5.88 13.09
N GLU A 60 1.25 -6.95 13.82
CA GLU A 60 1.68 -6.85 15.22
C GLU A 60 2.99 -6.08 15.32
N LEU A 61 3.96 -6.46 14.49
CA LEU A 61 5.26 -5.82 14.49
C LEU A 61 5.12 -4.30 14.30
N ILE A 62 4.41 -3.92 13.25
CA ILE A 62 4.20 -2.50 12.95
C ILE A 62 3.36 -1.83 14.04
N SER A 63 2.41 -2.58 14.59
CA SER A 63 1.54 -2.06 15.63
C SER A 63 2.33 -1.75 16.90
N THR A 64 3.39 -2.52 17.14
CA THR A 64 4.23 -2.33 18.31
C THR A 64 5.43 -1.46 17.99
N LYS A 65 5.25 -0.52 17.06
CA LYS A 65 6.32 0.38 16.66
C LYS A 65 6.55 1.46 17.72
N PRO A 66 7.74 2.07 17.68
CA PRO A 66 8.12 3.13 18.63
C PRO A 66 7.33 4.42 18.40
N THR A 67 7.17 4.79 17.13
CA THR A 67 6.45 6.00 16.77
C THR A 67 5.59 5.78 15.53
N ARG A 68 4.73 6.75 15.24
CA ARG A 68 3.86 6.66 14.07
C ARG A 68 4.67 6.69 12.78
N THR A 69 5.69 7.53 12.74
CA THR A 69 6.54 7.66 11.57
C THR A 69 7.09 6.31 11.15
N ALA A 70 7.56 5.53 12.13
CA ALA A 70 8.11 4.21 11.86
C ALA A 70 7.04 3.27 11.30
N LYS A 71 5.85 3.33 11.87
CA LYS A 71 4.74 2.49 11.44
C LYS A 71 4.56 2.58 9.93
N VAL A 72 4.57 3.81 9.40
CA VAL A 72 4.41 4.03 7.97
C VAL A 72 5.53 3.36 7.18
N ARG A 73 6.77 3.75 7.48
CA ARG A 73 7.92 3.19 6.79
C ARG A 73 7.83 1.67 6.73
N GLN A 74 7.69 1.04 7.89
CA GLN A 74 7.60 -0.42 7.96
C GLN A 74 6.48 -0.93 7.05
N LEU A 75 5.41 -0.15 6.92
CA LEU A 75 4.28 -0.54 6.09
C LEU A 75 4.68 -0.59 4.62
N LEU A 76 5.42 0.43 4.17
CA LEU A 76 5.86 0.49 2.78
C LEU A 76 6.89 -0.60 2.50
N ASP A 77 7.71 -0.91 3.50
CA ASP A 77 8.74 -1.95 3.35
C ASP A 77 8.10 -3.31 3.13
N THR A 78 6.97 -3.54 3.78
CA THR A 78 6.27 -4.82 3.67
C THR A 78 5.62 -4.96 2.30
N SER A 79 5.15 -3.84 1.75
CA SER A 79 4.51 -3.85 0.44
C SER A 79 5.38 -4.55 -0.60
N ASP A 80 6.68 -4.26 -0.56
CA ASP A 80 7.62 -4.87 -1.50
C ASP A 80 7.59 -6.39 -1.39
N ILE A 81 7.35 -6.89 -0.18
CA ILE A 81 7.29 -8.33 0.05
C ILE A 81 5.91 -8.88 -0.26
N GLN A 82 4.89 -8.06 -0.06
CA GLN A 82 3.51 -8.46 -0.32
C GLN A 82 3.23 -8.49 -1.81
N GLY A 83 3.09 -7.31 -2.42
CA GLY A 83 2.82 -7.23 -3.84
C GLY A 83 2.36 -5.85 -4.26
N GLU A 84 2.24 -5.64 -5.56
CA GLU A 84 1.81 -4.35 -6.10
C GLU A 84 0.51 -3.90 -5.44
N GLU A 85 -0.35 -4.86 -5.12
CA GLU A 85 -1.63 -4.56 -4.48
C GLU A 85 -1.42 -3.73 -3.21
N PHE A 86 -0.59 -4.24 -2.32
CA PHE A 86 -0.31 -3.55 -1.06
C PHE A 86 0.10 -2.11 -1.31
N ALA A 87 1.21 -1.92 -2.00
CA ALA A 87 1.71 -0.59 -2.31
C ALA A 87 0.62 0.27 -2.96
N ARG A 88 -0.18 -0.36 -3.82
CA ARG A 88 -1.25 0.34 -4.51
C ARG A 88 -2.28 0.88 -3.51
N VAL A 89 -2.54 0.10 -2.46
CA VAL A 89 -3.50 0.51 -1.43
C VAL A 89 -3.03 1.76 -0.70
N ILE A 90 -1.72 1.87 -0.52
CA ILE A 90 -1.14 3.02 0.16
C ILE A 90 -1.37 4.30 -0.63
N VAL A 91 -0.77 4.39 -1.81
CA VAL A 91 -0.91 5.56 -2.66
C VAL A 91 -2.37 5.95 -2.84
N GLN A 92 -3.25 4.94 -2.81
CA GLN A 92 -4.68 5.18 -2.96
C GLN A 92 -5.26 5.84 -1.72
N LYS A 93 -5.10 5.19 -0.57
CA LYS A 93 -5.60 5.72 0.69
C LYS A 93 -5.17 7.17 0.88
N LEU A 94 -3.87 7.42 0.72
CA LEU A 94 -3.33 8.77 0.86
C LEU A 94 -4.12 9.77 0.04
N LYS A 95 -4.29 9.47 -1.25
CA LYS A 95 -5.03 10.33 -2.15
C LYS A 95 -6.50 10.44 -1.74
N ASP A 96 -7.03 9.35 -1.20
CA ASP A 96 -8.42 9.31 -0.77
C ASP A 96 -8.75 10.52 0.10
N ASN A 97 -7.77 10.97 0.88
CA ASN A 97 -7.96 12.12 1.76
C ASN A 97 -7.37 13.38 1.13
N LYS A 98 -6.10 13.64 1.45
CA LYS A 98 -5.41 14.81 0.92
C LYS A 98 -3.90 14.65 1.04
N GLN A 99 -3.19 14.95 -0.05
CA GLN A 99 -1.73 14.83 -0.06
C GLN A 99 -1.12 15.90 -0.94
N MET A 100 -1.14 17.14 -0.48
CA MET A 100 -0.58 18.26 -1.23
C MET A 100 0.94 18.26 -1.15
N GLY A 101 1.47 17.62 -0.11
CA GLY A 101 2.92 17.56 0.06
C GLY A 101 3.51 16.28 -0.48
N LEU A 102 2.79 15.64 -1.39
CA LEU A 102 3.27 14.39 -1.99
C LEU A 102 3.36 14.53 -3.50
N GLN A 103 2.38 15.19 -4.10
CA GLN A 103 2.36 15.38 -5.55
C GLN A 103 3.73 15.85 -6.05
N PRO A 104 3.95 15.69 -7.37
CA PRO A 104 2.96 15.12 -8.28
C PRO A 104 2.76 13.62 -8.03
N TYR A 105 1.62 13.10 -8.48
CA TYR A 105 1.31 11.69 -8.32
C TYR A 105 1.44 10.94 -9.64
N PRO A 106 1.50 9.60 -9.55
CA PRO A 106 1.64 8.74 -10.73
C PRO A 106 0.37 8.73 -11.58
N GLU A 107 0.40 7.94 -12.66
CA GLU A 107 -0.75 7.85 -13.56
C GLU A 107 -1.73 6.80 -13.08
N VAL A 108 -2.48 6.21 -14.01
CA VAL A 108 -3.46 5.19 -13.67
C VAL A 108 -2.97 4.30 -12.53
N LEU A 109 -3.58 4.47 -11.36
CA LEU A 109 -3.20 3.69 -10.19
C LEU A 109 -4.12 2.47 -10.03
N LEU A 110 -4.60 1.94 -11.16
CA LEU A 110 -5.47 0.78 -11.14
C LEU A 110 -6.66 1.00 -10.20
N VAL A 111 -7.13 2.24 -10.15
CA VAL A 111 -8.27 2.60 -9.30
C VAL A 111 -9.43 3.13 -10.12
N SER A 112 -10.50 3.52 -9.44
CA SER A 112 -11.68 4.05 -10.10
C SER A 112 -11.66 5.57 -10.11
N ARG A 113 -11.30 6.15 -11.25
CA ARG A 113 -11.24 7.60 -11.39
C ARG A 113 -11.35 8.01 -12.85
N THR A 114 -11.67 9.28 -13.09
CA THR A 114 -11.82 9.80 -14.44
C THR A 114 -10.52 9.67 -15.22
N PRO A 115 -10.62 9.70 -16.56
CA PRO A 115 -9.45 9.60 -17.44
C PRO A 115 -8.56 10.83 -17.38
N SER A 116 -7.26 10.60 -17.31
CA SER A 116 -6.29 11.69 -17.23
C SER A 116 -4.91 11.23 -17.69
N SER A 117 -3.99 12.18 -17.81
CA SER A 117 -2.62 11.86 -18.23
C SER A 117 -1.60 12.64 -17.41
N ASN A 118 -0.34 12.25 -17.50
CA ASN A 118 0.73 12.91 -16.78
C ASN A 118 2.10 12.46 -17.29
N VAL A 119 3.13 13.22 -16.94
CA VAL A 119 4.50 12.91 -17.36
C VAL A 119 5.04 11.70 -16.60
N LEU A 120 6.12 11.12 -17.12
CA LEU A 120 6.73 9.96 -16.50
C LEU A 120 8.26 10.06 -16.55
N GLN A 121 8.93 9.08 -15.94
CA GLN A 121 10.39 9.07 -15.92
C GLN A 121 10.92 7.78 -16.55
N ASN A 122 12.21 7.79 -16.87
CA ASN A 122 12.84 6.62 -17.49
C ASN A 122 14.29 6.49 -17.01
N LYS A 123 14.91 5.36 -17.35
CA LYS A 123 16.30 5.11 -16.97
C LYS A 123 17.26 5.61 -18.03
N THR A 124 17.19 5.02 -19.22
CA THR A 124 18.06 5.42 -20.33
C THR A 124 17.26 5.60 -21.60
N LEU A 125 17.86 6.28 -22.58
CA LEU A 125 17.20 6.53 -23.86
C LEU A 125 17.13 5.24 -24.68
N MET A 1 -26.40 1.19 7.29
CA MET A 1 -27.50 1.98 6.73
C MET A 1 -28.62 1.08 6.23
N HIS A 2 -28.96 0.06 7.02
CA HIS A 2 -30.02 -0.87 6.65
C HIS A 2 -29.69 -1.60 5.36
N HIS A 3 -28.41 -1.95 5.19
CA HIS A 3 -27.96 -2.64 4.00
C HIS A 3 -27.61 -4.10 4.32
N HIS A 4 -28.12 -5.02 3.51
CA HIS A 4 -27.86 -6.44 3.71
C HIS A 4 -26.51 -6.84 3.10
N HIS A 5 -25.96 -7.94 3.58
CA HIS A 5 -24.67 -8.43 3.08
C HIS A 5 -24.87 -9.41 1.94
N HIS A 6 -23.95 -9.37 0.97
CA HIS A 6 -24.02 -10.25 -0.19
C HIS A 6 -22.81 -11.17 -0.24
N HIS A 7 -23.04 -12.46 -0.48
CA HIS A 7 -21.97 -13.43 -0.56
C HIS A 7 -21.40 -13.50 -1.97
N GLY A 8 -20.13 -13.11 -2.12
CA GLY A 8 -19.49 -13.12 -3.41
C GLY A 8 -18.39 -14.16 -3.50
N SER A 9 -17.25 -13.77 -4.06
CA SER A 9 -16.12 -14.68 -4.21
C SER A 9 -14.84 -14.05 -3.67
N GLY A 10 -13.91 -14.89 -3.23
CA GLY A 10 -12.65 -14.40 -2.70
C GLY A 10 -11.45 -15.01 -3.40
N SER A 11 -11.35 -14.78 -4.70
CA SER A 11 -10.24 -15.31 -5.49
C SER A 11 -9.36 -14.18 -6.01
N GLY A 12 -8.08 -14.23 -5.65
CA GLY A 12 -7.15 -13.20 -6.10
C GLY A 12 -5.89 -13.78 -6.71
N LEU A 13 -5.34 -13.08 -7.69
CA LEU A 13 -4.13 -13.54 -8.36
C LEU A 13 -2.88 -13.04 -7.64
N VAL A 14 -1.84 -13.88 -7.61
CA VAL A 14 -0.59 -13.52 -6.95
C VAL A 14 0.02 -12.27 -7.58
N PRO A 15 0.45 -11.33 -6.73
CA PRO A 15 1.07 -10.08 -7.18
C PRO A 15 2.45 -10.29 -7.78
N ARG A 16 3.16 -9.20 -8.04
CA ARG A 16 4.49 -9.26 -8.62
C ARG A 16 5.50 -8.56 -7.73
N GLY A 17 6.78 -8.71 -8.07
CA GLY A 17 7.83 -8.08 -7.29
C GLY A 17 7.73 -6.56 -7.31
N SER A 18 7.85 -5.97 -8.49
CA SER A 18 7.78 -4.52 -8.63
C SER A 18 6.35 -4.08 -8.92
N GLY A 19 6.15 -2.77 -9.04
CA GLY A 19 4.83 -2.23 -9.31
C GLY A 19 4.82 -0.72 -9.39
N ILE A 20 3.94 -0.18 -10.22
CA ILE A 20 3.83 1.26 -10.39
C ILE A 20 3.79 1.97 -9.03
N ALA A 21 2.67 1.82 -8.33
CA ALA A 21 2.51 2.45 -7.03
C ALA A 21 3.68 2.12 -6.11
N GLN A 22 4.14 0.87 -6.16
CA GLN A 22 5.26 0.43 -5.34
C GLN A 22 6.47 1.34 -5.54
N GLN A 23 6.92 1.45 -6.78
CA GLN A 23 8.07 2.29 -7.11
C GLN A 23 7.85 3.72 -6.67
N TRP A 24 6.60 4.18 -6.78
CA TRP A 24 6.25 5.54 -6.38
C TRP A 24 6.41 5.74 -4.88
N ILE A 25 5.80 4.86 -4.10
CA ILE A 25 5.88 4.94 -2.65
C ILE A 25 7.32 5.10 -2.19
N GLN A 26 8.16 4.14 -2.54
CA GLN A 26 9.57 4.18 -2.17
C GLN A 26 10.22 5.49 -2.61
N SER A 27 9.70 6.06 -3.70
CA SER A 27 10.23 7.32 -4.23
C SER A 27 9.91 8.47 -3.29
N LYS A 28 8.63 8.64 -2.97
CA LYS A 28 8.21 9.72 -2.08
C LYS A 28 7.87 9.17 -0.69
N ARG A 29 8.66 8.20 -0.23
CA ARG A 29 8.45 7.60 1.08
C ARG A 29 8.70 8.62 2.19
N GLU A 30 9.63 9.53 1.95
CA GLU A 30 9.96 10.56 2.93
C GLU A 30 8.77 11.48 3.17
N ALA A 31 7.99 11.71 2.11
CA ALA A 31 6.82 12.58 2.20
C ALA A 31 5.60 11.81 2.69
N ILE A 32 5.45 10.58 2.21
CA ILE A 32 4.33 9.73 2.60
C ILE A 32 4.35 9.44 4.09
N VAL A 33 5.55 9.20 4.63
CA VAL A 33 5.71 8.90 6.05
C VAL A 33 5.56 10.16 6.88
N SER A 34 6.03 11.29 6.34
CA SER A 34 5.95 12.56 7.04
C SER A 34 4.53 13.12 7.00
N GLN A 35 3.77 12.71 5.99
CA GLN A 35 2.40 13.17 5.84
C GLN A 35 1.41 12.20 6.48
N MET A 36 1.39 10.96 5.99
CA MET A 36 0.50 9.95 6.52
C MET A 36 0.64 9.84 8.03
N THR A 37 -0.30 10.43 8.75
CA THR A 37 -0.29 10.40 10.21
C THR A 37 -0.72 9.04 10.74
N GLU A 38 -0.89 8.94 12.06
CA GLU A 38 -1.31 7.70 12.69
C GLU A 38 -2.72 7.30 12.23
N ALA A 39 -3.55 8.30 12.00
CA ALA A 39 -4.92 8.06 11.57
C ALA A 39 -4.95 7.45 10.17
N CYS A 40 -4.30 8.11 9.22
CA CYS A 40 -4.24 7.64 7.84
C CYS A 40 -3.57 6.26 7.77
N LEU A 41 -2.58 6.06 8.61
CA LEU A 41 -1.85 4.80 8.65
C LEU A 41 -2.80 3.63 8.91
N ASN A 42 -3.50 3.69 10.04
CA ASN A 42 -4.45 2.64 10.42
C ASN A 42 -5.49 2.44 9.33
N GLN A 43 -5.92 3.54 8.71
CA GLN A 43 -6.92 3.47 7.64
C GLN A 43 -6.47 2.54 6.53
N SER A 44 -5.27 2.77 6.00
CA SER A 44 -4.73 1.94 4.93
C SER A 44 -4.57 0.49 5.38
N LEU A 45 -4.19 0.31 6.65
CA LEU A 45 -4.01 -1.03 7.20
C LEU A 45 -5.32 -1.81 7.19
N ASP A 46 -6.40 -1.14 7.57
CA ASP A 46 -7.71 -1.77 7.61
C ASP A 46 -8.07 -2.33 6.24
N ALA A 47 -7.94 -1.50 5.20
CA ALA A 47 -8.25 -1.92 3.84
C ALA A 47 -7.43 -3.14 3.45
N LEU A 48 -6.17 -3.16 3.85
CA LEU A 48 -5.27 -4.27 3.53
C LEU A 48 -5.82 -5.59 4.07
N LEU A 49 -6.18 -5.59 5.35
CA LEU A 49 -6.72 -6.79 5.99
C LEU A 49 -7.94 -7.30 5.24
N SER A 50 -8.77 -6.37 4.76
CA SER A 50 -9.97 -6.72 4.02
C SER A 50 -9.64 -7.60 2.82
N ARG A 51 -8.65 -7.16 2.04
CA ARG A 51 -8.23 -7.91 0.86
C ARG A 51 -7.08 -8.85 1.18
N ASP A 52 -6.91 -9.13 2.47
CA ASP A 52 -5.85 -10.03 2.92
C ASP A 52 -4.53 -9.69 2.23
N LEU A 53 -4.12 -8.42 2.31
CA LEU A 53 -2.89 -7.97 1.70
C LEU A 53 -1.73 -8.00 2.71
N ILE A 54 -2.05 -7.67 3.96
CA ILE A 54 -1.04 -7.67 5.02
C ILE A 54 -1.25 -8.83 5.99
N MET A 55 -0.18 -9.53 6.29
CA MET A 55 -0.24 -10.67 7.21
C MET A 55 -0.39 -10.19 8.65
N LYS A 56 -1.18 -10.91 9.44
CA LYS A 56 -1.41 -10.57 10.83
C LYS A 56 -0.08 -10.36 11.56
N GLU A 57 0.83 -11.33 11.42
CA GLU A 57 2.12 -11.25 12.07
C GLU A 57 2.82 -9.94 11.73
N ASP A 58 2.62 -9.46 10.52
CA ASP A 58 3.22 -8.21 10.07
C ASP A 58 2.53 -7.01 10.71
N TYR A 59 1.22 -7.13 10.91
CA TYR A 59 0.44 -6.05 11.51
C TYR A 59 0.89 -5.78 12.94
N GLU A 60 1.09 -6.85 13.71
CA GLU A 60 1.54 -6.72 15.09
C GLU A 60 2.92 -6.08 15.16
N LEU A 61 3.82 -6.53 14.30
CA LEU A 61 5.18 -6.01 14.27
C LEU A 61 5.17 -4.50 14.11
N ILE A 62 4.52 -4.02 13.06
CA ILE A 62 4.45 -2.58 12.80
C ILE A 62 3.66 -1.87 13.90
N SER A 63 2.66 -2.55 14.44
CA SER A 63 1.83 -1.98 15.50
C SER A 63 2.65 -1.74 16.76
N THR A 64 3.66 -2.59 16.98
CA THR A 64 4.51 -2.47 18.14
C THR A 64 5.77 -1.66 17.83
N LYS A 65 5.64 -0.70 16.92
CA LYS A 65 6.76 0.14 16.53
C LYS A 65 7.06 1.18 17.61
N PRO A 66 8.29 1.72 17.57
CA PRO A 66 8.73 2.74 18.54
C PRO A 66 8.02 4.08 18.33
N THR A 67 7.83 4.46 17.08
CA THR A 67 7.18 5.71 16.75
C THR A 67 6.26 5.55 15.53
N ARG A 68 5.36 6.52 15.35
CA ARG A 68 4.43 6.49 14.22
C ARG A 68 5.19 6.57 12.89
N THR A 69 6.14 7.49 12.83
CA THR A 69 6.93 7.68 11.61
C THR A 69 7.53 6.36 11.14
N ALA A 70 7.88 5.51 12.08
CA ALA A 70 8.47 4.21 11.75
C ALA A 70 7.41 3.25 11.25
N LYS A 71 6.22 3.33 11.83
CA LYS A 71 5.11 2.46 11.43
C LYS A 71 4.87 2.53 9.93
N VAL A 72 4.81 3.75 9.40
CA VAL A 72 4.59 3.95 7.97
C VAL A 72 5.72 3.36 7.15
N ARG A 73 6.95 3.75 7.47
CA ARG A 73 8.12 3.26 6.76
C ARG A 73 8.08 1.74 6.64
N GLN A 74 7.99 1.06 7.79
CA GLN A 74 7.95 -0.40 7.81
C GLN A 74 6.83 -0.92 6.93
N LEU A 75 5.74 -0.17 6.84
CA LEU A 75 4.60 -0.56 6.02
C LEU A 75 4.97 -0.59 4.55
N LEU A 76 5.64 0.46 4.09
CA LEU A 76 6.06 0.56 2.70
C LEU A 76 7.12 -0.49 2.37
N ASP A 77 7.99 -0.76 3.33
CA ASP A 77 9.05 -1.75 3.15
C ASP A 77 8.47 -3.15 2.97
N THR A 78 7.37 -3.42 3.69
CA THR A 78 6.72 -4.71 3.62
C THR A 78 5.97 -4.88 2.30
N SER A 79 5.40 -3.78 1.81
CA SER A 79 4.65 -3.80 0.56
C SER A 79 5.46 -4.47 -0.55
N ASP A 80 6.74 -4.09 -0.66
CA ASP A 80 7.61 -4.65 -1.67
C ASP A 80 7.68 -6.17 -1.56
N ILE A 81 7.57 -6.67 -0.34
CA ILE A 81 7.62 -8.12 -0.10
C ILE A 81 6.25 -8.75 -0.30
N GLN A 82 5.20 -7.98 -0.01
CA GLN A 82 3.83 -8.46 -0.14
C GLN A 82 3.43 -8.53 -1.62
N GLY A 83 3.16 -7.37 -2.20
CA GLY A 83 2.77 -7.33 -3.61
C GLY A 83 2.47 -5.91 -4.08
N GLU A 84 2.18 -5.78 -5.37
CA GLU A 84 1.88 -4.48 -5.95
C GLU A 84 0.60 -3.89 -5.35
N GLU A 85 -0.38 -4.75 -5.12
CA GLU A 85 -1.65 -4.33 -4.55
C GLU A 85 -1.44 -3.58 -3.24
N PHE A 86 -0.54 -4.09 -2.41
CA PHE A 86 -0.25 -3.48 -1.13
C PHE A 86 0.06 -1.99 -1.29
N ALA A 87 1.03 -1.69 -2.17
CA ALA A 87 1.42 -0.31 -2.42
C ALA A 87 0.28 0.48 -3.06
N ARG A 88 -0.40 -0.15 -4.02
CA ARG A 88 -1.51 0.50 -4.71
C ARG A 88 -2.56 0.98 -3.72
N VAL A 89 -2.71 0.25 -2.62
CA VAL A 89 -3.68 0.61 -1.59
C VAL A 89 -3.33 1.93 -0.94
N ILE A 90 -2.03 2.13 -0.66
CA ILE A 90 -1.57 3.35 -0.04
C ILE A 90 -1.77 4.55 -0.95
N VAL A 91 -1.24 4.46 -2.17
CA VAL A 91 -1.37 5.54 -3.15
C VAL A 91 -2.83 5.96 -3.30
N GLN A 92 -3.74 4.99 -3.22
CA GLN A 92 -5.17 5.27 -3.37
C GLN A 92 -5.71 5.91 -2.10
N LYS A 93 -5.32 5.37 -0.95
CA LYS A 93 -5.78 5.89 0.34
C LYS A 93 -5.53 7.39 0.44
N LEU A 94 -4.31 7.81 0.14
CA LEU A 94 -3.94 9.22 0.19
C LEU A 94 -4.93 10.07 -0.61
N LYS A 95 -4.98 9.83 -1.92
CA LYS A 95 -5.89 10.57 -2.79
C LYS A 95 -7.32 10.46 -2.30
N ASP A 96 -7.67 9.32 -1.72
CA ASP A 96 -9.01 9.09 -1.20
C ASP A 96 -9.45 10.23 -0.30
N ASN A 97 -8.53 10.70 0.54
CA ASN A 97 -8.82 11.79 1.47
C ASN A 97 -8.30 13.11 0.91
N LYS A 98 -7.01 13.37 1.10
CA LYS A 98 -6.39 14.59 0.62
C LYS A 98 -4.88 14.43 0.52
N GLN A 99 -4.28 15.11 -0.46
CA GLN A 99 -2.84 15.04 -0.67
C GLN A 99 -2.38 16.14 -1.62
N MET A 100 -1.37 16.90 -1.18
CA MET A 100 -0.83 17.99 -1.99
C MET A 100 0.62 18.27 -1.62
N GLY A 101 1.35 17.23 -1.28
CA GLY A 101 2.74 17.38 -0.90
C GLY A 101 3.55 16.12 -1.12
N LEU A 102 3.03 15.22 -1.95
CA LEU A 102 3.71 13.97 -2.24
C LEU A 102 4.03 13.85 -3.73
N GLN A 103 3.32 14.62 -4.54
CA GLN A 103 3.51 14.60 -5.98
C GLN A 103 5.00 14.67 -6.33
N PRO A 104 5.34 14.27 -7.57
CA PRO A 104 4.35 13.82 -8.55
C PRO A 104 3.76 12.46 -8.19
N TYR A 105 2.52 12.24 -8.59
CA TYR A 105 1.83 10.98 -8.30
C TYR A 105 2.00 9.99 -9.45
N PRO A 106 1.70 8.71 -9.18
CA PRO A 106 1.81 7.64 -10.17
C PRO A 106 0.75 7.76 -11.27
N GLU A 107 0.66 6.75 -12.12
CA GLU A 107 -0.31 6.74 -13.20
C GLU A 107 -1.65 6.18 -12.74
N VAL A 108 -2.40 5.60 -13.66
CA VAL A 108 -3.71 5.03 -13.33
C VAL A 108 -3.71 4.39 -11.95
N LEU A 109 -4.38 5.03 -11.01
CA LEU A 109 -4.44 4.52 -9.64
C LEU A 109 -5.46 3.40 -9.54
N LEU A 110 -6.52 3.47 -10.34
CA LEU A 110 -7.56 2.45 -10.34
C LEU A 110 -7.69 1.81 -11.72
N VAL A 111 -8.45 0.71 -11.79
CA VAL A 111 -8.65 0.01 -13.04
C VAL A 111 -10.04 0.29 -13.61
N SER A 112 -11.02 0.43 -12.71
CA SER A 112 -12.40 0.69 -13.11
C SER A 112 -12.52 2.08 -13.74
N ARG A 113 -12.23 3.11 -12.95
CA ARG A 113 -12.31 4.49 -13.42
C ARG A 113 -11.35 4.73 -14.57
N THR A 114 -11.79 5.45 -15.59
CA THR A 114 -10.96 5.75 -16.75
C THR A 114 -11.31 7.11 -17.34
N PRO A 115 -10.38 7.67 -18.11
CA PRO A 115 -10.56 8.98 -18.74
C PRO A 115 -11.60 8.94 -19.87
N SER A 116 -12.86 9.17 -19.51
CA SER A 116 -13.95 9.16 -20.48
C SER A 116 -14.32 10.58 -20.89
N SER A 117 -14.38 10.81 -22.21
CA SER A 117 -14.72 12.11 -22.73
C SER A 117 -15.87 12.02 -23.74
N ASN A 118 -16.98 12.67 -23.42
CA ASN A 118 -18.16 12.66 -24.28
C ASN A 118 -18.90 13.99 -24.22
N VAL A 119 -19.10 14.60 -25.38
CA VAL A 119 -19.80 15.87 -25.46
C VAL A 119 -20.67 15.95 -26.71
N LEU A 120 -21.77 16.67 -26.62
CA LEU A 120 -22.68 16.83 -27.75
C LEU A 120 -23.42 18.16 -27.68
N GLN A 121 -23.17 19.03 -28.66
CA GLN A 121 -23.80 20.34 -28.71
C GLN A 121 -24.46 20.57 -30.06
N ASN A 122 -25.78 20.74 -30.05
CA ASN A 122 -26.53 20.97 -31.28
C ASN A 122 -26.42 22.42 -31.72
N LYS A 123 -26.96 23.33 -30.91
CA LYS A 123 -26.92 24.75 -31.22
C LYS A 123 -27.23 25.58 -29.97
N THR A 124 -27.03 26.89 -30.08
CA THR A 124 -27.29 27.79 -28.96
C THR A 124 -27.79 29.14 -29.45
N LEU A 125 -28.82 29.66 -28.79
CA LEU A 125 -29.40 30.95 -29.17
C LEU A 125 -28.49 32.09 -28.76
N MET A 1 41.19 7.82 -7.21
CA MET A 1 41.19 9.27 -7.33
C MET A 1 39.78 9.83 -7.25
N HIS A 2 38.84 9.11 -7.85
CA HIS A 2 37.43 9.53 -7.85
C HIS A 2 36.75 9.15 -6.54
N HIS A 3 35.94 10.06 -6.01
CA HIS A 3 35.23 9.84 -4.76
C HIS A 3 33.86 9.21 -5.02
N HIS A 4 33.03 9.91 -5.79
CA HIS A 4 31.70 9.43 -6.12
C HIS A 4 31.67 8.81 -7.52
N HIS A 5 30.89 7.75 -7.67
CA HIS A 5 30.76 7.07 -8.96
C HIS A 5 29.32 7.04 -9.43
N HIS A 6 29.11 6.66 -10.69
CA HIS A 6 27.78 6.60 -11.26
C HIS A 6 27.00 5.40 -10.72
N HIS A 7 25.72 5.59 -10.45
CA HIS A 7 24.87 4.53 -9.93
C HIS A 7 23.70 4.26 -10.87
N GLY A 8 23.67 3.07 -11.46
CA GLY A 8 22.59 2.71 -12.36
C GLY A 8 21.30 2.40 -11.63
N SER A 9 20.30 1.94 -12.37
CA SER A 9 19.00 1.61 -11.79
C SER A 9 18.29 0.52 -12.60
N GLY A 10 17.75 -0.46 -11.91
CA GLY A 10 17.05 -1.54 -12.58
C GLY A 10 15.64 -1.17 -12.98
N SER A 11 15.36 -1.20 -14.28
CA SER A 11 14.02 -0.85 -14.78
C SER A 11 13.18 -2.11 -15.00
N GLY A 12 11.87 -1.94 -14.99
CA GLY A 12 10.97 -3.07 -15.19
C GLY A 12 10.37 -3.09 -16.58
N LEU A 13 10.44 -4.24 -17.23
CA LEU A 13 9.90 -4.40 -18.58
C LEU A 13 8.38 -4.48 -18.55
N VAL A 14 7.81 -4.42 -17.35
CA VAL A 14 6.36 -4.47 -17.19
C VAL A 14 5.79 -3.12 -16.78
N PRO A 15 5.53 -2.26 -17.77
CA PRO A 15 4.99 -0.92 -17.54
C PRO A 15 3.54 -0.96 -17.07
N ARG A 16 2.73 -1.79 -17.72
CA ARG A 16 1.32 -1.91 -17.38
C ARG A 16 1.14 -2.91 -16.23
N GLY A 17 0.48 -2.46 -15.16
CA GLY A 17 0.25 -3.32 -14.03
C GLY A 17 1.03 -2.88 -12.79
N SER A 18 1.68 -3.83 -12.14
CA SER A 18 2.45 -3.55 -10.94
C SER A 18 3.71 -2.74 -11.29
N GLY A 19 4.41 -2.29 -10.26
CA GLY A 19 5.62 -1.51 -10.48
C GLY A 19 5.40 -0.02 -10.34
N ILE A 20 4.30 0.46 -10.92
CA ILE A 20 3.97 1.88 -10.87
C ILE A 20 3.92 2.36 -9.42
N ALA A 21 2.83 2.05 -8.73
CA ALA A 21 2.67 2.45 -7.34
C ALA A 21 3.79 1.90 -6.47
N GLN A 22 4.18 0.66 -6.73
CA GLN A 22 5.25 0.03 -5.97
C GLN A 22 6.53 0.85 -6.02
N GLN A 23 6.86 1.35 -7.20
CA GLN A 23 8.07 2.15 -7.38
C GLN A 23 7.86 3.56 -6.82
N TRP A 24 6.67 4.11 -7.04
CA TRP A 24 6.34 5.44 -6.56
C TRP A 24 6.58 5.56 -5.05
N ILE A 25 6.08 4.58 -4.31
CA ILE A 25 6.24 4.57 -2.86
C ILE A 25 7.69 4.79 -2.46
N GLN A 26 8.60 4.15 -3.19
CA GLN A 26 10.03 4.27 -2.92
C GLN A 26 10.51 5.68 -3.22
N SER A 27 9.93 6.32 -4.22
CA SER A 27 10.31 7.66 -4.60
C SER A 27 9.81 8.68 -3.58
N LYS A 28 8.54 8.57 -3.21
CA LYS A 28 7.95 9.47 -2.24
C LYS A 28 7.78 8.79 -0.88
N ARG A 29 8.73 7.93 -0.54
CA ARG A 29 8.71 7.20 0.72
C ARG A 29 8.80 8.17 1.90
N GLU A 30 9.78 9.08 1.83
CA GLU A 30 9.98 10.06 2.89
C GLU A 30 8.78 11.00 3.01
N ALA A 31 8.15 11.28 1.87
CA ALA A 31 6.98 12.15 1.85
C ALA A 31 5.74 11.44 2.40
N ILE A 32 5.50 10.23 1.93
CA ILE A 32 4.35 9.45 2.37
C ILE A 32 4.41 9.21 3.87
N VAL A 33 5.61 9.05 4.40
CA VAL A 33 5.80 8.81 5.83
C VAL A 33 5.58 10.09 6.63
N SER A 34 6.09 11.20 6.11
CA SER A 34 5.95 12.48 6.78
C SER A 34 4.53 13.03 6.62
N GLN A 35 3.83 12.54 5.61
CA GLN A 35 2.46 12.98 5.34
C GLN A 35 1.45 12.05 6.02
N MET A 36 1.41 10.80 5.56
CA MET A 36 0.49 9.82 6.11
C MET A 36 0.60 9.76 7.63
N THR A 37 -0.34 10.39 8.32
CA THR A 37 -0.35 10.40 9.77
C THR A 37 -0.81 9.07 10.35
N GLU A 38 -0.93 9.01 11.67
CA GLU A 38 -1.36 7.78 12.34
C GLU A 38 -2.78 7.40 11.89
N ALA A 39 -3.60 8.40 11.65
CA ALA A 39 -4.97 8.17 11.22
C ALA A 39 -5.02 7.55 9.83
N CYS A 40 -4.36 8.20 8.87
CA CYS A 40 -4.32 7.71 7.50
C CYS A 40 -3.70 6.31 7.44
N LEU A 41 -2.73 6.06 8.31
CA LEU A 41 -2.06 4.77 8.34
C LEU A 41 -3.03 3.67 8.75
N ASN A 42 -3.87 3.96 9.74
CA ASN A 42 -4.84 2.99 10.22
C ASN A 42 -5.79 2.57 9.09
N GLN A 43 -6.15 3.52 8.25
CA GLN A 43 -7.06 3.26 7.13
C GLN A 43 -6.42 2.28 6.14
N SER A 44 -5.23 2.61 5.67
CA SER A 44 -4.52 1.77 4.72
C SER A 44 -4.37 0.35 5.25
N LEU A 45 -4.07 0.25 6.54
CA LEU A 45 -3.89 -1.05 7.18
C LEU A 45 -5.19 -1.86 7.12
N ASP A 46 -6.22 -1.35 7.76
CA ASP A 46 -7.53 -2.01 7.78
C ASP A 46 -7.97 -2.38 6.37
N ALA A 47 -7.59 -1.55 5.40
CA ALA A 47 -7.95 -1.79 4.02
C ALA A 47 -7.40 -3.12 3.52
N LEU A 48 -6.10 -3.33 3.69
CA LEU A 48 -5.44 -4.55 3.26
C LEU A 48 -5.95 -5.74 4.07
N LEU A 49 -6.33 -5.49 5.32
CA LEU A 49 -6.83 -6.54 6.20
C LEU A 49 -7.99 -7.29 5.55
N SER A 50 -9.00 -6.54 5.13
CA SER A 50 -10.18 -7.14 4.49
C SER A 50 -9.77 -7.92 3.25
N ARG A 51 -8.77 -7.43 2.54
CA ARG A 51 -8.28 -8.09 1.33
C ARG A 51 -7.27 -9.18 1.67
N ASP A 52 -7.06 -9.40 2.96
CA ASP A 52 -6.12 -10.42 3.43
C ASP A 52 -4.77 -10.27 2.73
N LEU A 53 -4.30 -9.03 2.62
CA LEU A 53 -3.03 -8.76 1.97
C LEU A 53 -1.89 -8.69 3.00
N ILE A 54 -2.19 -8.11 4.16
CA ILE A 54 -1.20 -7.99 5.22
C ILE A 54 -1.35 -9.12 6.24
N MET A 55 -0.23 -9.75 6.58
CA MET A 55 -0.23 -10.83 7.55
C MET A 55 -0.37 -10.30 8.97
N LYS A 56 -1.26 -10.92 9.75
CA LYS A 56 -1.50 -10.51 11.12
C LYS A 56 -0.17 -10.37 11.88
N GLU A 57 0.76 -11.28 11.61
CA GLU A 57 2.06 -11.25 12.26
C GLU A 57 2.78 -9.92 12.00
N ASP A 58 2.65 -9.43 10.76
CA ASP A 58 3.29 -8.17 10.38
C ASP A 58 2.57 -6.98 11.00
N TYR A 59 1.24 -7.09 11.11
CA TYR A 59 0.44 -6.02 11.68
C TYR A 59 0.85 -5.74 13.13
N GLU A 60 1.06 -6.81 13.89
CA GLU A 60 1.46 -6.68 15.28
C GLU A 60 2.79 -5.94 15.41
N LEU A 61 3.78 -6.38 14.64
CA LEU A 61 5.10 -5.77 14.66
C LEU A 61 5.01 -4.27 14.40
N ILE A 62 4.30 -3.90 13.34
CA ILE A 62 4.15 -2.49 12.99
C ILE A 62 3.32 -1.76 14.04
N SER A 63 2.33 -2.43 14.60
CA SER A 63 1.48 -1.85 15.62
C SER A 63 2.27 -1.56 16.89
N THR A 64 3.28 -2.38 17.16
CA THR A 64 4.11 -2.22 18.34
C THR A 64 5.37 -1.42 18.02
N LYS A 65 5.25 -0.48 17.08
CA LYS A 65 6.38 0.35 16.68
C LYS A 65 6.66 1.42 17.74
N PRO A 66 7.88 1.97 17.70
CA PRO A 66 8.32 3.00 18.65
C PRO A 66 7.61 4.33 18.40
N THR A 67 7.42 4.67 17.13
CA THR A 67 6.75 5.91 16.76
C THR A 67 5.88 5.73 15.52
N ARG A 68 5.01 6.69 15.27
CA ARG A 68 4.11 6.63 14.12
C ARG A 68 4.90 6.69 12.82
N THR A 69 5.87 7.59 12.75
CA THR A 69 6.70 7.75 11.57
C THR A 69 7.30 6.42 11.14
N ALA A 70 7.66 5.59 12.11
CA ALA A 70 8.24 4.28 11.84
C ALA A 70 7.19 3.32 11.31
N LYS A 71 5.99 3.39 11.86
CA LYS A 71 4.89 2.53 11.44
C LYS A 71 4.72 2.57 9.93
N VAL A 72 4.74 3.77 9.36
CA VAL A 72 4.59 3.95 7.93
C VAL A 72 5.73 3.30 7.16
N ARG A 73 6.96 3.66 7.53
CA ARG A 73 8.14 3.11 6.88
C ARG A 73 8.08 1.58 6.84
N GLN A 74 7.87 0.98 8.01
CA GLN A 74 7.79 -0.47 8.10
C GLN A 74 6.75 -1.04 7.14
N LEU A 75 5.68 -0.27 6.94
CA LEU A 75 4.61 -0.69 6.03
C LEU A 75 5.10 -0.78 4.59
N LEU A 76 5.93 0.18 4.20
CA LEU A 76 6.48 0.21 2.85
C LEU A 76 7.49 -0.90 2.65
N ASP A 77 8.20 -1.26 3.72
CA ASP A 77 9.20 -2.32 3.67
C ASP A 77 8.55 -3.66 3.34
N THR A 78 7.38 -3.91 3.92
CA THR A 78 6.67 -5.16 3.69
C THR A 78 6.01 -5.16 2.31
N SER A 79 5.58 -3.99 1.86
CA SER A 79 4.94 -3.87 0.55
C SER A 79 5.81 -4.48 -0.54
N ASP A 80 7.11 -4.31 -0.41
CA ASP A 80 8.05 -4.85 -1.40
C ASP A 80 7.91 -6.36 -1.51
N ILE A 81 7.46 -6.99 -0.43
CA ILE A 81 7.28 -8.43 -0.41
C ILE A 81 5.94 -8.83 -1.01
N GLN A 82 4.93 -8.00 -0.79
CA GLN A 82 3.59 -8.27 -1.31
C GLN A 82 3.52 -7.95 -2.80
N GLY A 83 3.57 -6.67 -3.13
CA GLY A 83 3.50 -6.26 -4.53
C GLY A 83 2.68 -5.00 -4.73
N GLU A 84 2.43 -4.64 -5.99
CA GLU A 84 1.65 -3.46 -6.30
C GLU A 84 0.30 -3.49 -5.60
N GLU A 85 -0.19 -4.69 -5.31
CA GLU A 85 -1.47 -4.85 -4.64
C GLU A 85 -1.46 -4.18 -3.26
N PHE A 86 -0.29 -4.15 -2.64
CA PHE A 86 -0.15 -3.54 -1.32
C PHE A 86 0.26 -2.08 -1.45
N ALA A 87 1.16 -1.79 -2.38
CA ALA A 87 1.63 -0.43 -2.60
C ALA A 87 0.51 0.46 -3.12
N ARG A 88 -0.32 -0.10 -4.00
CA ARG A 88 -1.44 0.65 -4.57
C ARG A 88 -2.40 1.11 -3.48
N VAL A 89 -2.52 0.31 -2.43
CA VAL A 89 -3.41 0.63 -1.32
C VAL A 89 -2.95 1.90 -0.60
N ILE A 90 -1.66 2.00 -0.35
CA ILE A 90 -1.09 3.16 0.32
C ILE A 90 -1.23 4.41 -0.53
N VAL A 91 -0.87 4.29 -1.82
CA VAL A 91 -0.95 5.41 -2.75
C VAL A 91 -2.40 5.86 -2.94
N GLN A 92 -3.32 4.91 -2.86
CA GLN A 92 -4.74 5.20 -3.02
C GLN A 92 -5.30 5.93 -1.79
N LYS A 93 -5.07 5.34 -0.62
CA LYS A 93 -5.54 5.92 0.63
C LYS A 93 -5.12 7.38 0.74
N LEU A 94 -3.83 7.64 0.55
CA LEU A 94 -3.29 8.98 0.63
C LEU A 94 -4.13 9.96 -0.21
N LYS A 95 -4.35 9.59 -1.47
CA LYS A 95 -5.14 10.43 -2.37
C LYS A 95 -6.60 10.47 -1.94
N ASP A 96 -7.06 9.39 -1.32
CA ASP A 96 -8.44 9.30 -0.85
C ASP A 96 -8.80 10.53 -0.01
N ASN A 97 -7.85 11.00 0.78
CA ASN A 97 -8.07 12.16 1.64
C ASN A 97 -7.60 13.44 0.96
N LYS A 98 -6.30 13.72 1.07
CA LYS A 98 -5.73 14.91 0.46
C LYS A 98 -4.26 15.06 0.84
N GLN A 99 -3.39 15.10 -0.17
CA GLN A 99 -1.95 15.24 0.06
C GLN A 99 -1.31 16.08 -1.04
N MET A 100 -1.36 17.39 -0.88
CA MET A 100 -0.77 18.30 -1.85
C MET A 100 0.75 18.32 -1.74
N GLY A 101 1.26 17.71 -0.68
CA GLY A 101 2.70 17.66 -0.47
C GLY A 101 3.34 16.44 -1.07
N LEU A 102 2.52 15.42 -1.35
CA LEU A 102 3.01 14.18 -1.94
C LEU A 102 3.12 14.30 -3.46
N GLN A 103 2.11 14.93 -4.06
CA GLN A 103 2.09 15.11 -5.51
C GLN A 103 3.45 15.56 -6.02
N PRO A 104 3.68 15.35 -7.33
CA PRO A 104 2.70 14.74 -8.22
C PRO A 104 2.51 13.25 -7.93
N TYR A 105 1.37 12.72 -8.36
CA TYR A 105 1.06 11.31 -8.14
C TYR A 105 1.22 10.50 -9.42
N PRO A 106 1.33 9.18 -9.28
CA PRO A 106 1.48 8.27 -10.42
C PRO A 106 0.21 8.17 -11.27
N GLU A 107 0.32 7.52 -12.41
CA GLU A 107 -0.82 7.36 -13.31
C GLU A 107 -1.64 6.13 -12.94
N VAL A 108 -2.58 6.31 -12.01
CA VAL A 108 -3.43 5.22 -11.56
C VAL A 108 -4.84 5.72 -11.24
N LEU A 109 -5.61 4.88 -10.56
CA LEU A 109 -6.98 5.24 -10.19
C LEU A 109 -7.83 5.50 -11.43
N LEU A 110 -7.54 4.77 -12.50
CA LEU A 110 -8.28 4.92 -13.75
C LEU A 110 -9.20 3.73 -13.99
N VAL A 111 -10.45 4.02 -14.37
CA VAL A 111 -11.42 2.97 -14.63
C VAL A 111 -11.12 2.25 -15.95
N SER A 112 -11.17 0.93 -15.93
CA SER A 112 -10.91 0.13 -17.12
C SER A 112 -11.40 -1.30 -16.94
N ARG A 113 -11.36 -2.08 -18.02
CA ARG A 113 -11.81 -3.47 -17.98
C ARG A 113 -10.64 -4.41 -18.21
N THR A 114 -10.24 -5.12 -17.15
CA THR A 114 -9.14 -6.06 -17.23
C THR A 114 -9.28 -7.17 -16.19
N PRO A 115 -10.24 -8.08 -16.41
CA PRO A 115 -10.50 -9.19 -15.50
C PRO A 115 -9.38 -10.23 -15.52
N SER A 116 -8.39 -10.04 -14.67
CA SER A 116 -7.26 -10.96 -14.59
C SER A 116 -6.76 -11.09 -13.16
N SER A 117 -6.69 -12.33 -12.67
CA SER A 117 -6.24 -12.60 -11.31
C SER A 117 -4.99 -13.47 -11.32
N ASN A 118 -3.86 -12.89 -10.92
CA ASN A 118 -2.60 -13.62 -10.88
C ASN A 118 -2.21 -13.93 -9.43
N VAL A 119 -1.85 -15.20 -9.19
CA VAL A 119 -1.44 -15.63 -7.86
C VAL A 119 -0.01 -16.13 -7.86
N LEU A 120 0.82 -15.56 -6.99
CA LEU A 120 2.23 -15.94 -6.89
C LEU A 120 2.61 -16.18 -5.43
N GLN A 121 3.18 -17.36 -5.17
CA GLN A 121 3.60 -17.71 -3.81
C GLN A 121 4.54 -18.91 -3.83
N ASN A 122 5.41 -18.99 -2.83
CA ASN A 122 6.36 -20.09 -2.73
C ASN A 122 6.42 -20.63 -1.31
N LYS A 123 7.10 -21.76 -1.14
CA LYS A 123 7.24 -22.39 0.18
C LYS A 123 8.67 -22.28 0.68
N THR A 124 8.83 -22.11 1.99
CA THR A 124 10.15 -22.00 2.59
C THR A 124 10.25 -22.86 3.86
N LEU A 125 11.40 -23.50 4.04
CA LEU A 125 11.62 -24.33 5.21
C LEU A 125 11.64 -23.51 6.49
#